data_7UOT
#
_entry.id   7UOT
#
_cell.length_a   1.00
_cell.length_b   1.00
_cell.length_c   1.00
_cell.angle_alpha   90.00
_cell.angle_beta   90.00
_cell.angle_gamma   90.00
#
_symmetry.space_group_name_H-M   'P 1'
#
loop_
_entity.id
_entity.type
_entity.pdbx_description
1 polymer 'Glycoprotein G1'
2 polymer 'Glycoprotein G2'
3 polymer '37.2D light chain (variable domain)'
4 polymer '37.2D heavy chain (variable domain)'
5 polymer '8.9F heavy chain (variable domain)'
6 polymer '8.9F light chain (variable domain)'
7 branched beta-D-mannopyranose-(1-4)-2-acetamido-2-deoxy-beta-D-glucopyranose-(1-4)-2-acetamido-2-deoxy-beta-D-glucopyranose
8 branched 2-acetamido-2-deoxy-beta-D-glucopyranose-(1-4)-2-acetamido-2-deoxy-beta-D-glucopyranose
9 branched beta-D-mannopyranose-(1-4)-2-acetamido-2-deoxy-beta-D-glucopyranose-(1-4)-[alpha-L-fucopyranose-(1-6)]2-acetamido-2-deoxy-beta-D-glucopyranose
10 branched alpha-D-mannopyranose-(1-3)-[alpha-D-mannopyranose-(1-6)]beta-D-mannopyranose-(1-4)-2-acetamido-2-deoxy-beta-D-glucopyranose-(1-4)-[alpha-L-fucopyranose-(1-6)]2-acetamido-2-deoxy-beta-D-glucopyranose
11 branched alpha-D-mannopyranose-(1-2)-alpha-D-mannopyranose-(1-3)-[alpha-D-mannopyranose-(1-6)]beta-D-mannopyranose-(1-4)-2-acetamido-2-deoxy-beta-D-glucopyranose-(1-4)-2-acetamido-2-deoxy-beta-D-glucopyranose
12 branched 2-acetamido-2-deoxy-beta-D-glucopyranose-(1-4)-[alpha-L-fucopyranose-(1-6)]2-acetamido-2-deoxy-beta-D-glucopyranose
13 branched alpha-D-mannopyranose-(1-6)-beta-D-mannopyranose-(1-4)-2-acetamido-2-deoxy-beta-D-glucopyranose-(1-4)-2-acetamido-2-deoxy-beta-D-glucopyranose
14 branched alpha-L-fucopyranose-(1-3)-[2-acetamido-2-deoxy-beta-D-glucopyranose-(1-4)]2-acetamido-2-deoxy-beta-D-glucopyranose
#
loop_
_entity_poly.entity_id
_entity_poly.type
_entity_poly.pdbx_seq_one_letter_code
_entity_poly.pdbx_strand_id
1 'polypeptide(L)'
;MGQIVTFFQEVPHVIEEVMNIVLIALSVLAVLKGLYNFATCGLVGLVTFLLLCGRSCTTSLYKGVYELQTLELNMETLNM
TMPLSCTKNNSHHYIMVGNETGLELTLTNTSIINHKFCNLSDAHKKNLYDHALMSIISTFHLSIPNFNQYEAMSCDFNGG
KISVQYNLSHSYAGDAANHCGTVANGVLQTFMRMAWGGSYIALDSGRGNWDCIMTSYQYLIIQNTTWEDHCQFSRPSPIG
YLGLLSQRTRDIYISRRLL
;
A,B,C
2 'polypeptide(L)'
;GTFTWTLSDSEGKDTPGGYCLTRWMLIEAELKCFGNTAVAKCNEKHDEEFCDMLRLFDFNKQAIQRLKAEAQTSIQLINK
AVNALINDQLIMKNHLRDIMGIPYCNYSKYWYLNHTTTGRTSLPKCWLVSNGSYLNETHFSDDIEQQADNMITEMLQKEY
MERQGKTPLGLVDLFVFSTSFYLISIFLHLVKIPTHRHIVGKSCPKPHRLNHMGICSCGLYKQPGVPVKWKR
;
a,b,c
3 'polypeptide(L)'
;ETTLTQSPATLSVSPGETATLSCRASQNVINNLAWYQQKPGQAPRLLIYGASTRATGIPARFSGSGSGTEFTLTISSMQS
EDFAVYYCQQYNDWPRSFGQGTRLD
;
T,P,R
4 'polypeptide(L)'
;EVQLVQSGAEVKKPGASVKVSCKASGYTFTKYGISWVRQAPGQGLEWMGWISAFNGYTRYGQRFQGKVTMTTDTSTNTAS
LEVRTLTSNDTAVYYCARQYPDQYSSSGWPRLFAMDVWGQGTTVTV
;
S,O,Q
5 'polypeptide(L)'
;QGTLRESGPGLVRPSETLSLTCGVSGYSISSGYYWGWIRQPPGKGLEWIGNIYRSGSTYYNPSLKSRVTVSIDTSKNQFS
LKLNSVTAADTAVYYCARSGIKVADDYYYEMDVWGQGTDDYSYAMDVWGQGTTVTV
;
H
6 'polypeptide(L)'
;QAVLTQPASVSGSPGQSITISCTAANSDIGDFAFVSWYQQRPDKAPKLMVYEVSSRPSGVSNRFSGSKSGNTASLTISGL
QAEDEADYYCTSYTSSSTFVFGTGTKVTV
;
L
#
# COMPACT_ATOMS: atom_id res chain seq x y z
N THR A 59 36.45 24.98 -17.04
CA THR A 59 35.49 24.72 -15.97
C THR A 59 34.11 25.25 -16.33
N SER A 60 33.16 25.07 -15.41
CA SER A 60 31.78 25.50 -15.65
C SER A 60 31.18 25.90 -14.30
N LEU A 61 31.21 27.19 -14.00
CA LEU A 61 30.59 27.73 -12.80
C LEU A 61 29.27 28.37 -13.18
N TYR A 62 28.19 27.94 -12.54
CA TYR A 62 26.86 28.45 -12.82
C TYR A 62 26.56 29.62 -11.90
N LYS A 63 26.15 30.74 -12.48
CA LYS A 63 25.97 32.01 -11.77
C LYS A 63 27.24 32.44 -11.06
N GLY A 64 28.40 32.09 -11.64
CA GLY A 64 29.68 32.56 -11.17
C GLY A 64 30.08 32.13 -9.78
N VAL A 65 29.21 31.40 -9.08
CA VAL A 65 29.49 31.02 -7.70
C VAL A 65 29.34 29.54 -7.43
N TYR A 66 28.55 28.79 -8.20
CA TYR A 66 28.28 27.38 -7.94
C TYR A 66 29.01 26.51 -8.94
N GLU A 67 29.49 25.36 -8.48
CA GLU A 67 30.21 24.41 -9.31
C GLU A 67 29.45 23.10 -9.37
N LEU A 68 29.25 22.57 -10.57
CA LEU A 68 28.58 21.30 -10.76
C LEU A 68 29.51 20.16 -10.36
N GLN A 69 29.03 19.28 -9.49
CA GLN A 69 29.80 18.15 -9.02
C GLN A 69 28.93 16.90 -9.07
N THR A 70 29.59 15.74 -9.13
CA THR A 70 28.91 14.47 -9.35
C THR A 70 29.30 13.48 -8.27
N LEU A 71 28.44 12.49 -8.07
CA LEU A 71 28.75 11.33 -7.25
C LEU A 71 28.10 10.11 -7.86
N GLU A 72 28.71 8.95 -7.62
CA GLU A 72 28.19 7.70 -8.13
C GLU A 72 28.05 6.72 -6.97
N LEU A 73 26.93 6.00 -6.94
CA LEU A 73 26.63 5.10 -5.84
C LEU A 73 27.21 3.73 -6.10
N ASN A 74 27.69 3.09 -5.03
CA ASN A 74 28.24 1.74 -5.09
C ASN A 74 27.19 0.81 -4.48
N MET A 75 26.23 0.38 -5.31
CA MET A 75 25.18 -0.50 -4.83
C MET A 75 25.70 -1.87 -4.43
N GLU A 76 26.90 -2.24 -4.84
CA GLU A 76 27.43 -3.56 -4.51
C GLU A 76 27.55 -3.77 -3.01
N THR A 77 27.64 -2.71 -2.23
CA THR A 77 27.71 -2.82 -0.77
C THR A 77 26.37 -3.12 -0.14
N LEU A 78 25.31 -3.24 -0.91
CA LEU A 78 24.02 -3.68 -0.41
C LEU A 78 23.83 -5.18 -0.54
N ASN A 79 24.89 -5.93 -0.86
CA ASN A 79 24.75 -7.34 -1.16
C ASN A 79 24.20 -8.13 0.02
N MET A 80 24.50 -7.71 1.24
CA MET A 80 24.06 -8.43 2.43
C MET A 80 22.56 -8.34 2.66
N THR A 81 21.89 -7.46 1.98
CA THR A 81 20.49 -7.17 2.29
C THR A 81 19.56 -7.34 1.10
N MET A 82 20.03 -7.03 -0.11
CA MET A 82 19.17 -6.99 -1.27
C MET A 82 19.75 -7.81 -2.41
N PRO A 83 18.91 -8.36 -3.26
CA PRO A 83 19.41 -8.92 -4.53
C PRO A 83 19.88 -7.81 -5.45
N LEU A 84 20.90 -8.12 -6.25
CA LEU A 84 21.45 -7.15 -7.19
C LEU A 84 21.44 -7.73 -8.59
N SER A 85 20.81 -7.01 -9.52
CA SER A 85 20.73 -7.44 -10.91
C SER A 85 21.87 -6.83 -11.71
N CYS A 86 22.33 -7.58 -12.71
CA CYS A 86 23.54 -7.21 -13.44
C CYS A 86 23.43 -7.76 -14.87
N THR A 87 24.20 -7.16 -15.77
CA THR A 87 24.19 -7.56 -17.17
C THR A 87 25.62 -7.65 -17.69
N LYS A 88 25.91 -8.70 -18.44
CA LYS A 88 27.23 -8.88 -19.03
C LYS A 88 27.27 -8.62 -20.53
N ASN A 89 26.37 -9.23 -21.29
CA ASN A 89 26.22 -8.90 -22.70
C ASN A 89 24.78 -9.17 -23.10
N ASN A 90 24.54 -9.28 -24.42
CA ASN A 90 23.16 -9.34 -24.91
C ASN A 90 22.39 -10.50 -24.31
N SER A 91 23.01 -11.67 -24.22
CA SER A 91 22.29 -12.86 -23.84
C SER A 91 22.34 -13.16 -22.35
N HIS A 92 23.34 -12.68 -21.62
CA HIS A 92 23.61 -13.12 -20.25
C HIS A 92 23.34 -12.00 -19.26
N HIS A 93 22.51 -12.31 -18.25
CA HIS A 93 22.21 -11.40 -17.16
C HIS A 93 22.19 -12.21 -15.87
N TYR A 94 22.32 -11.53 -14.73
CA TYR A 94 22.50 -12.22 -13.46
C TYR A 94 21.76 -11.50 -12.35
N ILE A 95 21.40 -12.25 -11.30
CA ILE A 95 20.78 -11.73 -10.10
C ILE A 95 21.47 -12.34 -8.88
N MET A 96 22.36 -11.60 -8.24
CA MET A 96 23.19 -12.14 -7.19
C MET A 96 22.61 -11.82 -5.81
N VAL A 97 22.66 -12.82 -4.92
CA VAL A 97 22.24 -12.68 -3.53
C VAL A 97 23.42 -13.09 -2.66
N GLY A 98 23.79 -12.23 -1.72
CA GLY A 98 24.97 -12.53 -0.92
C GLY A 98 26.23 -12.42 -1.77
N ASN A 99 27.31 -13.02 -1.29
CA ASN A 99 28.49 -13.14 -2.13
C ASN A 99 28.65 -14.55 -2.68
N GLU A 100 27.64 -15.41 -2.49
CA GLU A 100 27.77 -16.83 -2.77
C GLU A 100 26.99 -17.25 -4.00
N THR A 101 25.69 -16.99 -4.02
CA THR A 101 24.80 -17.57 -5.02
C THR A 101 24.09 -16.49 -5.82
N GLY A 102 23.47 -16.93 -6.90
CA GLY A 102 22.65 -16.05 -7.71
C GLY A 102 21.97 -16.85 -8.80
N LEU A 103 21.21 -16.13 -9.61
CA LEU A 103 20.50 -16.70 -10.74
C LEU A 103 21.09 -16.16 -12.03
N GLU A 104 21.11 -17.01 -13.06
CA GLU A 104 21.58 -16.67 -14.38
C GLU A 104 20.41 -16.69 -15.35
N LEU A 105 20.21 -15.58 -16.06
CA LEU A 105 19.16 -15.41 -17.04
C LEU A 105 19.81 -15.35 -18.43
N THR A 106 19.47 -16.28 -19.29
CA THR A 106 20.08 -16.35 -20.62
C THR A 106 19.01 -16.47 -21.69
N LEU A 107 19.24 -15.80 -22.81
CA LEU A 107 18.37 -15.86 -23.97
C LEU A 107 19.09 -16.64 -25.07
N THR A 108 18.51 -17.76 -25.50
CA THR A 108 19.19 -18.64 -26.44
C THR A 108 18.19 -19.30 -27.40
N ASN A 109 18.71 -19.76 -28.53
CA ASN A 109 18.05 -20.73 -29.39
C ASN A 109 18.10 -22.15 -28.85
N THR A 110 18.98 -22.46 -27.91
CA THR A 110 19.18 -23.84 -27.46
C THR A 110 18.47 -24.05 -26.13
N SER A 111 17.61 -25.06 -26.09
CA SER A 111 16.90 -25.41 -24.86
C SER A 111 17.70 -26.42 -24.05
N ILE A 112 17.55 -26.35 -22.74
CA ILE A 112 18.18 -27.29 -21.83
C ILE A 112 17.18 -28.27 -21.21
N ILE A 113 15.89 -28.00 -21.33
CA ILE A 113 14.85 -28.87 -20.80
C ILE A 113 13.95 -29.28 -21.95
N ASN A 114 13.74 -30.58 -22.12
CA ASN A 114 12.97 -31.11 -23.24
C ASN A 114 11.64 -31.71 -22.84
N HIS A 115 11.31 -31.75 -21.56
CA HIS A 115 10.05 -32.30 -21.08
C HIS A 115 9.11 -31.18 -20.67
N LYS A 116 7.82 -31.50 -20.66
CA LYS A 116 6.79 -30.52 -20.30
C LYS A 116 6.36 -30.72 -18.85
N PHE A 117 7.30 -30.49 -17.94
CA PHE A 117 7.10 -30.77 -16.52
C PHE A 117 7.51 -29.57 -15.68
N CYS A 118 6.89 -29.47 -14.51
CA CYS A 118 7.32 -28.51 -13.48
C CYS A 118 6.93 -29.11 -12.14
N ASN A 119 7.90 -29.76 -11.50
CA ASN A 119 7.67 -30.48 -10.25
C ASN A 119 7.72 -29.52 -9.06
N LEU A 120 6.88 -28.48 -9.08
CA LEU A 120 6.99 -27.46 -8.04
C LEU A 120 6.55 -27.97 -6.68
N SER A 121 5.41 -28.66 -6.62
CA SER A 121 4.95 -29.19 -5.35
C SER A 121 5.93 -30.21 -4.77
N ASP A 122 6.45 -31.09 -5.63
CA ASP A 122 7.46 -32.03 -5.18
C ASP A 122 8.74 -31.34 -4.76
N ALA A 123 9.08 -30.23 -5.42
CA ALA A 123 10.24 -29.45 -4.98
C ALA A 123 10.03 -28.89 -3.59
N HIS A 124 8.83 -28.41 -3.30
CA HIS A 124 8.54 -27.92 -1.95
C HIS A 124 8.60 -29.05 -0.94
N LYS A 125 8.15 -30.24 -1.31
CA LYS A 125 8.21 -31.38 -0.39
C LYS A 125 9.64 -31.72 -0.01
N LYS A 126 10.55 -31.73 -0.97
CA LYS A 126 11.97 -31.95 -0.71
C LYS A 126 12.63 -30.59 -0.53
N ASN A 127 12.62 -30.10 0.71
CA ASN A 127 13.07 -28.74 1.01
C ASN A 127 14.59 -28.69 0.89
N LEU A 128 15.06 -28.69 -0.36
CA LEU A 128 16.49 -28.69 -0.65
C LEU A 128 16.99 -27.43 -1.34
N TYR A 129 16.13 -26.64 -1.96
CA TYR A 129 16.58 -25.49 -2.69
C TYR A 129 16.96 -24.35 -1.74
N ASP A 130 17.55 -23.30 -2.31
CA ASP A 130 17.84 -22.11 -1.54
C ASP A 130 16.59 -21.25 -1.51
N HIS A 131 16.18 -20.83 -0.32
CA HIS A 131 14.90 -20.15 -0.17
C HIS A 131 14.90 -18.78 -0.82
N ALA A 132 16.04 -18.09 -0.83
CA ALA A 132 16.09 -16.78 -1.46
C ALA A 132 15.87 -16.89 -2.96
N LEU A 133 16.50 -17.87 -3.62
CA LEU A 133 16.34 -18.03 -5.05
C LEU A 133 14.92 -18.46 -5.40
N MET A 134 14.32 -19.34 -4.59
CA MET A 134 12.94 -19.71 -4.80
C MET A 134 12.01 -18.50 -4.67
N SER A 135 12.29 -17.66 -3.68
CA SER A 135 11.51 -16.43 -3.54
C SER A 135 11.65 -15.54 -4.77
N ILE A 136 12.86 -15.41 -5.29
CA ILE A 136 13.07 -14.54 -6.45
C ILE A 136 12.34 -15.08 -7.67
N ILE A 137 12.40 -16.39 -7.91
CA ILE A 137 11.71 -16.92 -9.09
C ILE A 137 10.20 -16.87 -8.91
N SER A 138 9.71 -17.01 -7.66
CA SER A 138 8.29 -16.84 -7.43
C SER A 138 7.84 -15.41 -7.72
N THR A 139 8.63 -14.43 -7.28
CA THR A 139 8.33 -13.04 -7.60
C THR A 139 8.35 -12.81 -9.10
N PHE A 140 9.31 -13.42 -9.81
CA PHE A 140 9.36 -13.26 -11.26
C PHE A 140 8.11 -13.83 -11.91
N HIS A 141 7.76 -15.08 -11.59
CA HIS A 141 6.65 -15.71 -12.29
C HIS A 141 5.33 -15.04 -11.96
N LEU A 142 5.14 -14.62 -10.72
CA LEU A 142 3.88 -14.00 -10.36
C LEU A 142 3.68 -12.65 -11.03
N SER A 143 4.74 -12.01 -11.48
CA SER A 143 4.65 -10.67 -12.07
C SER A 143 4.39 -10.68 -13.57
N ILE A 144 4.29 -11.86 -14.19
CA ILE A 144 3.99 -11.95 -15.61
C ILE A 144 2.53 -11.56 -15.85
N PRO A 145 2.26 -10.56 -16.68
CA PRO A 145 0.86 -10.19 -16.93
C PRO A 145 0.23 -11.10 -17.96
N ASN A 146 -0.96 -11.60 -17.64
CA ASN A 146 -1.76 -12.43 -18.56
C ASN A 146 -0.98 -13.66 -19.02
N PHE A 147 -0.63 -14.51 -18.06
CA PHE A 147 0.02 -15.78 -18.34
C PHE A 147 -1.04 -16.87 -18.30
N ASN A 148 -1.23 -17.57 -19.42
CA ASN A 148 -2.24 -18.61 -19.49
C ASN A 148 -1.79 -19.89 -20.15
N GLN A 149 -0.65 -19.92 -20.83
CA GLN A 149 -0.15 -21.12 -21.49
C GLN A 149 0.83 -21.79 -20.52
N TYR A 150 0.33 -22.75 -19.74
CA TYR A 150 1.19 -23.38 -18.75
C TYR A 150 2.30 -24.20 -19.40
N GLU A 151 2.05 -24.77 -20.57
CA GLU A 151 3.06 -25.59 -21.22
C GLU A 151 4.20 -24.78 -21.79
N ALA A 152 4.11 -23.45 -21.75
CA ALA A 152 5.22 -22.62 -22.20
C ALA A 152 6.35 -22.53 -21.19
N MET A 153 6.18 -23.10 -20.00
CA MET A 153 7.19 -23.05 -18.95
C MET A 153 7.52 -24.47 -18.50
N SER A 154 8.81 -24.80 -18.50
CA SER A 154 9.29 -26.07 -17.99
C SER A 154 10.23 -25.80 -16.82
N CYS A 155 10.38 -26.80 -15.96
CA CYS A 155 11.14 -26.63 -14.73
C CYS A 155 11.99 -27.86 -14.47
N ASP A 156 12.97 -27.70 -13.59
CA ASP A 156 13.80 -28.81 -13.12
C ASP A 156 14.39 -28.41 -11.78
N PHE A 157 14.07 -29.19 -10.74
CA PHE A 157 14.51 -28.92 -9.38
C PHE A 157 15.13 -30.17 -8.77
N ASN A 158 15.97 -30.87 -9.52
CA ASN A 158 16.53 -32.12 -9.07
C ASN A 158 17.70 -31.84 -8.14
N GLY A 159 17.62 -32.35 -6.91
CA GLY A 159 18.72 -32.22 -5.98
C GLY A 159 18.96 -30.84 -5.45
N GLY A 160 17.95 -29.98 -5.47
CA GLY A 160 18.11 -28.63 -4.98
C GLY A 160 18.41 -27.59 -6.04
N LYS A 161 18.56 -28.00 -7.30
CA LYS A 161 18.77 -27.06 -8.38
C LYS A 161 17.56 -26.14 -8.53
N ILE A 162 17.75 -25.07 -9.29
CA ILE A 162 16.67 -24.21 -9.72
C ILE A 162 16.88 -23.95 -11.21
N SER A 163 16.17 -24.69 -12.05
CA SER A 163 16.23 -24.52 -13.49
C SER A 163 14.83 -24.24 -14.00
N VAL A 164 14.67 -23.16 -14.75
CA VAL A 164 13.38 -22.78 -15.33
C VAL A 164 13.62 -22.38 -16.77
N GLN A 165 12.75 -22.83 -17.67
CA GLN A 165 12.88 -22.57 -19.09
C GLN A 165 11.56 -22.05 -19.62
N TYR A 166 11.64 -20.98 -20.43
CA TYR A 166 10.48 -20.35 -21.03
C TYR A 166 10.58 -20.42 -22.54
N ASN A 167 9.58 -21.03 -23.17
CA ASN A 167 9.42 -21.07 -24.62
C ASN A 167 8.91 -19.71 -25.10
N LEU A 168 9.75 -18.96 -25.79
CA LEU A 168 9.34 -17.67 -26.33
C LEU A 168 8.87 -17.76 -27.78
N SER A 169 8.79 -18.95 -28.34
CA SER A 169 8.34 -19.09 -29.72
C SER A 169 6.84 -19.35 -29.80
N CYS A 180 0.32 -7.60 -27.74
CA CYS A 180 0.14 -8.61 -28.77
C CYS A 180 -0.50 -9.85 -28.19
N GLY A 181 -0.60 -9.90 -26.86
CA GLY A 181 -1.26 -11.01 -26.21
C GLY A 181 -0.57 -12.35 -26.40
N THR A 182 0.76 -12.36 -26.37
CA THR A 182 1.53 -13.58 -26.46
C THR A 182 2.31 -13.79 -25.18
N VAL A 183 2.61 -15.05 -24.88
CA VAL A 183 3.38 -15.38 -23.69
C VAL A 183 4.78 -14.78 -23.79
N ALA A 184 5.35 -14.74 -25.00
CA ALA A 184 6.67 -14.16 -25.16
C ALA A 184 6.69 -12.70 -24.75
N ASN A 185 5.65 -11.94 -25.12
CA ASN A 185 5.61 -10.53 -24.78
C ASN A 185 5.57 -10.32 -23.27
N GLY A 186 4.72 -11.08 -22.57
CA GLY A 186 4.65 -10.92 -21.12
C GLY A 186 5.91 -11.34 -20.41
N VAL A 187 6.49 -12.47 -20.81
CA VAL A 187 7.73 -12.93 -20.20
C VAL A 187 8.84 -11.93 -20.44
N LEU A 188 8.92 -11.39 -21.66
CA LEU A 188 9.94 -10.39 -21.95
C LEU A 188 9.74 -9.12 -21.15
N GLN A 189 8.49 -8.69 -20.97
CA GLN A 189 8.26 -7.48 -20.17
C GLN A 189 8.70 -7.68 -18.73
N THR A 190 8.36 -8.83 -18.14
CA THR A 190 8.82 -9.11 -16.78
C THR A 190 10.34 -9.21 -16.73
N PHE A 191 10.94 -9.78 -17.77
CA PHE A 191 12.39 -9.90 -17.82
C PHE A 191 13.06 -8.52 -17.88
N MET A 192 12.53 -7.62 -18.70
CA MET A 192 13.07 -6.27 -18.78
C MET A 192 12.92 -5.55 -17.46
N ARG A 193 11.78 -5.72 -16.78
CA ARG A 193 11.61 -5.08 -15.48
C ARG A 193 12.59 -5.64 -14.46
N MET A 194 12.77 -6.96 -14.43
CA MET A 194 13.63 -7.56 -13.42
C MET A 194 15.10 -7.18 -13.62
N ALA A 195 15.61 -7.36 -14.83
CA ALA A 195 16.99 -6.97 -15.14
C ALA A 195 17.01 -5.58 -15.78
N TRP A 196 16.44 -4.63 -15.06
CA TRP A 196 16.27 -3.28 -15.57
C TRP A 196 17.58 -2.51 -15.50
N GLY A 197 17.95 -1.85 -16.59
CA GLY A 197 19.14 -1.03 -16.66
C GLY A 197 20.12 -1.50 -17.73
N GLY A 198 20.10 -2.77 -18.08
CA GLY A 198 21.01 -3.29 -19.07
C GLY A 198 20.37 -4.30 -20.01
N SER A 199 19.08 -4.54 -19.85
CA SER A 199 18.39 -5.53 -20.66
C SER A 199 17.90 -4.98 -21.99
N TYR A 200 17.89 -3.66 -22.18
CA TYR A 200 17.34 -3.07 -23.39
C TYR A 200 18.10 -3.50 -24.64
N ILE A 201 19.32 -4.01 -24.49
CA ILE A 201 20.07 -4.49 -25.65
C ILE A 201 19.44 -5.72 -26.26
N ALA A 202 18.58 -6.41 -25.52
CA ALA A 202 17.80 -7.51 -26.09
C ALA A 202 16.45 -7.06 -26.59
N LEU A 203 16.15 -5.75 -26.53
CA LEU A 203 14.85 -5.24 -26.91
C LEU A 203 14.59 -5.40 -28.40
N ASP A 204 15.63 -5.52 -29.22
CA ASP A 204 15.57 -5.70 -30.67
C ASP A 204 15.08 -4.44 -31.37
N SER A 205 14.96 -3.32 -30.65
CA SER A 205 14.61 -2.03 -31.22
C SER A 205 13.32 -2.10 -32.04
N GLY A 206 12.33 -2.81 -31.50
CA GLY A 206 11.06 -2.96 -32.19
C GLY A 206 9.89 -2.99 -31.23
N ARG A 207 8.88 -2.16 -31.50
CA ARG A 207 7.68 -2.06 -30.66
C ARG A 207 6.47 -2.13 -31.57
N GLY A 208 5.81 -3.29 -31.62
CA GLY A 208 4.66 -3.44 -32.50
C GLY A 208 3.43 -2.70 -32.02
N ASN A 209 3.30 -2.52 -30.71
CA ASN A 209 2.10 -1.95 -30.10
C ASN A 209 2.55 -1.02 -28.98
N TRP A 210 1.62 -0.70 -28.07
CA TRP A 210 1.93 0.08 -26.89
C TRP A 210 3.26 -0.34 -26.26
N ASP A 211 3.36 -1.59 -25.85
CA ASP A 211 4.62 -2.11 -25.35
C ASP A 211 4.86 -3.55 -25.77
N CYS A 212 4.38 -3.94 -26.94
CA CYS A 212 4.81 -5.22 -27.51
C CYS A 212 6.31 -5.16 -27.77
N ILE A 213 7.04 -6.11 -27.19
CA ILE A 213 8.46 -6.25 -27.41
C ILE A 213 8.73 -7.68 -27.85
N MET A 214 9.54 -7.84 -28.90
CA MET A 214 9.81 -9.14 -29.48
C MET A 214 11.31 -9.30 -29.63
N THR A 215 11.78 -10.54 -29.51
CA THR A 215 13.19 -10.84 -29.64
C THR A 215 13.37 -12.07 -30.52
N SER A 216 14.55 -12.17 -31.12
CA SER A 216 14.83 -13.31 -31.99
C SER A 216 14.95 -14.60 -31.18
N TYR A 217 15.53 -14.52 -29.99
CA TYR A 217 15.69 -15.71 -29.16
C TYR A 217 14.33 -16.32 -28.83
N GLN A 218 14.30 -17.65 -28.73
CA GLN A 218 13.06 -18.34 -28.40
C GLN A 218 13.15 -19.16 -27.13
N TYR A 219 14.18 -18.95 -26.32
CA TYR A 219 14.23 -19.57 -25.00
C TYR A 219 14.83 -18.61 -24.00
N LEU A 220 14.17 -18.49 -22.84
CA LEU A 220 14.73 -17.77 -21.69
C LEU A 220 14.95 -18.76 -20.56
N ILE A 221 16.19 -18.86 -20.09
CA ILE A 221 16.58 -19.89 -19.13
C ILE A 221 17.08 -19.22 -17.86
N ILE A 222 16.55 -19.65 -16.72
CA ILE A 222 16.92 -19.16 -15.41
C ILE A 222 17.50 -20.32 -14.62
N GLN A 223 18.79 -20.29 -14.38
CA GLN A 223 19.48 -21.32 -13.61
C GLN A 223 20.08 -20.70 -12.36
N ASN A 224 20.64 -21.53 -11.48
CA ASN A 224 21.43 -20.97 -10.41
C ASN A 224 22.88 -20.82 -10.87
N THR A 225 23.68 -20.18 -10.02
CA THR A 225 25.09 -19.95 -10.33
C THR A 225 25.79 -19.49 -9.07
N THR A 226 27.11 -19.67 -9.05
CA THR A 226 27.92 -19.12 -7.99
C THR A 226 28.31 -17.69 -8.31
N TRP A 227 28.53 -16.89 -7.27
CA TRP A 227 28.84 -15.48 -7.47
C TRP A 227 30.16 -15.32 -8.21
N GLU A 228 30.21 -14.32 -9.08
CA GLU A 228 31.40 -13.99 -9.85
C GLU A 228 31.18 -12.60 -10.44
N ASP A 229 32.28 -11.90 -10.70
CA ASP A 229 32.19 -10.57 -11.28
C ASP A 229 31.67 -10.67 -12.72
N HIS A 230 30.43 -10.26 -12.93
CA HIS A 230 29.77 -10.40 -14.22
C HIS A 230 29.28 -9.06 -14.77
N CYS A 231 29.64 -7.94 -14.14
CA CYS A 231 29.01 -6.66 -14.46
C CYS A 231 29.83 -5.88 -15.50
N GLN A 232 29.92 -6.45 -16.69
CA GLN A 232 30.68 -5.81 -17.76
C GLN A 232 29.87 -4.79 -18.55
N PHE A 233 28.55 -4.85 -18.50
CA PHE A 233 27.71 -3.95 -19.27
C PHE A 233 26.87 -3.00 -18.42
N SER A 234 26.47 -3.42 -17.22
CA SER A 234 25.71 -2.57 -16.33
C SER A 234 26.13 -2.83 -14.89
N ARG A 235 25.92 -1.84 -14.04
CA ARG A 235 26.29 -2.01 -12.64
C ARG A 235 25.21 -2.78 -11.89
N PRO A 236 25.59 -3.49 -10.82
CA PRO A 236 24.57 -4.16 -10.00
C PRO A 236 23.62 -3.14 -9.39
N SER A 237 22.35 -3.53 -9.30
CA SER A 237 21.34 -2.59 -8.82
C SER A 237 20.16 -3.36 -8.29
N PRO A 238 19.56 -2.94 -7.18
CA PRO A 238 18.36 -3.61 -6.67
C PRO A 238 17.04 -3.05 -7.19
N ILE A 239 17.07 -2.09 -8.11
CA ILE A 239 15.86 -1.37 -8.47
C ILE A 239 14.85 -2.27 -9.15
N GLY A 240 15.30 -3.15 -10.04
CA GLY A 240 14.37 -4.00 -10.76
C GLY A 240 13.60 -4.93 -9.84
N TYR A 241 14.32 -5.62 -8.95
CA TYR A 241 13.67 -6.54 -8.03
C TYR A 241 12.72 -5.79 -7.09
N LEU A 242 13.16 -4.66 -6.55
CA LEU A 242 12.30 -3.83 -5.72
C LEU A 242 11.16 -3.22 -6.51
N GLY A 243 11.20 -3.27 -7.83
CA GLY A 243 10.10 -2.83 -8.65
C GLY A 243 9.06 -3.91 -8.85
N LEU A 244 9.52 -5.12 -9.12
CA LEU A 244 8.57 -6.22 -9.29
C LEU A 244 7.87 -6.59 -8.00
N LEU A 245 8.36 -6.14 -6.85
CA LEU A 245 7.73 -6.50 -5.59
C LEU A 245 6.31 -5.95 -5.51
N SER A 246 6.12 -4.69 -5.91
CA SER A 246 4.79 -4.10 -5.87
C SER A 246 3.87 -4.74 -6.91
N GLN A 247 4.35 -4.84 -8.15
CA GLN A 247 3.57 -5.46 -9.22
C GLN A 247 3.88 -6.95 -9.21
N ARG A 248 3.33 -7.62 -8.20
CA ARG A 248 3.63 -9.03 -7.98
C ARG A 248 2.45 -9.94 -8.24
N THR A 249 1.24 -9.57 -7.81
CA THR A 249 0.06 -10.38 -8.08
C THR A 249 -0.97 -9.57 -8.85
N ARG A 250 -0.59 -8.37 -9.30
CA ARG A 250 -1.56 -7.42 -9.81
C ARG A 250 -2.22 -7.87 -11.10
N ASP A 251 -1.50 -8.61 -11.96
CA ASP A 251 -2.05 -9.02 -13.25
C ASP A 251 -1.93 -10.54 -13.37
N ILE A 252 -2.92 -11.25 -12.83
CA ILE A 252 -3.03 -12.69 -13.03
C ILE A 252 -4.48 -13.01 -13.37
N TYR A 253 -4.67 -14.10 -14.09
CA TYR A 253 -6.01 -14.57 -14.41
C TYR A 253 -6.51 -15.49 -13.30
N ILE A 254 -7.81 -15.69 -13.28
CA ILE A 254 -8.42 -16.65 -12.35
C ILE A 254 -8.48 -17.99 -13.05
N SER A 255 -7.94 -19.02 -12.40
CA SER A 255 -7.98 -20.36 -12.94
C SER A 255 -8.95 -21.29 -12.20
N ARG A 256 -9.45 -20.87 -11.05
CA ARG A 256 -10.45 -21.63 -10.31
C ARG A 256 -11.49 -20.66 -9.80
N ARG A 257 -12.71 -21.17 -9.60
CA ARG A 257 -13.77 -20.34 -9.05
C ARG A 257 -13.42 -19.89 -7.64
N LEU A 258 -12.90 -20.79 -6.83
CA LEU A 258 -12.64 -20.53 -5.41
C LEU A 258 -11.12 -20.62 -5.21
N LEU A 259 -10.47 -19.46 -5.25
CA LEU A 259 -9.02 -19.42 -5.14
C LEU A 259 -8.57 -19.70 -3.71
N GLY B 1 0.32 3.80 1.00
CA GLY B 1 1.26 3.99 2.10
C GLY B 1 2.25 5.08 1.79
N THR B 2 3.13 5.37 2.75
CA THR B 2 4.16 6.40 2.58
C THR B 2 5.35 6.02 3.43
N PHE B 3 6.55 6.28 2.92
CA PHE B 3 7.77 5.92 3.63
C PHE B 3 7.83 6.60 4.99
N THR B 4 8.40 5.90 5.96
CA THR B 4 8.52 6.42 7.31
C THR B 4 9.93 6.35 7.88
N TRP B 5 10.90 5.90 7.11
CA TRP B 5 12.28 5.83 7.61
C TRP B 5 12.86 7.24 7.70
N THR B 6 13.50 7.53 8.82
CA THR B 6 14.18 8.80 9.02
C THR B 6 15.68 8.57 9.09
N LEU B 7 16.43 9.42 8.40
CA LEU B 7 17.87 9.24 8.28
C LEU B 7 18.55 9.39 9.63
N SER B 8 19.54 8.54 9.87
CA SER B 8 20.31 8.58 11.11
C SER B 8 21.34 9.70 11.05
N ASP B 9 22.30 9.68 11.96
CA ASP B 9 23.36 10.69 11.96
C ASP B 9 24.70 10.05 12.27
N PRO B 16 25.56 18.67 11.77
CA PRO B 16 24.39 18.49 12.63
C PRO B 16 23.08 18.42 11.84
N GLY B 17 22.48 17.24 11.79
CA GLY B 17 21.25 17.04 11.04
C GLY B 17 21.45 16.68 9.59
N GLY B 18 22.68 16.71 9.08
CA GLY B 18 22.96 16.34 7.72
C GLY B 18 23.14 14.83 7.58
N TYR B 19 23.79 14.44 6.49
CA TYR B 19 24.06 13.03 6.28
C TYR B 19 25.34 12.89 5.49
N CYS B 20 26.18 11.93 5.88
CA CYS B 20 27.48 11.72 5.26
C CYS B 20 27.54 10.33 4.64
N LEU B 21 27.86 10.28 3.35
CA LEU B 21 28.10 9.03 2.65
C LEU B 21 29.58 8.71 2.74
N THR B 22 29.89 7.52 3.27
CA THR B 22 31.26 7.11 3.51
C THR B 22 31.93 6.66 2.23
N ARG B 23 33.18 6.22 2.34
CA ARG B 23 33.93 5.80 1.16
C ARG B 23 33.39 4.51 0.57
N TRP B 24 32.81 3.64 1.40
CA TRP B 24 32.23 2.41 0.89
C TRP B 24 30.95 2.65 0.12
N MET B 25 30.25 3.75 0.40
CA MET B 25 28.98 4.01 -0.27
C MET B 25 29.15 4.64 -1.63
N LEU B 26 30.36 4.97 -2.04
CA LEU B 26 30.61 5.70 -3.27
C LEU B 26 31.64 4.97 -4.11
N ILE B 27 31.64 5.27 -5.40
CA ILE B 27 32.57 4.68 -6.36
C ILE B 27 33.68 5.70 -6.59
N GLU B 28 34.92 5.30 -6.29
CA GLU B 28 36.10 6.13 -6.52
C GLU B 28 35.95 7.51 -5.90
N ALA B 29 35.66 7.52 -4.60
CA ALA B 29 35.45 8.77 -3.90
C ALA B 29 35.65 8.56 -2.41
N GLU B 30 35.65 9.66 -1.68
CA GLU B 30 35.83 9.68 -0.24
C GLU B 30 34.58 10.24 0.43
N LEU B 31 34.67 10.50 1.73
CA LEU B 31 33.53 10.98 2.50
C LEU B 31 32.89 12.21 1.86
N LYS B 32 31.57 12.17 1.71
CA LYS B 32 30.81 13.29 1.16
C LYS B 32 29.66 13.61 2.10
N CYS B 33 29.63 14.82 2.65
CA CYS B 33 28.65 15.21 3.64
C CYS B 33 27.71 16.27 3.08
N PHE B 34 26.42 16.10 3.36
CA PHE B 34 25.38 17.02 2.91
C PHE B 34 24.69 17.64 4.11
N GLY B 35 24.43 18.93 4.01
CA GLY B 35 23.97 19.71 5.14
C GLY B 35 22.56 19.39 5.57
N ASN B 36 22.16 20.04 6.66
CA ASN B 36 20.86 19.79 7.26
C ASN B 36 19.74 20.25 6.33
N THR B 37 19.91 21.41 5.68
CA THR B 37 18.84 21.97 4.87
C THR B 37 18.53 21.10 3.65
N ALA B 38 19.55 20.44 3.09
CA ALA B 38 19.29 19.56 1.96
C ALA B 38 18.62 18.27 2.40
N VAL B 39 19.06 17.69 3.52
CA VAL B 39 18.49 16.44 3.99
C VAL B 39 17.05 16.64 4.46
N ALA B 40 16.73 17.81 5.01
CA ALA B 40 15.37 18.05 5.51
C ALA B 40 14.33 17.92 4.41
N LYS B 41 14.72 18.17 3.16
CA LYS B 41 13.80 17.97 2.05
C LYS B 41 13.51 16.50 1.79
N CYS B 42 14.39 15.61 2.23
CA CYS B 42 14.19 14.19 2.01
C CYS B 42 13.06 13.63 2.87
N ASN B 43 12.63 14.36 3.90
CA ASN B 43 11.59 13.89 4.80
C ASN B 43 10.19 14.31 4.38
N GLU B 44 10.05 15.13 3.35
CA GLU B 44 8.73 15.62 2.98
C GLU B 44 8.43 15.40 1.50
N LYS B 45 9.46 15.39 0.66
CA LYS B 45 9.26 15.21 -0.76
C LYS B 45 8.91 13.77 -1.08
N HIS B 46 8.18 13.58 -2.18
CA HIS B 46 7.76 12.26 -2.62
C HIS B 46 8.36 11.84 -3.94
N ASP B 47 9.21 12.65 -4.56
CA ASP B 47 9.67 12.39 -5.92
C ASP B 47 11.16 12.64 -6.06
N GLU B 48 11.94 12.23 -5.07
CA GLU B 48 13.39 12.38 -5.10
C GLU B 48 14.02 10.99 -5.06
N GLU B 49 14.85 10.68 -6.06
CA GLU B 49 15.49 9.38 -6.10
C GLU B 49 16.65 9.29 -5.12
N PHE B 50 17.38 10.39 -4.95
CA PHE B 50 18.50 10.38 -4.02
C PHE B 50 18.05 10.12 -2.60
N CYS B 51 16.88 10.64 -2.23
CA CYS B 51 16.37 10.39 -0.89
C CYS B 51 16.08 8.91 -0.67
N ASP B 52 15.48 8.25 -1.66
CA ASP B 52 15.22 6.82 -1.54
C ASP B 52 16.52 6.03 -1.48
N MET B 53 17.51 6.41 -2.27
CA MET B 53 18.79 5.72 -2.20
C MET B 53 19.45 5.92 -0.84
N LEU B 54 19.37 7.13 -0.30
CA LEU B 54 19.91 7.39 1.03
C LEU B 54 19.22 6.52 2.07
N ARG B 55 17.90 6.40 1.98
CA ARG B 55 17.18 5.57 2.93
C ARG B 55 17.56 4.10 2.80
N LEU B 56 17.76 3.62 1.56
CA LEU B 56 18.20 2.24 1.37
C LEU B 56 19.57 2.01 1.99
N PHE B 57 20.50 2.93 1.74
CA PHE B 57 21.84 2.77 2.30
C PHE B 57 21.82 2.83 3.83
N ASP B 58 21.02 3.73 4.39
CA ASP B 58 20.93 3.82 5.84
C ASP B 58 20.32 2.56 6.44
N PHE B 59 19.28 2.02 5.81
CA PHE B 59 18.69 0.78 6.30
C PHE B 59 19.69 -0.36 6.25
N ASN B 60 20.46 -0.44 5.16
CA ASN B 60 21.48 -1.48 5.07
C ASN B 60 22.50 -1.32 6.18
N LYS B 61 22.97 -0.10 6.42
CA LYS B 61 23.96 0.13 7.47
C LYS B 61 23.43 -0.27 8.83
N GLN B 62 22.21 0.15 9.16
CA GLN B 62 21.65 -0.17 10.47
C GLN B 62 21.40 -1.65 10.64
N ALA B 63 20.93 -2.32 9.59
CA ALA B 63 20.70 -3.76 9.67
C ALA B 63 22.00 -4.51 9.87
N ILE B 64 23.07 -4.09 9.18
CA ILE B 64 24.36 -4.74 9.39
C ILE B 64 24.87 -4.50 10.81
N GLN B 65 24.73 -3.27 11.31
CA GLN B 65 25.27 -2.93 12.62
C GLN B 65 24.53 -3.69 13.73
N ARG B 66 23.21 -3.64 13.73
CA ARG B 66 22.45 -4.09 14.90
C ARG B 66 22.07 -5.56 14.81
N LEU B 67 21.52 -5.99 13.68
CA LEU B 67 21.14 -7.38 13.52
C LEU B 67 22.37 -8.23 13.25
N LYS B 68 22.27 -9.52 13.61
CA LYS B 68 23.36 -10.45 13.35
C LYS B 68 23.31 -10.93 11.91
N ALA B 69 24.20 -11.87 11.58
CA ALA B 69 24.26 -12.45 10.24
C ALA B 69 24.75 -13.88 10.35
N GLU B 70 24.46 -14.66 9.32
CA GLU B 70 24.88 -16.06 9.27
C GLU B 70 25.40 -16.37 7.88
N ALA B 71 25.60 -17.66 7.62
CA ALA B 71 26.25 -18.09 6.38
C ALA B 71 25.45 -17.67 5.15
N GLN B 72 24.16 -17.99 5.13
CA GLN B 72 23.32 -17.69 3.99
C GLN B 72 22.57 -16.39 4.21
N THR B 73 22.15 -15.78 3.11
CA THR B 73 21.48 -14.49 3.13
C THR B 73 19.98 -14.69 2.97
N SER B 74 19.20 -14.01 3.79
CA SER B 74 17.74 -14.05 3.72
C SER B 74 17.23 -12.68 3.29
N ILE B 75 16.31 -12.68 2.32
CA ILE B 75 15.75 -11.44 1.79
C ILE B 75 14.39 -11.14 2.39
N GLN B 76 13.99 -11.85 3.45
CA GLN B 76 12.71 -11.58 4.09
C GLN B 76 12.67 -10.17 4.66
N LEU B 77 13.78 -9.71 5.23
CA LEU B 77 13.80 -8.39 5.84
C LEU B 77 13.56 -7.30 4.80
N ILE B 78 14.25 -7.38 3.67
CA ILE B 78 14.05 -6.35 2.64
C ILE B 78 12.69 -6.48 2.00
N ASN B 79 12.16 -7.71 1.87
CA ASN B 79 10.82 -7.87 1.35
C ASN B 79 9.80 -7.21 2.28
N LYS B 80 10.02 -7.31 3.59
CA LYS B 80 9.10 -6.74 4.55
C LYS B 80 9.20 -5.21 4.60
N ALA B 81 10.41 -4.68 4.61
CA ALA B 81 10.63 -3.28 4.93
C ALA B 81 10.87 -2.40 3.71
N VAL B 82 10.60 -2.88 2.51
CA VAL B 82 10.90 -2.09 1.32
C VAL B 82 9.99 -0.88 1.23
N ASN B 83 8.70 -1.05 1.58
CA ASN B 83 7.73 0.02 1.38
C ASN B 83 7.90 1.16 2.36
N ALA B 84 8.65 0.95 3.45
CA ALA B 84 8.91 1.99 4.42
C ALA B 84 10.17 2.78 4.11
N LEU B 85 10.84 2.50 2.99
CA LEU B 85 12.07 3.19 2.63
C LEU B 85 11.94 3.96 1.33
N ILE B 86 11.36 3.37 0.30
CA ILE B 86 11.35 3.96 -1.03
C ILE B 86 9.91 4.16 -1.49
N ASN B 87 9.77 4.89 -2.60
CA ASN B 87 8.49 5.09 -3.27
C ASN B 87 8.55 4.30 -4.58
N ASP B 88 7.74 3.23 -4.67
CA ASP B 88 7.77 2.39 -5.85
C ASP B 88 7.25 3.13 -7.08
N GLN B 89 6.38 4.12 -6.88
CA GLN B 89 5.89 4.86 -8.03
C GLN B 89 6.97 5.71 -8.68
N LEU B 90 8.06 5.98 -7.97
CA LEU B 90 9.16 6.71 -8.58
C LEU B 90 9.89 5.86 -9.62
N ILE B 91 10.20 4.61 -9.26
CA ILE B 91 10.82 3.73 -10.23
C ILE B 91 9.83 3.37 -11.32
N MET B 92 8.53 3.34 -11.01
CA MET B 92 7.52 3.17 -12.06
C MET B 92 7.52 4.35 -13.02
N LYS B 93 7.66 5.57 -12.51
CA LYS B 93 7.74 6.74 -13.37
C LYS B 93 8.96 6.66 -14.28
N ASN B 94 10.09 6.24 -13.74
CA ASN B 94 11.28 6.11 -14.56
C ASN B 94 11.11 5.04 -15.63
N HIS B 95 10.45 3.93 -15.28
CA HIS B 95 10.15 2.90 -16.27
C HIS B 95 9.26 3.45 -17.39
N LEU B 96 8.24 4.21 -17.02
CA LEU B 96 7.36 4.80 -18.01
C LEU B 96 8.09 5.77 -18.93
N ARG B 97 8.97 6.61 -18.37
CA ARG B 97 9.75 7.52 -19.19
C ARG B 97 10.69 6.74 -20.11
N ASP B 98 11.21 5.61 -19.64
CA ASP B 98 12.02 4.75 -20.50
C ASP B 98 11.20 4.23 -21.67
N ILE B 99 9.97 3.79 -21.41
CA ILE B 99 9.14 3.25 -22.49
C ILE B 99 8.89 4.30 -23.56
N MET B 100 8.57 5.52 -23.16
CA MET B 100 8.19 6.56 -24.11
C MET B 100 9.37 7.20 -24.81
N GLY B 101 10.55 6.61 -24.75
CA GLY B 101 11.70 7.18 -25.44
C GLY B 101 12.16 8.52 -24.92
N ILE B 102 12.23 8.66 -23.60
CA ILE B 102 12.65 9.91 -22.96
C ILE B 102 13.81 9.58 -22.05
N PRO B 103 14.78 10.47 -21.85
CA PRO B 103 15.84 10.19 -20.88
C PRO B 103 15.26 9.92 -19.50
N TYR B 104 15.86 8.96 -18.80
CA TYR B 104 15.35 8.48 -17.53
C TYR B 104 16.50 8.31 -16.56
N CYS B 105 16.17 7.86 -15.35
CA CYS B 105 17.13 7.65 -14.27
C CYS B 105 17.29 6.17 -14.00
N ASN B 106 18.52 5.68 -13.99
CA ASN B 106 18.77 4.32 -13.54
C ASN B 106 19.50 4.28 -12.20
N TYR B 107 19.44 5.38 -11.44
CA TYR B 107 19.88 5.45 -10.05
C TYR B 107 21.39 5.24 -9.87
N SER B 108 22.17 5.37 -10.92
CA SER B 108 23.60 5.14 -10.76
C SER B 108 24.37 6.42 -10.46
N LYS B 109 24.09 7.51 -11.18
CA LYS B 109 24.87 8.74 -11.06
C LYS B 109 23.97 9.91 -10.69
N TYR B 110 24.54 10.85 -9.92
CA TYR B 110 23.81 12.03 -9.47
C TYR B 110 24.70 13.25 -9.60
N TRP B 111 24.06 14.42 -9.69
CA TRP B 111 24.77 15.69 -9.76
C TRP B 111 24.15 16.67 -8.77
N TYR B 112 24.98 17.59 -8.28
CA TYR B 112 24.54 18.61 -7.35
C TYR B 112 25.38 19.86 -7.57
N LEU B 113 25.04 20.92 -6.85
CA LEU B 113 25.73 22.20 -6.94
C LEU B 113 26.47 22.48 -5.65
N ASN B 114 27.72 22.90 -5.76
CA ASN B 114 28.56 23.28 -4.64
C ASN B 114 28.85 24.77 -4.67
N HIS B 115 28.61 25.44 -3.55
CA HIS B 115 29.08 26.81 -3.38
C HIS B 115 30.59 26.81 -3.20
N THR B 116 31.29 27.62 -4.00
CA THR B 116 32.74 27.57 -4.02
C THR B 116 33.34 27.96 -2.68
N THR B 117 32.80 28.99 -2.05
CA THR B 117 33.35 29.50 -0.80
C THR B 117 32.61 29.00 0.44
N THR B 118 31.29 29.13 0.46
CA THR B 118 30.52 28.73 1.64
C THR B 118 30.60 27.23 1.87
N GLY B 119 30.50 26.44 0.80
CA GLY B 119 30.49 25.00 0.93
C GLY B 119 29.11 24.38 1.06
N ARG B 120 28.06 25.18 1.12
CA ARG B 120 26.71 24.62 1.11
C ARG B 120 26.40 24.04 -0.26
N THR B 121 25.62 22.96 -0.25
CA THR B 121 25.26 22.26 -1.47
C THR B 121 23.75 22.12 -1.56
N SER B 122 23.30 21.60 -2.71
CA SER B 122 21.90 21.30 -2.93
C SER B 122 21.67 19.80 -2.85
N LEU B 123 20.41 19.41 -2.92
CA LEU B 123 20.07 18.00 -2.94
C LEU B 123 20.44 17.42 -4.30
N PRO B 124 21.29 16.40 -4.36
CA PRO B 124 21.69 15.86 -5.66
C PRO B 124 20.50 15.31 -6.44
N LYS B 125 20.54 15.52 -7.76
CA LYS B 125 19.51 15.03 -8.66
C LYS B 125 20.12 14.01 -9.61
N CYS B 126 19.27 13.13 -10.13
CA CYS B 126 19.77 12.01 -10.98
C CYS B 126 20.30 12.50 -12.32
N TRP B 127 21.42 11.91 -12.77
CA TRP B 127 21.96 12.24 -14.11
C TRP B 127 21.18 11.40 -15.12
N LEU B 128 20.47 12.03 -16.05
CA LEU B 128 19.59 11.27 -16.97
C LEU B 128 20.40 10.49 -18.00
N VAL B 129 19.92 9.31 -18.39
CA VAL B 129 20.61 8.46 -19.36
C VAL B 129 19.68 8.23 -20.55
N SER B 130 20.22 8.41 -21.75
CA SER B 130 19.47 8.24 -22.99
C SER B 130 20.31 7.43 -23.95
N ASN B 131 19.73 6.38 -24.53
CA ASN B 131 20.42 5.52 -25.48
C ASN B 131 21.67 4.93 -24.86
N GLY B 132 21.54 4.48 -23.62
CA GLY B 132 22.66 3.83 -22.95
C GLY B 132 23.84 4.73 -22.65
N SER B 133 23.70 6.03 -22.86
CA SER B 133 24.79 6.99 -22.56
C SER B 133 24.25 8.15 -21.73
N TYR B 134 25.05 8.65 -20.79
CA TYR B 134 24.61 9.78 -19.92
C TYR B 134 24.46 11.05 -20.76
N LEU B 135 23.43 11.84 -20.49
CA LEU B 135 23.19 13.11 -21.23
C LEU B 135 24.33 14.10 -20.96
N ASN B 136 24.69 14.90 -21.96
CA ASN B 136 25.73 15.94 -21.72
C ASN B 136 25.10 17.09 -20.93
N GLU B 137 25.91 17.87 -20.20
CA GLU B 137 25.37 18.97 -19.36
C GLU B 137 24.63 19.98 -20.22
N THR B 138 24.98 20.10 -21.50
CA THR B 138 24.33 21.09 -22.40
C THR B 138 22.85 20.76 -22.58
N HIS B 139 22.47 19.49 -22.36
CA HIS B 139 21.05 19.09 -22.62
C HIS B 139 20.22 19.17 -21.33
N PHE B 140 20.79 19.58 -20.21
CA PHE B 140 19.99 19.80 -18.98
C PHE B 140 20.50 21.05 -18.27
N SER B 141 21.04 22.01 -19.02
CA SER B 141 21.59 23.26 -18.44
C SER B 141 20.50 24.06 -17.74
N ASP B 142 19.26 23.98 -18.22
CA ASP B 142 18.16 24.74 -17.63
C ASP B 142 17.82 24.24 -16.24
N ASP B 143 17.85 22.93 -16.04
CA ASP B 143 17.62 22.37 -14.71
C ASP B 143 18.69 22.82 -13.72
N ILE B 144 19.95 22.83 -14.17
CA ILE B 144 21.04 23.29 -13.32
C ILE B 144 20.85 24.76 -12.95
N GLU B 145 20.47 25.58 -13.92
CA GLU B 145 20.24 26.99 -13.64
C GLU B 145 19.07 27.18 -12.68
N GLN B 146 18.02 26.36 -12.81
CA GLN B 146 16.91 26.48 -11.89
C GLN B 146 17.30 26.08 -10.47
N GLN B 147 18.13 25.04 -10.33
CA GLN B 147 18.63 24.70 -9.00
C GLN B 147 19.48 25.82 -8.42
N ALA B 148 20.30 26.46 -9.26
CA ALA B 148 21.08 27.60 -8.78
C ALA B 148 20.17 28.72 -8.32
N ASP B 149 19.12 29.01 -9.08
CA ASP B 149 18.17 30.05 -8.67
C ASP B 149 17.51 29.70 -7.34
N ASN B 150 17.14 28.43 -7.15
CA ASN B 150 16.54 28.02 -5.90
C ASN B 150 17.51 28.20 -4.73
N MET B 151 18.77 27.84 -4.93
CA MET B 151 19.74 28.03 -3.86
C MET B 151 19.92 29.51 -3.54
N ILE B 152 19.93 30.37 -4.55
CA ILE B 152 19.98 31.80 -4.30
C ILE B 152 18.77 32.25 -3.48
N THR B 153 17.59 31.76 -3.84
CA THR B 153 16.37 32.17 -3.14
C THR B 153 16.43 31.77 -1.66
N GLU B 154 16.80 30.52 -1.38
CA GLU B 154 16.92 30.13 0.02
C GLU B 154 18.13 30.76 0.72
N MET B 155 19.10 31.26 -0.02
CA MET B 155 20.20 31.99 0.61
C MET B 155 19.75 33.37 1.05
N LEU B 156 18.95 34.06 0.24
CA LEU B 156 18.42 35.35 0.63
C LEU B 156 17.37 35.27 1.73
N GLN B 157 16.93 34.08 2.10
CA GLN B 157 16.01 33.93 3.22
C GLN B 157 16.78 33.56 4.48
N THR C 2 26.78 -7.24 29.64
CA THR C 2 27.88 -7.83 28.87
C THR C 2 29.18 -7.70 29.63
N THR C 3 30.13 -8.57 29.31
CA THR C 3 31.45 -8.54 29.91
C THR C 3 32.50 -8.38 28.81
N LEU C 4 33.50 -7.55 29.07
CA LEU C 4 34.55 -7.30 28.10
C LEU C 4 35.92 -7.42 28.76
N THR C 5 36.88 -7.95 28.02
CA THR C 5 38.19 -8.26 28.55
C THR C 5 39.28 -7.64 27.68
N GLN C 6 40.43 -7.39 28.30
CA GLN C 6 41.60 -6.82 27.62
C GLN C 6 42.69 -7.88 27.60
N SER C 7 43.04 -8.34 26.39
CA SER C 7 43.96 -9.47 26.28
C SER C 7 45.39 -9.16 26.73
N PRO C 8 46.03 -8.07 26.30
CA PRO C 8 47.49 -7.97 26.53
C PRO C 8 47.87 -7.88 28.01
N ALA C 9 47.27 -6.94 28.74
CA ALA C 9 47.41 -6.81 30.19
C ALA C 9 48.80 -6.35 30.64
N THR C 10 49.72 -6.18 29.71
CA THR C 10 51.05 -5.65 30.03
C THR C 10 51.75 -5.30 28.72
N LEU C 11 52.23 -4.06 28.62
CA LEU C 11 52.86 -3.55 27.39
C LEU C 11 54.16 -2.86 27.71
N SER C 12 55.03 -3.51 28.48
CA SER C 12 56.33 -2.93 28.79
C SER C 12 57.06 -2.56 27.51
N VAL C 13 57.27 -1.26 27.31
CA VAL C 13 57.80 -0.75 26.05
C VAL C 13 58.55 0.54 26.35
N SER C 14 59.55 0.82 25.52
CA SER C 14 60.34 2.04 25.63
C SER C 14 59.59 3.22 25.02
N PRO C 15 59.90 4.44 25.47
CA PRO C 15 59.26 5.62 24.85
C PRO C 15 59.68 5.80 23.40
N GLY C 16 58.76 6.36 22.62
CA GLY C 16 59.05 6.69 21.24
C GLY C 16 58.25 5.91 20.22
N GLU C 17 58.04 4.62 20.46
CA GLU C 17 57.38 3.75 19.51
C GLU C 17 55.91 3.55 19.88
N THR C 18 55.14 3.07 18.90
CA THR C 18 53.71 2.94 19.05
C THR C 18 53.36 1.80 20.01
N ALA C 19 52.17 1.91 20.61
CA ALA C 19 51.63 0.89 21.49
C ALA C 19 50.20 0.58 21.06
N THR C 20 49.85 -0.70 21.10
CA THR C 20 48.55 -1.19 20.63
C THR C 20 47.84 -1.92 21.76
N LEU C 21 46.59 -1.58 22.00
CA LEU C 21 45.78 -2.12 23.08
C LEU C 21 44.49 -2.67 22.50
N SER C 22 44.04 -3.81 22.99
CA SER C 22 42.92 -4.53 22.40
C SER C 22 41.82 -4.74 23.44
N CYS C 23 40.57 -4.64 22.98
CA CYS C 23 39.39 -4.87 23.81
C CYS C 23 38.41 -5.76 23.05
N ARG C 24 37.82 -6.71 23.75
CA ARG C 24 36.85 -7.63 23.15
C ARG C 24 35.63 -7.72 24.04
N ALA C 25 34.45 -7.58 23.46
CA ALA C 25 33.19 -7.59 24.20
C ALA C 25 32.48 -8.93 24.06
N SER C 26 31.63 -9.22 25.03
CA SER C 26 30.86 -10.46 24.99
C SER C 26 29.85 -10.46 23.86
N GLN C 27 29.07 -9.38 23.75
CA GLN C 27 28.06 -9.25 22.71
C GLN C 27 28.36 -8.01 21.87
N ASN C 28 27.44 -7.69 20.97
CA ASN C 28 27.64 -6.57 20.07
C ASN C 28 27.48 -5.24 20.80
N VAL C 29 28.45 -4.36 20.60
CA VAL C 29 28.41 -3.00 21.15
C VAL C 29 28.79 -2.08 19.99
N ILE C 30 27.78 -1.58 19.29
CA ILE C 30 28.03 -0.80 18.09
C ILE C 30 28.62 0.55 18.50
N ASN C 31 29.91 0.75 18.18
CA ASN C 31 30.69 1.98 18.36
C ASN C 31 30.31 2.72 19.63
N ASN C 32 30.09 1.99 20.72
CA ASN C 32 29.68 2.57 21.98
C ASN C 32 30.70 2.25 23.05
N LEU C 33 31.97 2.40 22.71
CA LEU C 33 33.06 2.12 23.63
C LEU C 33 33.66 3.42 24.15
N ALA C 34 34.47 3.28 25.19
CA ALA C 34 35.15 4.42 25.79
C ALA C 34 36.46 3.93 26.39
N TRP C 35 37.54 4.66 26.11
CA TRP C 35 38.86 4.39 26.65
C TRP C 35 39.19 5.47 27.67
N TYR C 36 39.47 5.04 28.90
CA TYR C 36 39.89 5.93 29.98
C TYR C 36 41.34 5.66 30.34
N GLN C 37 42.03 6.72 30.75
CA GLN C 37 43.41 6.64 31.20
C GLN C 37 43.48 7.04 32.67
N GLN C 38 44.16 6.24 33.48
CA GLN C 38 44.31 6.51 34.90
C GLN C 38 45.79 6.46 35.24
N LYS C 39 46.39 7.61 35.48
CA LYS C 39 47.71 7.66 36.07
C LYS C 39 47.64 7.24 37.53
N PRO C 40 48.71 6.70 38.09
CA PRO C 40 48.62 6.22 39.48
C PRO C 40 48.41 7.37 40.44
N GLY C 41 47.49 7.16 41.39
CA GLY C 41 47.16 8.18 42.36
C GLY C 41 46.23 9.27 41.86
N GLN C 42 45.64 9.11 40.68
CA GLN C 42 44.74 10.11 40.12
C GLN C 42 43.46 9.45 39.64
N ALA C 43 42.42 10.26 39.50
CA ALA C 43 41.15 9.76 39.01
C ALA C 43 41.22 9.51 37.51
N PRO C 44 40.49 8.50 37.01
CA PRO C 44 40.48 8.25 35.57
C PRO C 44 39.92 9.43 34.81
N ARG C 45 40.40 9.62 33.58
CA ARG C 45 39.92 10.66 32.70
C ARG C 45 39.57 10.06 31.35
N LEU C 46 38.61 10.67 30.67
CA LEU C 46 38.09 10.13 29.43
C LEU C 46 39.02 10.47 28.27
N LEU C 47 39.62 9.44 27.67
CA LEU C 47 40.43 9.62 26.47
C LEU C 47 39.57 9.59 25.22
N ILE C 48 38.90 8.47 24.98
CA ILE C 48 38.17 8.24 23.73
C ILE C 48 36.73 7.91 24.07
N TYR C 49 35.80 8.63 23.46
CA TYR C 49 34.38 8.30 23.54
C TYR C 49 33.87 7.96 22.15
N GLY C 50 32.88 7.09 22.09
CA GLY C 50 32.54 6.50 20.82
C GLY C 50 33.61 5.48 20.47
N ALA C 51 33.54 5.00 19.23
CA ALA C 51 34.57 4.08 18.77
C ALA C 51 35.90 4.80 18.58
N SER C 52 35.88 5.96 17.93
CA SER C 52 37.10 6.61 17.52
C SER C 52 37.13 8.12 17.74
N THR C 53 36.09 8.71 18.32
CA THR C 53 36.09 10.14 18.57
C THR C 53 36.96 10.45 19.78
N ARG C 54 37.75 11.52 19.66
CA ARG C 54 38.71 11.89 20.69
C ARG C 54 38.12 12.98 21.58
N ALA C 55 38.30 12.82 22.89
CA ALA C 55 37.80 13.80 23.82
C ALA C 55 38.56 15.11 23.69
N THR C 56 37.96 16.19 24.20
CA THR C 56 38.59 17.49 24.13
C THR C 56 39.83 17.54 25.01
N GLY C 57 40.88 18.16 24.49
CA GLY C 57 42.13 18.27 25.22
C GLY C 57 43.02 17.05 25.17
N ILE C 58 42.65 16.03 24.40
CA ILE C 58 43.46 14.83 24.28
C ILE C 58 44.42 14.99 23.11
N PRO C 59 45.71 14.71 23.28
CA PRO C 59 46.65 14.85 22.17
C PRO C 59 46.34 13.87 21.05
N ALA C 60 46.73 14.27 19.83
CA ALA C 60 46.40 13.50 18.63
C ALA C 60 47.13 12.17 18.56
N ARG C 61 48.12 11.92 19.44
CA ARG C 61 48.84 10.66 19.38
C ARG C 61 48.00 9.47 19.83
N PHE C 62 46.82 9.71 20.40
CA PHE C 62 45.89 8.65 20.75
C PHE C 62 44.87 8.48 19.64
N SER C 63 44.65 7.24 19.22
CA SER C 63 43.64 6.95 18.21
C SER C 63 42.87 5.71 18.60
N GLY C 64 41.58 5.71 18.31
CA GLY C 64 40.73 4.55 18.55
C GLY C 64 40.18 4.02 17.24
N SER C 65 39.85 2.73 17.23
CA SER C 65 39.28 2.13 16.03
C SER C 65 38.55 0.86 16.41
N GLY C 66 37.70 0.40 15.50
CA GLY C 66 36.98 -0.84 15.67
C GLY C 66 35.51 -0.59 15.98
N SER C 67 34.71 -1.62 15.73
CA SER C 67 33.29 -1.60 16.03
C SER C 67 32.80 -3.03 16.15
N GLY C 68 31.62 -3.18 16.74
CA GLY C 68 31.06 -4.50 16.90
C GLY C 68 31.52 -5.19 18.18
N THR C 69 32.57 -5.99 18.08
CA THR C 69 33.10 -6.72 19.23
C THR C 69 34.56 -6.43 19.50
N GLU C 70 35.38 -6.30 18.46
CA GLU C 70 36.82 -6.07 18.63
C GLU C 70 37.12 -4.58 18.46
N PHE C 71 37.88 -4.03 19.41
CA PHE C 71 38.26 -2.62 19.37
C PHE C 71 39.74 -2.50 19.70
N THR C 72 40.35 -1.42 19.19
CA THR C 72 41.78 -1.22 19.33
C THR C 72 42.07 0.25 19.62
N LEU C 73 43.10 0.47 20.43
CA LEU C 73 43.60 1.80 20.75
C LEU C 73 45.09 1.85 20.47
N THR C 74 45.53 2.89 19.76
CA THR C 74 46.93 2.99 19.35
C THR C 74 47.51 4.34 19.78
N ILE C 75 48.73 4.28 20.30
CA ILE C 75 49.48 5.47 20.67
C ILE C 75 50.72 5.54 19.77
N SER C 76 50.86 6.62 19.02
CA SER C 76 51.91 6.71 18.02
C SER C 76 53.25 7.10 18.65
N SER C 77 53.33 8.29 19.22
CA SER C 77 54.57 8.81 19.79
C SER C 77 54.48 8.68 21.30
N MET C 78 54.91 7.53 21.81
CA MET C 78 54.86 7.27 23.25
C MET C 78 55.75 8.25 23.99
N GLN C 79 55.32 8.63 25.19
CA GLN C 79 56.07 9.57 26.02
C GLN C 79 56.07 9.07 27.46
N SER C 80 56.70 9.86 28.34
CA SER C 80 56.89 9.42 29.72
C SER C 80 55.61 9.49 30.54
N GLU C 81 54.72 10.44 30.23
CA GLU C 81 53.49 10.58 31.00
C GLU C 81 52.42 9.60 30.57
N ASP C 82 52.62 8.86 29.48
CA ASP C 82 51.63 7.92 28.97
C ASP C 82 51.70 6.56 29.66
N PHE C 83 52.62 6.36 30.59
CA PHE C 83 52.75 5.09 31.30
C PHE C 83 51.72 5.05 32.42
N ALA C 84 50.47 4.81 32.03
CA ALA C 84 49.34 4.76 32.96
C ALA C 84 48.52 3.52 32.68
N VAL C 85 47.51 3.30 33.50
CA VAL C 85 46.60 2.17 33.31
C VAL C 85 45.50 2.61 32.35
N TYR C 86 45.03 1.68 31.53
CA TYR C 86 44.02 1.99 30.53
C TYR C 86 42.82 1.07 30.68
N TYR C 87 41.62 1.65 30.58
CA TYR C 87 40.39 0.96 30.87
C TYR C 87 39.41 1.09 29.71
N CYS C 88 38.65 0.02 29.49
CA CYS C 88 37.73 -0.11 28.38
C CYS C 88 36.32 -0.24 28.93
N GLN C 89 35.41 0.63 28.49
CA GLN C 89 34.03 0.62 28.97
C GLN C 89 33.06 0.57 27.81
N GLN C 90 32.01 -0.21 27.96
CA GLN C 90 30.89 -0.19 27.02
C GLN C 90 29.73 0.56 27.65
N TYR C 91 29.05 1.38 26.85
CA TYR C 91 27.85 2.05 27.31
C TYR C 91 26.70 1.82 26.35
N ASN C 92 26.62 0.61 25.80
CA ASN C 92 25.51 0.26 24.93
C ASN C 92 24.28 -0.20 25.69
N ASP C 93 24.45 -0.68 26.92
CA ASP C 93 23.32 -1.19 27.69
C ASP C 93 23.69 -1.18 29.17
N TRP C 94 22.69 -1.31 29.99
CA TRP C 94 22.89 -1.36 31.43
C TRP C 94 22.94 -2.80 31.91
N PRO C 95 23.74 -3.10 32.95
CA PRO C 95 24.62 -2.16 33.65
C PRO C 95 25.90 -1.90 32.88
N ARG C 96 26.54 -0.76 33.17
CA ARG C 96 27.80 -0.43 32.52
C ARG C 96 28.87 -1.43 32.94
N SER C 97 29.78 -1.70 32.01
CA SER C 97 30.82 -2.69 32.22
C SER C 97 32.19 -2.07 31.98
N PHE C 98 33.18 -2.56 32.73
CA PHE C 98 34.55 -2.07 32.65
C PHE C 98 35.49 -3.23 32.36
N GLY C 99 36.58 -2.93 31.65
CA GLY C 99 37.60 -3.92 31.43
C GLY C 99 38.47 -4.15 32.64
N GLN C 100 39.16 -5.28 32.64
CA GLN C 100 40.03 -5.61 33.76
C GLN C 100 41.26 -4.70 33.82
N GLY C 101 41.54 -3.98 32.74
CA GLY C 101 42.63 -3.02 32.77
C GLY C 101 43.95 -3.62 32.33
N THR C 102 44.78 -2.78 31.74
CA THR C 102 46.13 -3.15 31.33
C THR C 102 47.09 -2.04 31.74
N ARG C 103 48.26 -2.43 32.24
CA ARG C 103 49.25 -1.48 32.73
C ARG C 103 50.35 -1.34 31.68
N LEU C 104 50.39 -0.18 31.04
CA LEU C 104 51.39 0.11 30.02
C LEU C 104 52.65 0.61 30.71
N ASP C 105 53.63 -0.28 30.86
CA ASP C 105 54.85 0.04 31.58
C ASP C 105 56.01 -0.06 30.61
N VAL D 2 34.04 23.25 36.48
CA VAL D 2 33.35 22.12 35.86
C VAL D 2 33.60 20.87 36.69
N GLN D 3 34.57 20.96 37.60
CA GLN D 3 35.01 19.80 38.36
C GLN D 3 33.97 19.41 39.41
N LEU D 4 34.19 18.24 40.00
CA LEU D 4 33.38 17.73 41.10
C LEU D 4 34.32 17.39 42.26
N VAL D 5 33.97 17.81 43.46
CA VAL D 5 34.81 17.62 44.64
C VAL D 5 34.09 16.67 45.58
N GLN D 6 34.73 15.56 45.91
CA GLN D 6 34.10 14.46 46.65
C GLN D 6 34.52 14.52 48.12
N SER D 7 33.88 15.42 48.87
CA SER D 7 33.98 15.47 50.32
C SER D 7 35.40 15.30 50.85
N GLY D 8 35.60 14.29 51.70
CA GLY D 8 36.91 13.99 52.24
C GLY D 8 37.01 12.53 52.63
N ALA D 9 38.22 12.12 52.94
CA ALA D 9 38.48 10.72 53.28
C ALA D 9 37.77 10.35 54.58
N GLU D 10 37.27 9.11 54.63
CA GLU D 10 36.54 8.62 55.79
C GLU D 10 37.05 7.22 56.15
N VAL D 11 37.18 6.99 57.45
CA VAL D 11 37.50 5.66 57.99
C VAL D 11 36.57 5.40 59.17
N LYS D 12 36.04 4.18 59.24
CA LYS D 12 35.09 3.88 60.30
C LYS D 12 35.00 2.37 60.48
N LYS D 13 34.50 1.98 61.65
CA LYS D 13 34.42 0.58 62.03
C LYS D 13 33.39 -0.15 61.15
N PRO D 14 33.69 -1.37 60.71
CA PRO D 14 32.77 -2.08 59.83
C PRO D 14 31.42 -2.32 60.46
N GLY D 15 30.38 -2.30 59.63
CA GLY D 15 29.01 -2.49 60.05
C GLY D 15 28.19 -1.21 60.05
N ALA D 16 28.82 -0.05 59.98
CA ALA D 16 28.13 1.22 59.99
C ALA D 16 27.87 1.69 58.55
N SER D 17 27.31 2.89 58.42
CA SER D 17 26.93 3.44 57.13
C SER D 17 27.87 4.57 56.74
N VAL D 18 28.27 4.58 55.48
CA VAL D 18 29.13 5.63 54.93
C VAL D 18 28.29 6.56 54.09
N LYS D 19 28.53 7.86 54.22
CA LYS D 19 27.72 8.89 53.59
C LYS D 19 28.67 9.84 52.85
N VAL D 20 28.97 9.51 51.60
CA VAL D 20 29.92 10.28 50.80
C VAL D 20 29.13 11.18 49.86
N SER D 21 29.71 12.31 49.49
CA SER D 21 28.98 13.27 48.65
C SER D 21 29.97 14.03 47.78
N CYS D 22 29.45 14.56 46.68
CA CYS D 22 30.22 15.46 45.83
C CYS D 22 29.31 16.57 45.32
N LYS D 23 29.83 17.79 45.38
CA LYS D 23 29.13 18.97 44.89
C LYS D 23 29.62 19.31 43.49
N ALA D 24 28.68 19.47 42.57
CA ALA D 24 29.00 19.75 41.18
C ALA D 24 28.86 21.24 40.91
N SER D 25 29.89 21.82 40.31
CA SER D 25 29.93 23.25 40.01
C SER D 25 30.49 23.46 38.62
N GLY D 26 30.12 24.58 38.02
CA GLY D 26 30.62 24.94 36.71
C GLY D 26 29.70 24.59 35.55
N TYR D 27 28.54 24.00 35.82
CA TYR D 27 27.62 23.62 34.76
C TYR D 27 26.22 23.52 35.36
N THR D 28 25.22 23.47 34.48
CA THR D 28 23.84 23.30 34.89
C THR D 28 23.67 21.92 35.51
N PHE D 29 23.49 21.88 36.84
CA PHE D 29 23.49 20.61 37.54
C PHE D 29 22.33 19.72 37.10
N THR D 30 21.19 20.32 36.78
CA THR D 30 19.99 19.54 36.50
C THR D 30 20.12 18.75 35.20
N LYS D 31 20.94 19.22 34.26
CA LYS D 31 21.00 18.60 32.94
C LYS D 31 21.58 17.19 33.00
N TYR D 32 22.63 16.99 33.79
CA TYR D 32 23.41 15.76 33.76
C TYR D 32 23.16 14.94 35.03
N GLY D 33 23.19 13.61 34.89
CA GLY D 33 23.18 12.73 36.03
C GLY D 33 24.57 12.40 36.51
N ILE D 34 24.63 11.65 37.60
CA ILE D 34 25.88 11.30 38.26
C ILE D 34 25.95 9.78 38.36
N SER D 35 27.09 9.21 37.97
CA SER D 35 27.32 7.78 38.06
C SER D 35 28.44 7.52 39.07
N TRP D 36 28.31 6.44 39.83
CA TRP D 36 29.23 6.13 40.90
C TRP D 36 30.06 4.91 40.53
N VAL D 37 31.38 5.01 40.69
CA VAL D 37 32.31 3.96 40.33
C VAL D 37 33.20 3.66 41.53
N ARG D 38 33.36 2.39 41.84
CA ARG D 38 34.17 1.95 42.97
C ARG D 38 35.39 1.21 42.46
N GLN D 39 36.56 1.55 43.00
CA GLN D 39 37.81 0.84 42.68
C GLN D 39 38.40 0.32 43.97
N ALA D 40 38.40 -1.00 44.14
CA ALA D 40 39.04 -1.63 45.27
C ALA D 40 40.55 -1.52 45.12
N PRO D 41 41.29 -1.56 46.23
CA PRO D 41 42.76 -1.42 46.14
C PRO D 41 43.37 -2.57 45.35
N GLY D 42 43.98 -2.23 44.23
CA GLY D 42 44.63 -3.21 43.38
C GLY D 42 43.80 -3.62 42.18
N GLN D 43 42.50 -3.81 42.38
CA GLN D 43 41.63 -4.25 41.31
C GLN D 43 41.23 -3.08 40.41
N GLY D 44 40.42 -3.36 39.41
CA GLY D 44 39.99 -2.35 38.46
C GLY D 44 38.68 -1.70 38.85
N LEU D 45 38.24 -0.78 37.99
CA LEU D 45 37.02 -0.02 38.24
C LEU D 45 35.81 -0.93 38.23
N GLU D 46 34.76 -0.51 38.94
CA GLU D 46 33.53 -1.29 38.99
C GLU D 46 32.35 -0.36 39.20
N TRP D 47 31.31 -0.55 38.42
CA TRP D 47 30.16 0.36 38.38
C TRP D 47 29.23 0.11 39.55
N MET D 48 28.63 1.19 40.05
CA MET D 48 27.69 1.14 41.16
C MET D 48 26.27 1.49 40.73
N GLY D 49 26.07 2.64 40.12
CA GLY D 49 24.75 3.04 39.68
C GLY D 49 24.76 4.48 39.20
N TRP D 50 23.68 4.83 38.51
CA TRP D 50 23.55 6.16 37.90
C TRP D 50 22.24 6.80 38.35
N ILE D 51 22.31 8.04 38.82
CA ILE D 51 21.13 8.77 39.27
C ILE D 51 21.00 10.04 38.46
N SER D 52 19.81 10.28 37.91
CA SER D 52 19.55 11.50 37.17
C SER D 52 19.28 12.65 38.12
N ALA D 53 19.85 13.82 37.80
CA ALA D 53 19.63 15.01 38.60
C ALA D 53 18.38 15.76 38.18
N PHE D 54 17.76 15.41 37.06
CA PHE D 54 16.57 16.11 36.61
C PHE D 54 15.37 15.78 37.47
N ASN D 55 15.17 14.49 37.78
CA ASN D 55 14.06 14.09 38.63
C ASN D 55 14.42 13.04 39.68
N GLY D 56 15.62 12.49 39.69
CA GLY D 56 15.99 11.49 40.67
C GLY D 56 15.82 10.06 40.22
N TYR D 57 15.60 9.80 38.94
CA TYR D 57 15.51 8.44 38.45
C TYR D 57 16.85 7.73 38.66
N THR D 58 16.80 6.51 39.17
CA THR D 58 17.99 5.76 39.53
C THR D 58 18.04 4.43 38.81
N ARG D 59 19.23 4.08 38.32
CA ARG D 59 19.51 2.80 37.71
C ARG D 59 20.63 2.15 38.53
N TYR D 60 20.28 1.14 39.30
CA TYR D 60 21.21 0.51 40.24
C TYR D 60 21.96 -0.63 39.56
N GLY D 61 23.15 -0.92 40.08
CA GLY D 61 23.85 -2.11 39.68
C GLY D 61 23.14 -3.36 40.16
N GLN D 62 23.47 -4.48 39.51
CA GLN D 62 22.80 -5.74 39.84
C GLN D 62 23.05 -6.16 41.27
N ARG D 63 24.30 -6.07 41.73
CA ARG D 63 24.68 -6.55 43.05
C ARG D 63 24.64 -5.47 44.12
N PHE D 64 24.39 -4.22 43.76
CA PHE D 64 24.36 -3.13 44.71
C PHE D 64 22.95 -2.71 45.08
N GLN D 65 21.93 -3.45 44.65
CA GLN D 65 20.56 -3.10 44.95
C GLN D 65 20.28 -3.31 46.44
N GLY D 66 19.69 -2.32 47.08
CA GLY D 66 19.37 -2.42 48.49
C GLY D 66 20.54 -2.10 49.40
N LYS D 67 21.75 -2.46 48.97
CA LYS D 67 22.93 -2.23 49.79
C LYS D 67 23.33 -0.77 49.79
N VAL D 68 23.11 -0.05 48.69
CA VAL D 68 23.55 1.32 48.56
C VAL D 68 22.39 2.16 48.01
N THR D 69 22.43 3.46 48.30
CA THR D 69 21.42 4.39 47.81
C THR D 69 22.08 5.66 47.31
N MET D 70 21.47 6.27 46.30
CA MET D 70 21.93 7.54 45.76
C MET D 70 20.83 8.58 45.89
N THR D 71 21.21 9.81 46.22
CA THR D 71 20.28 10.92 46.32
C THR D 71 20.89 12.14 45.65
N THR D 72 20.03 13.09 45.27
CA THR D 72 20.47 14.36 44.73
C THR D 72 19.81 15.50 45.51
N ASP D 73 20.45 16.67 45.45
CA ASP D 73 19.90 17.88 46.06
C ASP D 73 20.19 19.04 45.12
N THR D 74 19.14 19.51 44.43
CA THR D 74 19.31 20.58 43.45
C THR D 74 19.63 21.90 44.13
N SER D 75 19.04 22.14 45.30
CA SER D 75 19.28 23.40 46.00
C SER D 75 20.74 23.55 46.36
N THR D 76 21.36 22.49 46.85
CA THR D 76 22.78 22.52 47.20
C THR D 76 23.68 22.10 46.04
N ASN D 77 23.10 21.66 44.92
CA ASN D 77 23.86 21.19 43.76
C ASN D 77 24.80 20.05 44.15
N THR D 78 24.27 19.06 44.87
CA THR D 78 25.10 17.97 45.36
C THR D 78 24.48 16.63 45.01
N ALA D 79 25.34 15.62 44.91
CA ALA D 79 24.94 14.23 44.78
C ALA D 79 25.56 13.45 45.92
N SER D 80 24.84 12.44 46.41
CA SER D 80 25.26 11.75 47.62
C SER D 80 25.03 10.25 47.48
N LEU D 81 25.94 9.49 48.09
CA LEU D 81 25.92 8.04 48.09
C LEU D 81 25.96 7.55 49.53
N GLU D 82 25.10 6.59 49.86
CA GLU D 82 25.01 6.04 51.21
C GLU D 82 25.13 4.54 51.15
N VAL D 83 26.09 3.99 51.90
CA VAL D 83 26.32 2.55 51.99
C VAL D 83 25.90 2.09 53.38
N ARG D 84 25.02 1.11 53.44
CA ARG D 84 24.38 0.72 54.70
C ARG D 84 25.29 -0.17 55.53
N THR D 85 25.61 -1.35 55.03
CA THR D 85 26.40 -2.33 55.77
C THR D 85 27.81 -2.39 55.20
N LEU D 86 28.79 -2.27 56.07
CA LEU D 86 30.20 -2.32 55.67
C LEU D 86 30.77 -3.72 55.92
N THR D 87 31.72 -4.09 55.08
CA THR D 87 32.43 -5.36 55.20
C THR D 87 33.85 -5.12 54.71
N SER D 88 34.76 -6.04 55.04
CA SER D 88 36.16 -5.83 54.77
C SER D 88 36.46 -5.62 53.29
N ASN D 89 35.58 -6.05 52.40
CA ASN D 89 35.78 -5.87 50.97
C ASN D 89 35.19 -4.57 50.43
N ASP D 90 34.51 -3.79 51.27
CA ASP D 90 33.99 -2.50 50.83
C ASP D 90 35.02 -1.39 50.89
N THR D 91 36.19 -1.65 51.47
CA THR D 91 37.26 -0.65 51.44
C THR D 91 37.71 -0.42 50.00
N ALA D 92 37.68 0.83 49.56
CA ALA D 92 37.91 1.15 48.16
C ALA D 92 38.06 2.65 48.01
N VAL D 93 38.06 3.11 46.76
CA VAL D 93 38.00 4.53 46.42
C VAL D 93 36.75 4.73 45.57
N TYR D 94 35.95 5.73 45.93
CA TYR D 94 34.68 6.00 45.29
C TYR D 94 34.77 7.27 44.46
N TYR D 95 34.33 7.20 43.21
CA TYR D 95 34.34 8.33 42.29
C TYR D 95 32.92 8.61 41.83
N CYS D 96 32.58 9.90 41.74
CA CYS D 96 31.34 10.34 41.11
C CYS D 96 31.69 11.02 39.79
N ALA D 97 31.03 10.60 38.72
CA ALA D 97 31.36 11.04 37.37
C ALA D 97 30.12 11.58 36.68
N ARG D 98 30.25 12.75 36.07
CA ARG D 98 29.15 13.34 35.32
C ARG D 98 28.83 12.51 34.10
N GLN D 99 27.54 12.34 33.82
CA GLN D 99 27.12 11.54 32.67
C GLN D 99 25.77 12.07 32.19
N TYR D 100 25.68 12.38 30.91
CA TYR D 100 24.42 12.86 30.37
C TYR D 100 23.43 11.71 30.27
N PRO D 101 22.15 11.95 30.51
CA PRO D 101 21.15 10.88 30.35
C PRO D 101 21.08 10.42 28.90
N ASP D 102 20.92 9.11 28.72
CA ASP D 102 20.73 8.58 27.38
C ASP D 102 19.41 9.08 26.81
N GLN D 103 19.43 9.49 25.55
CA GLN D 103 18.30 10.15 24.93
C GLN D 103 17.72 9.28 23.82
N TYR D 104 16.40 9.15 23.83
CA TYR D 104 15.68 8.42 22.80
C TYR D 104 14.61 9.34 22.22
N SER D 105 14.24 9.08 20.96
CA SER D 105 13.20 9.85 20.31
C SER D 105 12.50 8.97 19.28
N SER D 106 11.28 9.37 18.93
CA SER D 106 10.54 8.64 17.91
C SER D 106 11.16 8.85 16.54
N SER D 107 11.46 10.10 16.19
CA SER D 107 12.09 10.44 14.93
C SER D 107 13.58 10.67 15.18
N GLY D 108 14.31 9.58 15.34
CA GLY D 108 15.72 9.66 15.61
C GLY D 108 16.24 8.34 16.12
N TRP D 109 17.52 8.35 16.49
CA TRP D 109 18.18 7.14 16.97
C TRP D 109 18.78 7.40 18.34
N PRO D 110 18.92 6.37 19.16
CA PRO D 110 19.42 6.57 20.52
C PRO D 110 20.80 7.21 20.53
N ARG D 111 21.02 8.11 21.48
CA ARG D 111 22.29 8.78 21.69
C ARG D 111 22.74 8.46 23.11
N LEU D 112 23.72 7.58 23.22
CA LEU D 112 24.21 7.13 24.52
C LEU D 112 25.52 7.84 24.86
N PHE D 113 25.76 8.02 26.16
CA PHE D 113 26.83 8.88 26.62
C PHE D 113 27.73 8.14 27.60
N ALA D 114 28.97 8.61 27.69
CA ALA D 114 29.97 8.12 28.63
C ALA D 114 30.15 9.14 29.75
N MET D 115 31.10 8.86 30.64
CA MET D 115 31.35 9.70 31.80
C MET D 115 32.35 10.79 31.42
N ASP D 116 31.87 12.03 31.32
CA ASP D 116 32.68 13.11 30.77
C ASP D 116 33.76 13.54 31.75
N VAL D 117 33.37 14.04 32.91
CA VAL D 117 34.31 14.56 33.90
C VAL D 117 34.16 13.77 35.19
N TRP D 118 35.28 13.49 35.83
CA TRP D 118 35.32 12.77 37.09
C TRP D 118 35.70 13.72 38.21
N GLY D 119 35.53 13.23 39.44
CA GLY D 119 36.00 13.93 40.62
C GLY D 119 37.03 13.08 41.32
N GLN D 120 37.94 13.74 42.04
CA GLN D 120 38.94 13.00 42.80
C GLN D 120 38.26 12.08 43.80
N GLY D 121 38.78 10.86 43.90
CA GLY D 121 38.09 9.84 44.64
C GLY D 121 38.13 10.07 46.14
N THR D 122 37.17 9.46 46.83
CA THR D 122 37.10 9.45 48.28
C THR D 122 37.46 8.05 48.76
N THR D 123 38.44 7.96 49.65
CA THR D 123 38.93 6.67 50.13
C THR D 123 38.12 6.25 51.34
N VAL D 124 37.65 5.00 51.34
CA VAL D 124 36.91 4.43 52.46
C VAL D 124 37.63 3.17 52.90
N THR D 125 37.99 3.12 54.18
CA THR D 125 38.66 1.97 54.77
C THR D 125 37.91 1.52 56.01
N VAL D 126 37.96 0.22 56.27
CA VAL D 126 37.28 -0.34 57.42
C VAL D 126 38.29 -0.94 58.40
N THR E 59 -22.81 32.93 -12.21
CA THR E 59 -23.47 34.22 -12.47
C THR E 59 -23.42 35.10 -11.23
N SER E 60 -23.67 34.49 -10.07
CA SER E 60 -23.63 35.24 -8.82
C SER E 60 -22.20 35.69 -8.52
N LEU E 61 -22.08 36.91 -8.00
CA LEU E 61 -20.79 37.52 -7.73
C LEU E 61 -20.48 37.41 -6.25
N TYR E 62 -19.38 36.74 -5.91
CA TYR E 62 -19.01 36.49 -4.53
C TYR E 62 -18.02 37.55 -4.07
N LYS E 63 -18.39 38.29 -3.03
CA LYS E 63 -17.64 39.45 -2.54
C LYS E 63 -17.49 40.52 -3.60
N GLY E 64 -18.38 40.55 -4.58
CA GLY E 64 -18.37 41.56 -5.61
C GLY E 64 -17.17 41.52 -6.53
N VAL E 65 -16.30 40.51 -6.40
CA VAL E 65 -15.07 40.49 -7.16
C VAL E 65 -14.94 39.18 -7.92
N TYR E 66 -15.52 38.11 -7.39
CA TYR E 66 -15.33 36.77 -7.90
C TYR E 66 -16.63 36.21 -8.44
N GLU E 67 -16.53 35.42 -9.51
CA GLU E 67 -17.68 34.82 -10.16
C GLU E 67 -17.50 33.31 -10.20
N LEU E 68 -18.57 32.59 -9.89
CA LEU E 68 -18.54 31.14 -9.85
C LEU E 68 -18.78 30.58 -11.24
N GLN E 69 -17.85 29.75 -11.72
CA GLN E 69 -17.95 29.12 -13.02
C GLN E 69 -17.71 27.62 -12.87
N THR E 70 -18.22 26.86 -13.84
CA THR E 70 -18.19 25.41 -13.77
C THR E 70 -17.57 24.83 -15.04
N LEU E 71 -17.07 23.61 -14.92
CA LEU E 71 -16.61 22.83 -16.07
C LEU E 71 -17.02 21.39 -15.87
N GLU E 72 -17.17 20.66 -16.97
CA GLU E 72 -17.54 19.25 -16.96
C GLU E 72 -16.59 18.47 -17.83
N LEU E 73 -16.04 17.38 -17.29
CA LEU E 73 -15.01 16.61 -17.96
C LEU E 73 -15.61 15.59 -18.91
N ASN E 74 -14.97 15.41 -20.06
CA ASN E 74 -15.42 14.47 -21.09
C ASN E 74 -14.59 13.19 -20.95
N MET E 75 -15.16 12.19 -20.30
CA MET E 75 -14.46 10.94 -20.10
C MET E 75 -14.38 10.09 -21.36
N GLU E 76 -15.23 10.35 -22.34
CA GLU E 76 -15.25 9.55 -23.55
C GLU E 76 -14.15 10.00 -24.48
N THR E 77 -12.95 10.16 -23.93
CA THR E 77 -11.73 10.40 -24.70
C THR E 77 -10.58 9.57 -24.19
N LEU E 78 -10.71 8.97 -23.01
CA LEU E 78 -9.74 8.04 -22.48
C LEU E 78 -10.04 6.61 -22.85
N ASN E 79 -10.84 6.38 -23.90
CA ASN E 79 -11.25 5.02 -24.22
C ASN E 79 -10.05 4.18 -24.62
N MET E 80 -9.04 4.81 -25.21
CA MET E 80 -7.88 4.14 -25.78
C MET E 80 -6.86 3.71 -24.74
N THR E 81 -7.06 4.07 -23.47
CA THR E 81 -6.08 3.74 -22.45
C THR E 81 -6.70 2.98 -21.29
N MET E 82 -7.95 3.28 -20.95
CA MET E 82 -8.58 2.66 -19.79
C MET E 82 -10.01 2.27 -20.13
N PRO E 83 -10.56 1.28 -19.43
CA PRO E 83 -11.99 0.97 -19.59
C PRO E 83 -12.86 2.09 -19.06
N LEU E 84 -14.05 2.21 -19.64
CA LEU E 84 -15.01 3.23 -19.23
C LEU E 84 -16.34 2.57 -18.89
N SER E 85 -16.86 2.87 -17.71
CA SER E 85 -18.10 2.28 -17.21
C SER E 85 -19.22 3.30 -17.22
N CYS E 86 -20.42 2.87 -17.58
CA CYS E 86 -21.59 3.73 -17.46
C CYS E 86 -22.84 2.87 -17.36
N THR E 87 -23.98 3.53 -17.19
CA THR E 87 -25.24 2.88 -16.88
C THR E 87 -26.32 3.35 -17.84
N LYS E 88 -27.08 2.41 -18.39
CA LYS E 88 -28.21 2.75 -19.25
C LYS E 88 -29.49 2.94 -18.48
N ASN E 89 -29.86 1.97 -17.65
CA ASN E 89 -31.07 2.07 -16.86
C ASN E 89 -30.93 1.15 -15.65
N ASN E 90 -32.07 0.81 -15.02
CA ASN E 90 -32.08 -0.03 -13.84
C ASN E 90 -31.29 -1.32 -14.05
N SER E 91 -31.48 -1.98 -15.19
CA SER E 91 -30.99 -3.33 -15.37
C SER E 91 -29.63 -3.40 -16.06
N HIS E 92 -29.36 -2.53 -17.02
CA HIS E 92 -28.24 -2.69 -17.93
C HIS E 92 -27.14 -1.69 -17.62
N HIS E 93 -25.92 -2.19 -17.46
CA HIS E 93 -24.73 -1.36 -17.26
C HIS E 93 -23.62 -1.90 -18.15
N TYR E 94 -22.68 -1.05 -18.52
CA TYR E 94 -21.67 -1.42 -19.49
C TYR E 94 -20.29 -0.95 -19.05
N ILE E 95 -19.28 -1.70 -19.46
CA ILE E 95 -17.88 -1.30 -19.32
C ILE E 95 -17.17 -1.58 -20.64
N MET E 96 -16.77 -0.53 -21.34
CA MET E 96 -16.27 -0.63 -22.70
C MET E 96 -14.77 -0.42 -22.75
N VAL E 97 -14.11 -1.13 -23.67
CA VAL E 97 -12.68 -1.04 -23.91
C VAL E 97 -12.47 -0.75 -25.39
N GLY E 98 -11.76 0.34 -25.70
CA GLY E 98 -11.62 0.72 -27.09
C GLY E 98 -12.94 1.22 -27.63
N ASN E 99 -13.09 1.18 -28.96
CA ASN E 99 -14.41 1.44 -29.53
C ASN E 99 -15.04 0.16 -30.07
N GLU E 100 -14.48 -1.00 -29.77
CA GLU E 100 -14.89 -2.24 -30.40
C GLU E 100 -15.64 -3.17 -29.47
N THR E 101 -15.07 -3.48 -28.32
CA THR E 101 -15.61 -4.49 -27.43
C THR E 101 -15.93 -3.91 -26.06
N GLY E 102 -16.74 -4.63 -25.32
CA GLY E 102 -17.02 -4.27 -23.96
C GLY E 102 -17.76 -5.40 -23.27
N LEU E 103 -18.08 -5.18 -22.01
CA LEU E 103 -18.80 -6.12 -21.19
C LEU E 103 -20.13 -5.50 -20.76
N GLU E 104 -21.18 -6.31 -20.82
CA GLU E 104 -22.50 -5.94 -20.38
C GLU E 104 -22.82 -6.67 -19.09
N LEU E 105 -23.20 -5.90 -18.07
CA LEU E 105 -23.65 -6.42 -16.79
C LEU E 105 -25.14 -6.15 -16.66
N THR E 106 -25.92 -7.22 -16.48
CA THR E 106 -27.37 -7.10 -16.40
C THR E 106 -27.88 -7.81 -15.17
N LEU E 107 -28.83 -7.18 -14.49
CA LEU E 107 -29.54 -7.79 -13.38
C LEU E 107 -30.88 -8.30 -13.89
N THR E 108 -31.12 -9.60 -13.79
CA THR E 108 -32.31 -10.19 -14.38
C THR E 108 -32.90 -11.26 -13.49
N ASN E 109 -34.15 -11.61 -13.77
CA ASN E 109 -34.78 -12.79 -13.20
C ASN E 109 -34.59 -14.05 -14.03
N THR E 110 -34.09 -13.95 -15.26
CA THR E 110 -34.00 -15.09 -16.16
C THR E 110 -32.54 -15.44 -16.40
N SER E 111 -32.22 -16.70 -16.23
CA SER E 111 -30.84 -17.17 -16.35
C SER E 111 -30.52 -17.57 -17.79
N ILE E 112 -29.25 -17.42 -18.15
CA ILE E 112 -28.76 -17.81 -19.47
C ILE E 112 -27.87 -19.04 -19.43
N ILE E 113 -27.39 -19.44 -18.25
CA ILE E 113 -26.57 -20.63 -18.09
C ILE E 113 -27.26 -21.54 -17.10
N ASN E 114 -27.43 -22.81 -17.47
CA ASN E 114 -28.12 -23.77 -16.63
C ASN E 114 -27.22 -24.84 -16.03
N HIS E 115 -26.06 -25.08 -16.62
CA HIS E 115 -25.11 -26.03 -16.04
C HIS E 115 -24.37 -25.37 -14.88
N LYS E 116 -23.60 -26.18 -14.16
CA LYS E 116 -22.82 -25.71 -13.02
C LYS E 116 -21.33 -25.85 -13.27
N PHE E 117 -20.89 -25.61 -14.50
CA PHE E 117 -19.50 -25.72 -14.88
C PHE E 117 -18.92 -24.32 -15.06
N CYS E 118 -17.68 -24.13 -14.62
CA CYS E 118 -16.90 -22.94 -14.92
C CYS E 118 -15.53 -23.41 -15.37
N ASN E 119 -15.40 -23.71 -16.66
CA ASN E 119 -14.12 -24.08 -17.23
C ASN E 119 -13.21 -22.86 -17.27
N LEU E 120 -12.08 -22.95 -16.63
CA LEU E 120 -11.12 -21.87 -16.80
C LEU E 120 -9.78 -22.37 -17.28
N SER E 121 -9.34 -23.54 -16.81
CA SER E 121 -8.13 -24.14 -17.35
C SER E 121 -8.29 -24.46 -18.83
N ASP E 122 -9.46 -25.00 -19.20
CA ASP E 122 -9.73 -25.30 -20.60
C ASP E 122 -9.75 -24.03 -21.44
N ALA E 123 -10.36 -22.97 -20.91
CA ALA E 123 -10.40 -21.71 -21.64
C ALA E 123 -9.00 -21.14 -21.82
N HIS E 124 -8.16 -21.24 -20.78
CA HIS E 124 -6.79 -20.75 -20.90
C HIS E 124 -5.99 -21.57 -21.90
N LYS E 125 -6.26 -22.88 -21.96
CA LYS E 125 -5.54 -23.73 -22.91
C LYS E 125 -5.82 -23.32 -24.34
N LYS E 126 -7.08 -23.03 -24.66
CA LYS E 126 -7.45 -22.52 -25.98
C LYS E 126 -7.47 -21.00 -25.89
N ASN E 127 -6.35 -20.39 -26.24
CA ASN E 127 -6.18 -18.94 -26.14
C ASN E 127 -6.99 -18.28 -27.25
N LEU E 128 -8.28 -18.08 -26.98
CA LEU E 128 -9.20 -17.52 -27.96
C LEU E 128 -9.91 -16.26 -27.51
N TYR E 129 -10.07 -16.05 -26.21
CA TYR E 129 -10.84 -14.91 -25.73
C TYR E 129 -10.04 -13.62 -25.89
N ASP E 130 -10.74 -12.50 -25.73
CA ASP E 130 -10.07 -11.21 -25.67
C ASP E 130 -9.37 -11.08 -24.34
N HIS E 131 -8.09 -10.70 -24.37
CA HIS E 131 -7.31 -10.68 -23.13
C HIS E 131 -7.76 -9.55 -22.21
N ALA E 132 -8.18 -8.41 -22.76
CA ALA E 132 -8.62 -7.30 -21.93
C ALA E 132 -9.87 -7.66 -21.14
N LEU E 133 -10.84 -8.29 -21.78
CA LEU E 133 -12.08 -8.64 -21.09
C LEU E 133 -11.85 -9.73 -20.05
N MET E 134 -10.96 -10.67 -20.35
CA MET E 134 -10.61 -11.68 -19.35
C MET E 134 -9.94 -11.04 -18.14
N SER E 135 -9.06 -10.06 -18.39
CA SER E 135 -8.46 -9.34 -17.28
C SER E 135 -9.50 -8.62 -16.45
N ILE E 136 -10.49 -8.00 -17.11
CA ILE E 136 -11.52 -7.28 -16.37
C ILE E 136 -12.35 -8.22 -15.52
N ILE E 137 -12.75 -9.37 -16.07
CA ILE E 137 -13.57 -10.28 -15.27
C ILE E 137 -12.74 -10.92 -14.15
N SER E 138 -11.44 -11.11 -14.37
CA SER E 138 -10.59 -11.57 -13.27
C SER E 138 -10.53 -10.54 -12.16
N THR E 139 -10.37 -9.27 -12.52
CA THR E 139 -10.37 -8.21 -11.52
C THR E 139 -11.69 -8.15 -10.78
N PHE E 140 -12.80 -8.35 -11.48
CA PHE E 140 -14.10 -8.36 -10.83
C PHE E 140 -14.20 -9.51 -9.84
N HIS E 141 -13.92 -10.73 -10.29
CA HIS E 141 -14.13 -11.89 -9.43
C HIS E 141 -13.22 -11.87 -8.22
N LEU E 142 -11.96 -11.47 -8.40
CA LEU E 142 -11.03 -11.48 -7.28
C LEU E 142 -11.44 -10.49 -6.20
N SER E 143 -12.16 -9.43 -6.56
CA SER E 143 -12.49 -8.37 -5.62
C SER E 143 -13.71 -8.67 -4.77
N ILE E 144 -14.38 -9.80 -4.99
CA ILE E 144 -15.57 -10.16 -4.21
C ILE E 144 -15.14 -10.53 -2.81
N PRO E 145 -15.66 -9.88 -1.77
CA PRO E 145 -15.22 -10.20 -0.40
C PRO E 145 -15.89 -11.47 0.11
N ASN E 146 -15.09 -12.36 0.69
CA ASN E 146 -15.57 -13.55 1.38
C ASN E 146 -16.41 -14.43 0.46
N PHE E 147 -15.91 -14.66 -0.75
CA PHE E 147 -16.55 -15.58 -1.67
C PHE E 147 -16.22 -17.00 -1.26
N ASN E 148 -17.24 -17.81 -0.97
CA ASN E 148 -16.99 -19.18 -0.55
C ASN E 148 -17.95 -20.20 -1.14
N GLN E 149 -18.92 -19.80 -1.96
CA GLN E 149 -19.86 -20.73 -2.58
C GLN E 149 -19.55 -20.79 -4.06
N TYR E 150 -18.69 -21.73 -4.45
CA TYR E 150 -18.30 -21.84 -5.84
C TYR E 150 -19.45 -22.28 -6.73
N GLU E 151 -20.46 -22.94 -6.18
CA GLU E 151 -21.60 -23.37 -6.98
C GLU E 151 -22.49 -22.21 -7.41
N ALA E 152 -22.27 -21.03 -6.87
CA ALA E 152 -23.11 -19.88 -7.18
C ALA E 152 -22.64 -19.12 -8.41
N MET E 153 -21.60 -19.59 -9.09
CA MET E 153 -21.09 -18.92 -10.28
C MET E 153 -20.93 -19.94 -11.40
N SER E 154 -21.44 -19.61 -12.58
CA SER E 154 -21.34 -20.47 -13.74
C SER E 154 -20.70 -19.68 -14.88
N CYS E 155 -19.98 -20.39 -15.75
CA CYS E 155 -19.21 -19.75 -16.80
C CYS E 155 -19.36 -20.50 -18.09
N ASP E 156 -19.13 -19.79 -19.20
CA ASP E 156 -19.20 -20.37 -20.53
C ASP E 156 -18.24 -19.61 -21.42
N PHE E 157 -17.31 -20.32 -22.05
CA PHE E 157 -16.27 -19.70 -22.86
C PHE E 157 -16.11 -20.36 -24.22
N ASN E 158 -17.14 -21.05 -24.73
CA ASN E 158 -16.99 -21.76 -25.98
C ASN E 158 -16.83 -20.78 -27.14
N GLY E 159 -15.81 -21.02 -27.96
CA GLY E 159 -15.59 -20.20 -29.14
C GLY E 159 -14.89 -18.88 -28.90
N GLY E 160 -14.32 -18.68 -27.72
CA GLY E 160 -13.66 -17.43 -27.41
C GLY E 160 -14.53 -16.39 -26.77
N LYS E 161 -15.83 -16.63 -26.68
CA LYS E 161 -16.70 -15.71 -25.96
C LYS E 161 -16.49 -15.86 -24.46
N ILE E 162 -17.01 -14.90 -23.70
CA ILE E 162 -17.00 -14.98 -22.25
C ILE E 162 -18.41 -14.72 -21.75
N SER E 163 -18.86 -15.57 -20.84
CA SER E 163 -20.18 -15.42 -20.25
C SER E 163 -20.10 -15.90 -18.81
N VAL E 164 -20.46 -15.04 -17.87
CA VAL E 164 -20.41 -15.34 -16.45
C VAL E 164 -21.77 -15.05 -15.84
N GLN E 165 -22.23 -15.94 -14.96
CA GLN E 165 -23.52 -15.78 -14.31
C GLN E 165 -23.36 -16.00 -12.82
N TYR E 166 -23.78 -15.02 -12.04
CA TYR E 166 -23.77 -15.09 -10.58
C TYR E 166 -25.20 -15.25 -10.09
N ASN E 167 -25.43 -16.30 -9.32
CA ASN E 167 -26.75 -16.63 -8.80
C ASN E 167 -26.93 -15.97 -7.44
N LEU E 168 -27.77 -14.94 -7.38
CA LEU E 168 -27.94 -14.14 -6.18
C LEU E 168 -29.10 -14.59 -5.30
N SER E 169 -29.76 -15.69 -5.65
CA SER E 169 -30.87 -16.18 -4.86
C SER E 169 -30.38 -16.69 -3.51
N CYS E 180 -27.69 -10.07 6.01
CA CYS E 180 -26.80 -10.33 4.89
C CYS E 180 -25.66 -11.27 5.27
N GLY E 181 -24.44 -10.94 4.83
CA GLY E 181 -23.33 -11.85 4.97
C GLY E 181 -23.37 -13.02 4.03
N THR E 182 -24.04 -12.89 2.89
CA THR E 182 -24.20 -13.94 1.91
C THR E 182 -23.42 -13.61 0.64
N VAL E 183 -23.50 -14.51 -0.34
CA VAL E 183 -22.77 -14.30 -1.59
C VAL E 183 -23.38 -13.15 -2.38
N ALA E 184 -24.71 -13.02 -2.34
CA ALA E 184 -25.35 -11.91 -3.03
C ALA E 184 -24.85 -10.57 -2.51
N ASN E 185 -24.64 -10.47 -1.20
CA ASN E 185 -24.13 -9.23 -0.63
C ASN E 185 -22.78 -8.87 -1.24
N GLY E 186 -21.84 -9.81 -1.26
CA GLY E 186 -20.52 -9.52 -1.79
C GLY E 186 -20.53 -9.20 -3.28
N VAL E 187 -21.31 -9.97 -4.04
CA VAL E 187 -21.37 -9.73 -5.48
C VAL E 187 -21.98 -8.36 -5.77
N LEU E 188 -23.05 -7.99 -5.06
CA LEU E 188 -23.63 -6.67 -5.26
C LEU E 188 -22.69 -5.56 -4.84
N GLN E 189 -21.94 -5.75 -3.76
CA GLN E 189 -20.98 -4.72 -3.38
C GLN E 189 -19.92 -4.53 -4.47
N THR E 190 -19.40 -5.64 -5.00
CA THR E 190 -18.42 -5.53 -6.08
C THR E 190 -19.03 -4.90 -7.32
N PHE E 191 -20.28 -5.24 -7.62
CA PHE E 191 -20.95 -4.70 -8.80
C PHE E 191 -21.18 -3.20 -8.66
N MET E 192 -21.56 -2.74 -7.48
CA MET E 192 -21.79 -1.32 -7.28
C MET E 192 -20.48 -0.54 -7.22
N ARG E 193 -19.39 -1.20 -6.82
CA ARG E 193 -18.09 -0.53 -6.91
C ARG E 193 -17.60 -0.48 -8.35
N MET E 194 -17.93 -1.48 -9.17
CA MET E 194 -17.42 -1.53 -10.53
C MET E 194 -18.04 -0.43 -11.39
N ALA E 195 -19.36 -0.44 -11.53
CA ALA E 195 -20.05 0.63 -12.24
C ALA E 195 -20.53 1.67 -11.23
N TRP E 196 -19.57 2.42 -10.70
CA TRP E 196 -19.81 3.23 -9.51
C TRP E 196 -20.90 4.27 -9.74
N GLY E 197 -20.86 4.96 -10.87
CA GLY E 197 -21.88 5.96 -11.16
C GLY E 197 -23.14 5.30 -11.70
N GLY E 198 -24.26 5.63 -11.10
CA GLY E 198 -25.54 5.16 -11.60
C GLY E 198 -25.91 3.76 -11.19
N SER E 199 -25.06 3.05 -10.46
CA SER E 199 -25.45 1.73 -9.97
C SER E 199 -26.39 1.81 -8.79
N TYR E 200 -26.53 2.99 -8.18
CA TYR E 200 -27.40 3.12 -7.01
C TYR E 200 -28.87 3.01 -7.36
N ILE E 201 -29.21 2.97 -8.66
CA ILE E 201 -30.61 2.88 -9.05
C ILE E 201 -31.23 1.60 -8.51
N ALA E 202 -30.49 0.49 -8.59
CA ALA E 202 -30.97 -0.81 -8.19
C ALA E 202 -30.68 -1.13 -6.72
N LEU E 203 -30.63 -0.10 -5.87
CA LEU E 203 -30.36 -0.34 -4.45
C LEU E 203 -31.50 -1.15 -3.82
N ASP E 204 -32.73 -0.89 -4.24
CA ASP E 204 -33.92 -1.59 -3.77
C ASP E 204 -34.10 -1.48 -2.26
N SER E 205 -33.55 -0.43 -1.66
CA SER E 205 -33.70 -0.16 -0.22
C SER E 205 -33.29 -1.37 0.62
N GLY E 206 -32.21 -2.03 0.20
CA GLY E 206 -31.71 -3.19 0.91
C GLY E 206 -30.90 -2.90 2.15
N ARG E 207 -30.63 -1.63 2.44
CA ARG E 207 -29.80 -1.24 3.57
C ARG E 207 -30.38 -1.75 4.89
N GLY E 208 -29.67 -2.66 5.54
CA GLY E 208 -30.10 -3.18 6.83
C GLY E 208 -28.98 -3.25 7.84
N ASN E 209 -27.75 -3.03 7.38
CA ASN E 209 -26.57 -3.12 8.22
C ASN E 209 -25.54 -2.12 7.68
N TRP E 210 -24.28 -2.32 8.05
CA TRP E 210 -23.19 -1.47 7.58
C TRP E 210 -23.31 -1.18 6.09
N ASP E 211 -23.23 -2.21 5.26
CA ASP E 211 -23.62 -2.08 3.86
C ASP E 211 -24.81 -2.98 3.52
N CYS E 212 -24.68 -4.28 3.71
CA CYS E 212 -25.78 -5.25 3.60
C CYS E 212 -26.70 -4.94 2.41
N ILE E 213 -26.08 -4.87 1.23
CA ILE E 213 -26.82 -4.53 0.02
C ILE E 213 -27.71 -5.70 -0.37
N MET E 214 -28.95 -5.41 -0.73
CA MET E 214 -29.90 -6.41 -1.19
C MET E 214 -30.62 -5.89 -2.43
N THR E 215 -31.09 -6.81 -3.25
CA THR E 215 -31.83 -6.46 -4.46
C THR E 215 -32.86 -7.55 -4.74
N SER E 216 -33.87 -7.18 -5.53
CA SER E 216 -34.91 -8.14 -5.87
C SER E 216 -34.53 -9.03 -7.05
N TYR E 217 -33.52 -8.66 -7.82
CA TYR E 217 -33.11 -9.46 -8.97
C TYR E 217 -32.44 -10.75 -8.50
N GLN E 218 -32.52 -11.78 -9.34
CA GLN E 218 -32.01 -13.09 -8.97
C GLN E 218 -30.65 -13.42 -9.58
N TYR E 219 -30.31 -12.87 -10.74
CA TYR E 219 -29.08 -13.21 -11.42
C TYR E 219 -28.35 -11.96 -11.88
N LEU E 220 -27.02 -12.04 -11.88
CA LEU E 220 -26.17 -11.04 -12.51
C LEU E 220 -25.42 -11.69 -13.66
N ILE E 221 -25.57 -11.13 -14.86
CA ILE E 221 -25.04 -11.72 -16.07
C ILE E 221 -23.99 -10.77 -16.65
N ILE E 222 -22.80 -11.30 -16.93
CA ILE E 222 -21.73 -10.55 -17.57
C ILE E 222 -21.41 -11.22 -18.90
N GLN E 223 -21.64 -10.50 -19.99
CA GLN E 223 -21.38 -11.01 -21.32
C GLN E 223 -20.52 -10.01 -22.08
N ASN E 224 -20.07 -10.38 -23.27
CA ASN E 224 -19.35 -9.42 -24.08
C ASN E 224 -20.30 -8.86 -25.12
N THR E 225 -20.04 -7.63 -25.56
CA THR E 225 -20.85 -6.96 -26.55
C THR E 225 -19.96 -6.09 -27.41
N THR E 226 -20.46 -5.75 -28.59
CA THR E 226 -19.82 -4.75 -29.42
C THR E 226 -20.18 -3.37 -28.90
N TRP E 227 -19.27 -2.42 -29.13
CA TRP E 227 -19.48 -1.07 -28.61
C TRP E 227 -20.66 -0.42 -29.31
N GLU E 228 -21.45 0.31 -28.52
CA GLU E 228 -22.55 1.12 -29.03
C GLU E 228 -22.86 2.15 -27.94
N ASP E 229 -23.49 3.25 -28.35
CA ASP E 229 -23.82 4.29 -27.39
C ASP E 229 -24.87 3.73 -26.45
N HIS E 230 -24.45 3.29 -25.26
CA HIS E 230 -25.23 2.37 -24.45
C HIS E 230 -25.49 2.88 -23.04
N CYS E 231 -25.41 4.17 -22.79
CA CYS E 231 -25.64 4.63 -21.43
C CYS E 231 -26.20 6.04 -21.40
N GLN E 232 -27.42 6.13 -20.87
CA GLN E 232 -28.25 7.31 -20.87
C GLN E 232 -28.43 7.90 -19.48
N PHE E 233 -28.20 7.12 -18.43
CA PHE E 233 -28.42 7.59 -17.07
C PHE E 233 -27.19 8.22 -16.45
N SER E 234 -26.00 7.72 -16.78
CA SER E 234 -24.77 8.25 -16.23
C SER E 234 -23.71 8.28 -17.32
N ARG E 235 -22.78 9.22 -17.19
CA ARG E 235 -21.71 9.36 -18.16
C ARG E 235 -20.67 8.27 -17.98
N PRO E 236 -19.93 7.94 -19.03
CA PRO E 236 -18.84 6.97 -18.88
C PRO E 236 -17.79 7.48 -17.91
N SER E 237 -17.16 6.54 -17.21
CA SER E 237 -16.20 6.93 -16.17
C SER E 237 -15.24 5.79 -15.90
N PRO E 238 -13.95 6.07 -15.71
CA PRO E 238 -13.00 5.01 -15.36
C PRO E 238 -12.77 4.83 -13.86
N ILE E 239 -13.52 5.50 -13.01
CA ILE E 239 -13.22 5.51 -11.58
C ILE E 239 -13.51 4.16 -10.95
N GLY E 240 -14.61 3.52 -11.36
CA GLY E 240 -14.99 2.27 -10.72
C GLY E 240 -13.97 1.17 -10.93
N TYR E 241 -13.52 0.99 -12.17
CA TYR E 241 -12.49 -0.01 -12.44
C TYR E 241 -11.18 0.35 -11.76
N LEU E 242 -10.78 1.62 -11.82
CA LEU E 242 -9.55 2.05 -11.20
C LEU E 242 -9.59 1.91 -9.68
N GLY E 243 -10.78 1.83 -9.10
CA GLY E 243 -10.92 1.60 -7.68
C GLY E 243 -10.91 0.14 -7.33
N LEU E 244 -11.62 -0.66 -8.12
CA LEU E 244 -11.57 -2.10 -7.93
C LEU E 244 -10.17 -2.65 -8.16
N LEU E 245 -9.34 -1.93 -8.89
CA LEU E 245 -7.99 -2.41 -9.17
C LEU E 245 -7.17 -2.56 -7.89
N SER E 246 -7.23 -1.58 -6.99
CA SER E 246 -6.42 -1.63 -5.78
C SER E 246 -6.94 -2.70 -4.82
N GLN E 247 -8.24 -2.71 -4.55
CA GLN E 247 -8.84 -3.73 -3.70
C GLN E 247 -9.15 -4.89 -4.63
N ARG E 248 -8.15 -5.75 -4.85
CA ARG E 248 -8.26 -6.81 -5.83
C ARG E 248 -8.24 -8.20 -5.22
N THR E 249 -7.23 -8.52 -4.41
CA THR E 249 -7.17 -9.82 -3.76
C THR E 249 -7.17 -9.67 -2.24
N ARG E 250 -7.69 -8.56 -1.73
CA ARG E 250 -7.57 -8.24 -0.31
C ARG E 250 -8.49 -9.09 0.54
N ASP E 251 -9.61 -9.56 -0.02
CA ASP E 251 -10.59 -10.36 0.74
C ASP E 251 -10.85 -11.64 -0.03
N ILE E 252 -9.99 -12.64 0.16
CA ILE E 252 -10.21 -13.98 -0.37
C ILE E 252 -9.85 -14.98 0.71
N TYR E 253 -10.67 -16.01 0.83
CA TYR E 253 -10.37 -17.06 1.79
C TYR E 253 -9.27 -17.96 1.25
N ILE E 254 -8.61 -18.67 2.16
CA ILE E 254 -7.68 -19.70 1.77
C ILE E 254 -8.48 -20.96 1.43
N SER E 255 -8.14 -21.59 0.31
CA SER E 255 -8.82 -22.82 -0.08
C SER E 255 -7.92 -24.04 0.00
N ARG E 256 -6.60 -23.86 0.11
CA ARG E 256 -5.69 -24.98 0.27
C ARG E 256 -4.47 -24.51 1.03
N ARG E 257 -3.78 -25.46 1.66
CA ARG E 257 -2.63 -25.12 2.49
C ARG E 257 -1.51 -24.53 1.67
N LEU E 258 -1.23 -25.10 0.51
CA LEU E 258 -0.10 -24.70 -0.32
C LEU E 258 -0.62 -23.83 -1.46
N LEU E 259 -0.48 -22.53 -1.32
CA LEU E 259 -0.91 -21.60 -2.36
C LEU E 259 0.29 -20.91 -3.00
N GLY F 1 1.89 4.55 -1.33
CA GLY F 1 2.76 4.85 -2.44
C GLY F 1 2.30 6.06 -3.22
N THR F 2 2.96 7.19 -3.00
CA THR F 2 2.51 8.46 -3.55
C THR F 2 2.73 8.49 -5.06
N PHE F 3 1.80 9.14 -5.77
CA PHE F 3 1.91 9.32 -7.20
C PHE F 3 3.16 10.12 -7.55
N THR F 4 3.57 10.01 -8.82
CA THR F 4 4.77 10.70 -9.27
C THR F 4 4.63 11.37 -10.62
N TRP F 5 3.49 11.28 -11.29
CA TRP F 5 3.33 11.89 -12.59
C TRP F 5 3.27 13.41 -12.46
N THR F 6 4.08 14.09 -13.26
CA THR F 6 4.13 15.55 -13.27
C THR F 6 3.50 16.08 -14.56
N LEU F 7 2.67 17.11 -14.41
CA LEU F 7 1.91 17.61 -15.54
C LEU F 7 2.82 18.29 -16.56
N SER F 8 2.51 18.06 -17.84
CA SER F 8 3.25 18.65 -18.94
C SER F 8 2.81 20.11 -19.12
N ASP F 9 3.18 20.70 -20.25
CA ASP F 9 2.78 22.07 -20.55
C ASP F 9 2.36 22.24 -21.99
N PRO F 16 2.55 30.09 -18.88
CA PRO F 16 3.73 29.32 -18.52
C PRO F 16 3.63 28.74 -17.11
N GLY F 17 3.80 27.42 -16.99
CA GLY F 17 3.70 26.75 -15.72
C GLY F 17 2.31 26.29 -15.34
N GLY F 18 1.30 26.66 -16.11
CA GLY F 18 -0.06 26.23 -15.87
C GLY F 18 -0.39 24.96 -16.62
N TYR F 19 -1.68 24.73 -16.82
CA TYR F 19 -2.11 23.59 -17.62
C TYR F 19 -3.41 23.95 -18.33
N CYS F 20 -3.55 23.47 -19.57
CA CYS F 20 -4.70 23.83 -20.40
C CYS F 20 -5.47 22.58 -20.79
N LEU F 21 -6.76 22.59 -20.52
CA LEU F 21 -7.68 21.55 -20.97
C LEU F 21 -8.22 21.95 -22.33
N THR F 22 -7.99 21.10 -23.33
CA THR F 22 -8.44 21.35 -24.68
C THR F 22 -9.93 21.05 -24.82
N ARG F 23 -10.49 21.39 -25.97
CA ARG F 23 -11.93 21.20 -26.17
C ARG F 23 -12.32 19.74 -26.20
N TRP F 24 -11.36 18.83 -26.41
CA TRP F 24 -11.70 17.41 -26.42
C TRP F 24 -11.92 16.89 -25.01
N MET F 25 -11.26 17.49 -24.02
CA MET F 25 -11.37 17.06 -22.64
C MET F 25 -12.58 17.63 -21.93
N LEU F 26 -13.32 18.54 -22.56
CA LEU F 26 -14.42 19.24 -21.91
C LEU F 26 -15.71 19.00 -22.67
N ILE F 27 -16.80 18.99 -21.94
CA ILE F 27 -18.13 18.77 -22.51
C ILE F 27 -18.77 20.13 -22.74
N GLU F 28 -19.13 20.41 -24.00
CA GLU F 28 -19.84 21.63 -24.36
C GLU F 28 -19.08 22.87 -23.89
N ALA F 29 -17.79 22.90 -24.17
CA ALA F 29 -16.97 24.03 -23.73
C ALA F 29 -15.78 24.18 -24.67
N GLU F 30 -15.18 25.37 -24.62
CA GLU F 30 -13.99 25.70 -25.37
C GLU F 30 -12.77 25.41 -24.50
N LEU F 31 -11.58 25.65 -25.05
CA LEU F 31 -10.34 25.43 -24.30
C LEU F 31 -10.29 26.31 -23.06
N LYS F 32 -9.81 25.73 -21.96
CA LYS F 32 -9.62 26.44 -20.70
C LYS F 32 -8.18 26.31 -20.24
N CYS F 33 -7.71 27.28 -19.47
CA CYS F 33 -6.33 27.27 -19.00
C CYS F 33 -6.27 27.73 -17.56
N PHE F 34 -5.46 27.06 -16.76
CA PHE F 34 -5.29 27.36 -15.35
C PHE F 34 -3.83 27.73 -15.09
N GLY F 35 -3.64 28.74 -14.24
CA GLY F 35 -2.34 29.34 -14.05
C GLY F 35 -1.43 28.50 -13.18
N ASN F 36 -0.23 29.05 -12.98
CA ASN F 36 0.81 28.33 -12.25
C ASN F 36 0.39 28.09 -10.80
N THR F 37 -0.23 29.08 -10.17
CA THR F 37 -0.53 28.96 -8.74
C THR F 37 -1.52 27.83 -8.47
N ALA F 38 -2.55 27.70 -9.30
CA ALA F 38 -3.53 26.64 -9.10
C ALA F 38 -2.94 25.26 -9.39
N VAL F 39 -2.11 25.17 -10.44
CA VAL F 39 -1.54 23.88 -10.82
C VAL F 39 -0.52 23.40 -9.80
N ALA F 40 0.26 24.33 -9.23
CA ALA F 40 1.32 23.94 -8.30
C ALA F 40 0.77 23.24 -7.07
N LYS F 41 -0.50 23.44 -6.73
CA LYS F 41 -1.10 22.69 -5.63
C LYS F 41 -1.29 21.23 -5.97
N CYS F 42 -1.34 20.88 -7.26
CA CYS F 42 -1.55 19.50 -7.64
C CYS F 42 -0.33 18.63 -7.39
N ASN F 43 0.84 19.23 -7.20
CA ASN F 43 2.06 18.47 -6.96
C ASN F 43 2.30 18.17 -5.49
N GLU F 44 1.49 18.73 -4.59
CA GLU F 44 1.67 18.54 -3.16
C GLU F 44 0.45 17.94 -2.47
N LYS F 45 -0.75 18.36 -2.85
CA LYS F 45 -1.94 17.91 -2.15
C LYS F 45 -2.22 16.45 -2.47
N HIS F 46 -2.63 15.70 -1.45
CA HIS F 46 -2.97 14.29 -1.60
C HIS F 46 -4.48 14.04 -1.68
N ASP F 47 -5.29 15.09 -1.63
CA ASP F 47 -6.73 14.92 -1.50
C ASP F 47 -7.49 15.86 -2.43
N GLU F 48 -7.04 15.98 -3.67
CA GLU F 48 -7.70 16.79 -4.69
C GLU F 48 -8.12 15.89 -5.84
N GLU F 49 -9.41 15.84 -6.13
CA GLU F 49 -9.90 14.98 -7.19
C GLU F 49 -9.56 15.56 -8.56
N PHE F 50 -9.65 16.88 -8.71
CA PHE F 50 -9.37 17.49 -10.01
C PHE F 50 -7.95 17.22 -10.44
N CYS F 51 -6.99 17.27 -9.50
CA CYS F 51 -5.60 16.98 -9.85
C CYS F 51 -5.44 15.55 -10.33
N ASP F 52 -6.12 14.60 -9.67
CA ASP F 52 -6.04 13.20 -10.09
C ASP F 52 -6.58 13.02 -11.50
N MET F 53 -7.75 13.61 -11.78
CA MET F 53 -8.32 13.45 -13.12
C MET F 53 -7.46 14.15 -14.15
N LEU F 54 -6.86 15.28 -13.78
CA LEU F 54 -6.04 16.03 -14.71
C LEU F 54 -4.79 15.25 -15.06
N ARG F 55 -4.21 14.55 -14.08
CA ARG F 55 -3.10 13.65 -14.35
C ARG F 55 -3.52 12.50 -15.24
N LEU F 56 -4.73 11.96 -15.03
CA LEU F 56 -5.22 10.91 -15.91
C LEU F 56 -5.29 11.38 -17.36
N PHE F 57 -5.84 12.57 -17.57
CA PHE F 57 -5.95 13.10 -18.93
C PHE F 57 -4.58 13.35 -19.53
N ASP F 58 -3.65 13.90 -18.76
CA ASP F 58 -2.31 14.12 -19.26
C ASP F 58 -1.63 12.82 -19.65
N PHE F 59 -1.78 11.79 -18.83
CA PHE F 59 -1.19 10.49 -19.15
C PHE F 59 -1.78 9.93 -20.43
N ASN F 60 -3.10 10.04 -20.59
CA ASN F 60 -3.71 9.54 -21.81
C ASN F 60 -3.18 10.28 -23.04
N LYS F 61 -3.05 11.60 -22.94
CA LYS F 61 -2.53 12.38 -24.06
C LYS F 61 -1.12 11.95 -24.43
N GLN F 62 -0.25 11.81 -23.41
CA GLN F 62 1.13 11.44 -23.68
C GLN F 62 1.23 10.02 -24.25
N ALA F 63 0.42 9.10 -23.74
CA ALA F 63 0.44 7.74 -24.26
C ALA F 63 -0.02 7.70 -25.71
N ILE F 64 -1.04 8.49 -26.05
CA ILE F 64 -1.50 8.55 -27.43
C ILE F 64 -0.41 9.11 -28.33
N GLN F 65 0.27 10.16 -27.90
CA GLN F 65 1.29 10.78 -28.74
C GLN F 65 2.50 9.88 -28.93
N ARG F 66 3.18 9.53 -27.82
CA ARG F 66 4.46 8.87 -27.92
C ARG F 66 4.33 7.43 -28.41
N LEU F 67 3.61 6.60 -27.65
CA LEU F 67 3.48 5.20 -28.00
C LEU F 67 2.61 5.04 -29.25
N LYS F 68 2.99 4.10 -30.11
CA LYS F 68 2.19 3.78 -31.28
C LYS F 68 1.01 2.89 -30.88
N ALA F 69 -0.13 3.13 -31.50
CA ALA F 69 -1.37 2.45 -31.15
C ALA F 69 -1.95 1.79 -32.38
N GLU F 70 -2.31 0.51 -32.25
CA GLU F 70 -2.96 -0.24 -33.32
C GLU F 70 -3.46 -1.56 -32.73
N ALA F 71 -4.17 -2.31 -33.56
CA ALA F 71 -4.69 -3.64 -33.20
C ALA F 71 -5.64 -3.49 -32.01
N GLN F 72 -5.74 -4.54 -31.19
CA GLN F 72 -6.64 -4.50 -30.04
C GLN F 72 -6.13 -3.50 -29.00
N THR F 73 -7.07 -2.90 -28.27
CA THR F 73 -6.72 -2.05 -27.16
C THR F 73 -6.22 -2.90 -25.99
N SER F 74 -5.15 -2.45 -25.35
CA SER F 74 -4.53 -3.16 -24.25
C SER F 74 -4.70 -2.39 -22.96
N ILE F 75 -4.91 -3.12 -21.87
CA ILE F 75 -5.11 -2.53 -20.54
C ILE F 75 -3.86 -2.59 -19.68
N GLN F 76 -2.84 -3.36 -20.09
CA GLN F 76 -1.67 -3.54 -19.25
C GLN F 76 -1.00 -2.22 -18.91
N LEU F 77 -1.01 -1.26 -19.84
CA LEU F 77 -0.34 0.01 -19.60
C LEU F 77 -0.98 0.76 -18.43
N ILE F 78 -2.30 0.79 -18.35
CA ILE F 78 -2.96 1.47 -17.24
C ILE F 78 -2.97 0.61 -15.99
N ASN F 79 -2.89 -0.71 -16.13
CA ASN F 79 -2.77 -1.56 -14.95
C ASN F 79 -1.44 -1.34 -14.26
N LYS F 80 -0.38 -1.13 -15.04
CA LYS F 80 0.93 -0.89 -14.46
C LYS F 80 1.00 0.47 -13.77
N ALA F 81 0.50 1.51 -14.44
CA ALA F 81 0.79 2.88 -14.07
C ALA F 81 -0.41 3.60 -13.45
N VAL F 82 -1.33 2.86 -12.86
CA VAL F 82 -2.49 3.51 -12.26
C VAL F 82 -2.09 4.27 -11.00
N ASN F 83 -1.20 3.68 -10.19
CA ASN F 83 -0.86 4.28 -8.90
C ASN F 83 0.16 5.39 -9.01
N ALA F 84 0.77 5.59 -10.16
CA ALA F 84 1.65 6.72 -10.38
C ALA F 84 0.91 7.97 -10.83
N LEU F 85 -0.41 7.89 -10.99
CA LEU F 85 -1.22 9.01 -11.43
C LEU F 85 -2.23 9.46 -10.39
N ILE F 86 -2.98 8.54 -9.81
CA ILE F 86 -4.08 8.92 -8.93
C ILE F 86 -3.86 8.40 -7.52
N ASN F 87 -4.76 8.75 -6.61
CA ASN F 87 -4.77 8.28 -5.24
C ASN F 87 -6.02 7.45 -5.05
N ASP F 88 -5.87 6.13 -4.89
CA ASP F 88 -7.01 5.24 -4.77
C ASP F 88 -7.81 5.53 -3.51
N GLN F 89 -7.15 5.99 -2.45
CA GLN F 89 -7.87 6.27 -1.23
C GLN F 89 -8.80 7.46 -1.37
N LEU F 90 -8.59 8.31 -2.36
CA LEU F 90 -9.52 9.42 -2.60
C LEU F 90 -10.86 8.90 -3.08
N ILE F 91 -10.86 8.02 -4.08
CA ILE F 91 -12.11 7.44 -4.53
C ILE F 91 -12.67 6.51 -3.47
N MET F 92 -11.81 5.93 -2.63
CA MET F 92 -12.32 5.16 -1.49
C MET F 92 -13.06 6.06 -0.50
N LYS F 93 -12.52 7.24 -0.25
CA LYS F 93 -13.19 8.19 0.65
C LYS F 93 -14.52 8.63 0.08
N ASN F 94 -14.57 8.89 -1.23
CA ASN F 94 -15.85 9.23 -1.84
C ASN F 94 -16.84 8.08 -1.76
N HIS F 95 -16.37 6.85 -1.92
CA HIS F 95 -17.24 5.69 -1.78
C HIS F 95 -17.79 5.59 -0.36
N LEU F 96 -16.94 5.80 0.64
CA LEU F 96 -17.39 5.78 2.03
C LEU F 96 -18.42 6.86 2.30
N ARG F 97 -18.18 8.07 1.78
CA ARG F 97 -19.15 9.14 1.96
C ARG F 97 -20.47 8.81 1.31
N ASP F 98 -20.44 8.17 0.14
CA ASP F 98 -21.67 7.72 -0.49
C ASP F 98 -22.40 6.70 0.37
N ILE F 99 -21.65 5.77 0.96
CA ILE F 99 -22.25 4.75 1.81
C ILE F 99 -22.92 5.39 3.02
N MET F 100 -22.26 6.38 3.62
CA MET F 100 -22.78 6.99 4.84
C MET F 100 -23.96 7.92 4.61
N GLY F 101 -24.31 8.21 3.36
CA GLY F 101 -25.44 9.07 3.06
C GLY F 101 -25.07 10.51 2.79
N ILE F 102 -23.83 10.90 3.02
CA ILE F 102 -23.37 12.27 2.75
C ILE F 102 -23.36 12.50 1.25
N PRO F 103 -23.66 13.71 0.77
CA PRO F 103 -23.41 14.02 -0.64
C PRO F 103 -21.97 13.79 -1.02
N TYR F 104 -21.73 12.80 -1.88
CA TYR F 104 -20.39 12.42 -2.28
C TYR F 104 -20.01 13.18 -3.55
N CYS F 105 -18.95 12.73 -4.21
CA CYS F 105 -18.41 13.40 -5.37
C CYS F 105 -18.17 12.40 -6.49
N ASN F 106 -19.03 12.39 -7.50
CA ASN F 106 -18.63 11.73 -8.72
C ASN F 106 -17.85 12.71 -9.58
N TYR F 107 -17.03 12.18 -10.48
CA TYR F 107 -15.94 12.97 -11.03
C TYR F 107 -16.31 13.71 -12.30
N SER F 108 -17.56 14.15 -12.44
CA SER F 108 -18.00 14.77 -13.68
C SER F 108 -17.85 16.30 -13.66
N LYS F 109 -18.52 16.96 -12.73
CA LYS F 109 -18.60 18.42 -12.74
C LYS F 109 -17.73 19.02 -11.65
N TYR F 110 -17.17 20.21 -11.93
CA TYR F 110 -16.29 20.91 -11.02
C TYR F 110 -16.68 22.38 -11.02
N TRP F 111 -16.42 23.07 -9.92
CA TRP F 111 -16.66 24.51 -9.83
C TRP F 111 -15.40 25.22 -9.40
N TYR F 112 -15.32 26.51 -9.73
CA TYR F 112 -14.17 27.31 -9.35
C TYR F 112 -14.57 28.78 -9.39
N LEU F 113 -13.75 29.61 -8.74
CA LEU F 113 -13.94 31.05 -8.71
C LEU F 113 -12.98 31.70 -9.69
N ASN F 114 -13.46 32.74 -10.38
CA ASN F 114 -12.68 33.36 -11.44
C ASN F 114 -12.80 34.86 -11.32
N HIS F 115 -11.67 35.52 -11.09
CA HIS F 115 -11.64 36.97 -10.87
C HIS F 115 -12.18 37.70 -12.10
N THR F 116 -13.04 38.68 -11.85
CA THR F 116 -13.69 39.39 -12.95
C THR F 116 -12.70 40.23 -13.74
N THR F 117 -11.76 40.89 -13.06
CA THR F 117 -10.84 41.82 -13.72
C THR F 117 -9.51 41.17 -14.07
N THR F 118 -8.80 40.63 -13.07
CA THR F 118 -7.47 40.09 -13.33
C THR F 118 -7.54 38.77 -14.10
N GLY F 119 -8.63 38.02 -13.96
CA GLY F 119 -8.73 36.73 -14.60
C GLY F 119 -8.11 35.59 -13.83
N ARG F 120 -7.66 35.83 -12.60
CA ARG F 120 -7.09 34.77 -11.79
C ARG F 120 -8.16 33.75 -11.42
N THR F 121 -7.73 32.50 -11.31
CA THR F 121 -8.63 31.37 -11.14
C THR F 121 -8.16 30.48 -10.00
N SER F 122 -9.09 30.03 -9.17
CA SER F 122 -8.76 29.10 -8.10
C SER F 122 -8.74 27.67 -8.66
N LEU F 123 -8.17 26.77 -7.88
CA LEU F 123 -8.14 25.36 -8.28
C LEU F 123 -9.54 24.79 -8.24
N PRO F 124 -10.04 24.21 -9.33
CA PRO F 124 -11.41 23.71 -9.33
C PRO F 124 -11.62 22.63 -8.29
N LYS F 125 -12.79 22.65 -7.66
CA LYS F 125 -13.22 21.63 -6.73
C LYS F 125 -14.48 20.96 -7.28
N CYS F 126 -14.68 19.70 -6.92
CA CYS F 126 -15.72 18.92 -7.56
C CYS F 126 -17.08 19.24 -6.97
N TRP F 127 -18.09 19.26 -7.84
CA TRP F 127 -19.45 19.55 -7.44
C TRP F 127 -20.07 18.30 -6.84
N LEU F 128 -20.60 18.40 -5.63
CA LEU F 128 -21.12 17.25 -4.93
C LEU F 128 -22.49 16.86 -5.45
N VAL F 129 -22.82 15.58 -5.33
CA VAL F 129 -24.11 15.04 -5.75
C VAL F 129 -24.79 14.41 -4.56
N SER F 130 -26.07 14.72 -4.38
CA SER F 130 -26.91 14.07 -3.39
C SER F 130 -28.23 13.73 -4.04
N ASN F 131 -28.77 12.55 -3.77
CA ASN F 131 -29.98 12.08 -4.42
C ASN F 131 -29.85 12.05 -5.94
N GLY F 132 -28.66 11.73 -6.44
CA GLY F 132 -28.47 11.68 -7.88
C GLY F 132 -28.75 12.98 -8.59
N SER F 133 -28.55 14.11 -7.91
CA SER F 133 -28.67 15.42 -8.51
C SER F 133 -27.67 16.34 -7.85
N TYR F 134 -27.12 17.27 -8.62
CA TYR F 134 -26.10 18.17 -8.09
C TYR F 134 -26.69 19.06 -7.01
N LEU F 135 -25.93 19.24 -5.93
CA LEU F 135 -26.32 20.18 -4.89
C LEU F 135 -26.37 21.59 -5.46
N ASN F 136 -27.28 22.40 -4.94
CA ASN F 136 -27.32 23.78 -5.38
C ASN F 136 -26.40 24.66 -4.54
N GLU F 137 -26.02 25.79 -5.12
CA GLU F 137 -25.00 26.65 -4.53
C GLU F 137 -25.40 27.13 -3.15
N THR F 138 -26.70 27.24 -2.89
CA THR F 138 -27.16 27.69 -1.59
C THR F 138 -26.80 26.71 -0.48
N HIS F 139 -26.42 25.48 -0.82
CA HIS F 139 -26.10 24.47 0.17
C HIS F 139 -24.60 24.22 0.31
N PHE F 140 -23.76 24.91 -0.45
CA PHE F 140 -22.34 24.90 -0.16
C PHE F 140 -21.72 26.28 -0.36
N SER F 141 -22.49 27.33 -0.11
CA SER F 141 -21.99 28.69 -0.27
C SER F 141 -20.88 29.01 0.72
N ASP F 142 -20.86 28.35 1.88
CA ASP F 142 -19.78 28.56 2.83
C ASP F 142 -18.45 28.11 2.26
N ASP F 143 -18.44 27.00 1.53
CA ASP F 143 -17.22 26.53 0.88
C ASP F 143 -16.73 27.53 -0.14
N ILE F 144 -17.65 28.11 -0.92
CA ILE F 144 -17.28 29.10 -1.91
C ILE F 144 -16.71 30.35 -1.24
N GLU F 145 -17.32 30.76 -0.13
CA GLU F 145 -16.80 31.92 0.59
C GLU F 145 -15.41 31.64 1.16
N GLN F 146 -15.19 30.42 1.65
CA GLN F 146 -13.87 30.07 2.14
C GLN F 146 -12.84 30.09 1.00
N GLN F 147 -13.23 29.62 -0.17
CA GLN F 147 -12.33 29.70 -1.32
C GLN F 147 -12.02 31.16 -1.67
N ALA F 148 -13.03 32.03 -1.60
CA ALA F 148 -12.79 33.45 -1.86
C ALA F 148 -11.84 34.04 -0.84
N ASP F 149 -12.00 33.68 0.42
CA ASP F 149 -11.07 34.15 1.46
C ASP F 149 -9.65 33.68 1.18
N ASN F 150 -9.48 32.41 0.81
CA ASN F 150 -8.16 31.90 0.50
C ASN F 150 -7.56 32.62 -0.70
N MET F 151 -8.38 32.89 -1.71
CA MET F 151 -7.90 33.61 -2.88
C MET F 151 -7.44 35.01 -2.52
N ILE F 152 -8.21 35.71 -1.69
CA ILE F 152 -7.82 37.05 -1.25
C ILE F 152 -6.52 37.00 -0.47
N THR F 153 -6.40 36.03 0.45
CA THR F 153 -5.19 35.92 1.25
C THR F 153 -3.98 35.65 0.37
N GLU F 154 -4.12 34.76 -0.61
CA GLU F 154 -3.02 34.51 -1.54
C GLU F 154 -2.67 35.75 -2.33
N MET F 155 -3.68 36.49 -2.77
CA MET F 155 -3.44 37.72 -3.54
C MET F 155 -2.72 38.76 -2.70
N LEU F 156 -2.94 38.76 -1.38
CA LEU F 156 -2.28 39.75 -0.52
C LEU F 156 -0.77 39.60 -0.57
N GLN F 157 -0.27 38.37 -0.53
CA GLN F 157 1.16 38.14 -0.60
C GLN F 157 1.54 37.42 -1.90
N THR G 2 15.26 9.17 -39.90
CA THR G 2 13.94 9.48 -40.45
C THR G 2 14.06 10.31 -41.72
N THR G 3 13.15 10.07 -42.65
CA THR G 3 13.08 10.84 -43.89
C THR G 3 11.67 11.36 -44.05
N LEU G 4 11.55 12.50 -44.72
CA LEU G 4 10.25 13.11 -44.94
C LEU G 4 10.21 13.72 -46.34
N THR G 5 9.10 13.50 -47.03
CA THR G 5 8.94 13.93 -48.41
C THR G 5 7.68 14.78 -48.53
N GLN G 6 7.75 15.82 -49.36
CA GLN G 6 6.62 16.68 -49.64
C GLN G 6 5.97 16.22 -50.93
N SER G 7 4.68 15.90 -50.87
CA SER G 7 4.01 15.26 -52.00
C SER G 7 3.94 16.12 -53.26
N PRO G 8 3.44 17.38 -53.23
CA PRO G 8 3.17 18.06 -54.49
C PRO G 8 4.41 18.42 -55.29
N ALA G 9 5.38 19.06 -54.64
CA ALA G 9 6.67 19.48 -55.18
C ALA G 9 6.57 20.61 -56.20
N THR G 10 5.36 21.01 -56.61
CA THR G 10 5.19 22.15 -57.51
C THR G 10 3.74 22.61 -57.52
N LEU G 11 3.51 23.89 -57.24
CA LEU G 11 2.18 24.49 -57.26
C LEU G 11 2.23 25.68 -58.21
N SER G 12 1.88 25.45 -59.48
CA SER G 12 1.76 26.53 -60.45
C SER G 12 0.39 27.16 -60.28
N VAL G 13 0.27 27.97 -59.23
CA VAL G 13 -0.99 28.56 -58.83
C VAL G 13 -0.99 30.05 -59.13
N SER G 14 -2.17 30.57 -59.41
CA SER G 14 -2.35 31.99 -59.67
C SER G 14 -2.28 32.79 -58.37
N PRO G 15 -1.88 34.05 -58.44
CA PRO G 15 -1.89 34.89 -57.24
C PRO G 15 -3.30 35.17 -56.76
N GLY G 16 -3.42 35.41 -55.45
CA GLY G 16 -4.67 35.79 -54.84
C GLY G 16 -5.44 34.66 -54.20
N GLU G 17 -5.15 33.41 -54.57
CA GLU G 17 -5.86 32.26 -54.04
C GLU G 17 -5.02 31.56 -52.97
N THR G 18 -5.68 30.69 -52.21
CA THR G 18 -5.01 29.96 -51.15
C THR G 18 -4.14 28.85 -51.73
N ALA G 19 -3.14 28.43 -50.94
CA ALA G 19 -2.28 27.32 -51.29
C ALA G 19 -2.14 26.39 -50.11
N THR G 20 -1.95 25.10 -50.39
CA THR G 20 -1.80 24.09 -49.36
C THR G 20 -0.64 23.17 -49.70
N LEU G 21 0.27 23.00 -48.74
CA LEU G 21 1.43 22.13 -48.89
C LEU G 21 1.37 21.02 -47.86
N SER G 22 1.84 19.84 -48.23
CA SER G 22 1.73 18.65 -47.39
C SER G 22 3.11 18.08 -47.11
N CYS G 23 3.28 17.57 -45.89
CA CYS G 23 4.52 16.94 -45.46
C CYS G 23 4.21 15.65 -44.74
N ARG G 24 4.93 14.59 -45.08
CA ARG G 24 4.78 13.29 -44.43
C ARG G 24 6.16 12.77 -44.06
N ALA G 25 6.25 12.14 -42.88
CA ALA G 25 7.51 11.70 -42.33
C ALA G 25 7.59 10.17 -42.34
N SER G 26 8.82 9.66 -42.21
CA SER G 26 9.01 8.22 -42.14
C SER G 26 8.50 7.65 -40.83
N GLN G 27 8.83 8.30 -39.72
CA GLN G 27 8.47 7.83 -38.39
C GLN G 27 7.60 8.87 -37.70
N ASN G 28 7.30 8.63 -36.42
CA ASN G 28 6.47 9.54 -35.66
C ASN G 28 7.28 10.74 -35.22
N VAL G 29 6.82 11.93 -35.59
CA VAL G 29 7.43 13.20 -35.19
C VAL G 29 6.30 14.02 -34.59
N ILE G 30 6.13 13.90 -33.27
CA ILE G 30 4.99 14.53 -32.60
C ILE G 30 5.20 16.04 -32.56
N ASN G 31 4.34 16.76 -33.27
CA ASN G 31 4.25 18.22 -33.31
C ASN G 31 5.61 18.90 -33.19
N ASN G 32 6.61 18.36 -33.88
CA ASN G 32 7.98 18.85 -33.84
C ASN G 32 8.45 19.14 -35.24
N LEU G 33 7.65 19.89 -35.98
CA LEU G 33 7.96 20.26 -37.35
C LEU G 33 8.28 21.74 -37.46
N ALA G 34 8.98 22.09 -38.52
CA ALA G 34 9.32 23.47 -38.80
C ALA G 34 9.22 23.72 -40.29
N TRP G 35 8.50 24.77 -40.65
CA TRP G 35 8.35 25.20 -42.03
C TRP G 35 9.23 26.43 -42.24
N TYR G 36 10.11 26.36 -43.22
CA TYR G 36 10.97 27.48 -43.60
C TYR G 36 10.63 27.94 -45.01
N GLN G 37 10.84 29.23 -45.27
CA GLN G 37 10.61 29.82 -46.57
C GLN G 37 11.92 30.37 -47.11
N GLN G 38 12.22 30.06 -48.37
CA GLN G 38 13.47 30.48 -49.00
C GLN G 38 13.13 31.23 -50.28
N LYS G 39 13.38 32.53 -50.28
CA LYS G 39 13.27 33.33 -51.48
C LYS G 39 14.39 32.97 -52.44
N PRO G 40 14.24 33.28 -53.73
CA PRO G 40 15.34 33.05 -54.67
C PRO G 40 16.56 33.89 -54.31
N GLY G 41 17.69 33.22 -54.12
CA GLY G 41 18.92 33.90 -53.79
C GLY G 41 18.98 34.51 -52.41
N GLN G 42 18.26 33.92 -51.45
CA GLN G 42 18.24 34.42 -50.08
C GLN G 42 18.27 33.26 -49.11
N ALA G 43 18.73 33.53 -47.90
CA ALA G 43 18.78 32.51 -46.87
C ALA G 43 17.38 32.12 -46.42
N PRO G 44 17.16 30.87 -46.02
CA PRO G 44 15.86 30.46 -45.51
C PRO G 44 15.52 31.19 -44.23
N ARG G 45 14.22 31.34 -43.97
CA ARG G 45 13.75 31.94 -42.74
C ARG G 45 12.70 31.04 -42.11
N LEU G 46 12.69 31.02 -40.78
CA LEU G 46 11.75 30.16 -40.06
C LEU G 46 10.35 30.75 -40.13
N LEU G 47 9.44 30.02 -40.76
CA LEU G 47 8.04 30.44 -40.84
C LEU G 47 7.24 29.90 -39.67
N ILE G 48 7.20 28.58 -39.52
CA ILE G 48 6.39 27.94 -38.50
C ILE G 48 7.29 27.02 -37.68
N TYR G 49 7.18 27.08 -36.36
CA TYR G 49 7.86 26.15 -35.49
C TYR G 49 6.83 25.47 -34.58
N GLY G 50 7.18 24.28 -34.11
CA GLY G 50 6.18 23.51 -33.41
C GLY G 50 5.14 23.02 -34.41
N ALA G 51 3.98 22.65 -33.89
CA ALA G 51 2.90 22.22 -34.76
C ALA G 51 2.36 23.40 -35.58
N SER G 52 1.88 24.43 -34.90
CA SER G 52 1.15 25.51 -35.57
C SER G 52 1.51 26.89 -35.05
N THR G 53 2.59 27.04 -34.29
CA THR G 53 2.96 28.33 -33.73
C THR G 53 3.74 29.13 -34.76
N ARG G 54 3.30 30.36 -35.00
CA ARG G 54 3.94 31.21 -35.98
C ARG G 54 5.13 31.94 -35.37
N ALA G 55 6.21 32.04 -36.13
CA ALA G 55 7.39 32.74 -35.66
C ALA G 55 7.11 34.23 -35.54
N THR G 56 7.93 34.90 -34.73
CA THR G 56 7.75 36.33 -34.51
C THR G 56 7.93 37.10 -35.82
N GLY G 57 7.03 38.05 -36.06
CA GLY G 57 7.09 38.86 -37.26
C GLY G 57 6.51 38.21 -38.50
N ILE G 58 5.92 37.02 -38.38
CA ILE G 58 5.35 36.33 -39.53
C ILE G 58 3.89 36.75 -39.70
N PRO G 59 3.46 37.10 -40.91
CA PRO G 59 2.07 37.49 -41.12
C PRO G 59 1.12 36.33 -40.88
N ALA G 60 -0.11 36.67 -40.49
CA ALA G 60 -1.11 35.67 -40.12
C ALA G 60 -1.65 34.90 -41.32
N ARG G 61 -1.20 35.20 -42.54
CA ARG G 61 -1.66 34.45 -43.70
C ARG G 61 -1.25 32.99 -43.60
N PHE G 62 -0.01 32.73 -43.19
CA PHE G 62 0.47 31.36 -43.06
C PHE G 62 -0.15 30.70 -41.85
N SER G 63 -0.49 29.42 -41.98
CA SER G 63 -0.99 28.65 -40.86
C SER G 63 -0.50 27.21 -41.00
N GLY G 64 -0.20 26.59 -39.87
CA GLY G 64 0.26 25.21 -39.86
C GLY G 64 -0.75 24.33 -39.14
N SER G 65 -0.76 23.05 -39.50
CA SER G 65 -1.65 22.10 -38.85
C SER G 65 -1.11 20.70 -39.05
N GLY G 66 -1.64 19.78 -38.26
CA GLY G 66 -1.27 18.38 -38.35
C GLY G 66 -0.38 17.96 -37.18
N SER G 67 -0.03 16.68 -37.20
CA SER G 67 0.76 16.08 -36.15
C SER G 67 1.16 14.69 -36.59
N GLY G 68 1.83 13.97 -35.69
CA GLY G 68 2.18 12.59 -35.96
C GLY G 68 3.02 12.44 -37.21
N THR G 69 2.41 11.95 -38.28
CA THR G 69 3.08 11.72 -39.54
C THR G 69 2.62 12.66 -40.64
N GLU G 70 1.52 13.38 -40.46
CA GLU G 70 0.95 14.21 -41.53
C GLU G 70 0.86 15.66 -41.07
N PHE G 71 1.38 16.57 -41.89
CA PHE G 71 1.35 17.99 -41.60
C PHE G 71 0.99 18.77 -42.85
N THR G 72 0.38 19.95 -42.64
CA THR G 72 -0.04 20.81 -43.74
C THR G 72 0.26 22.26 -43.42
N LEU G 73 0.57 23.02 -44.46
CA LEU G 73 0.81 24.46 -44.38
C LEU G 73 -0.11 25.15 -45.37
N THR G 74 -0.92 26.09 -44.88
CA THR G 74 -1.91 26.78 -45.70
C THR G 74 -1.56 28.27 -45.76
N ILE G 75 -1.56 28.81 -46.97
CA ILE G 75 -1.39 30.23 -47.21
C ILE G 75 -2.72 30.79 -47.71
N SER G 76 -3.29 31.73 -46.96
CA SER G 76 -4.66 32.16 -47.21
C SER G 76 -4.73 33.13 -48.38
N SER G 77 -4.14 34.31 -48.24
CA SER G 77 -4.20 35.34 -49.26
C SER G 77 -2.80 35.50 -49.84
N MET G 78 -2.51 34.74 -50.88
CA MET G 78 -1.18 34.75 -51.48
C MET G 78 -0.87 36.13 -52.06
N GLN G 79 0.37 36.56 -51.88
CA GLN G 79 0.86 37.82 -52.42
C GLN G 79 2.02 37.55 -53.38
N SER G 80 2.60 38.63 -53.90
CA SER G 80 3.71 38.49 -54.83
C SER G 80 4.94 37.91 -54.16
N GLU G 81 5.20 38.32 -52.91
CA GLU G 81 6.39 37.87 -52.21
C GLU G 81 6.29 36.41 -51.76
N ASP G 82 5.07 35.88 -51.64
CA ASP G 82 4.89 34.53 -51.13
C ASP G 82 5.42 33.46 -52.08
N PHE G 83 5.76 33.80 -53.31
CA PHE G 83 6.30 32.82 -54.26
C PHE G 83 7.75 32.55 -53.89
N ALA G 84 8.00 31.38 -53.33
CA ALA G 84 9.33 31.00 -52.87
C ALA G 84 9.38 29.47 -52.81
N VAL G 85 10.43 28.95 -52.18
CA VAL G 85 10.60 27.51 -51.98
C VAL G 85 10.38 27.21 -50.51
N TYR G 86 9.47 26.29 -50.21
CA TYR G 86 9.09 26.01 -48.83
C TYR G 86 9.64 24.66 -48.41
N TYR G 87 10.29 24.63 -47.25
CA TYR G 87 10.99 23.45 -46.76
C TYR G 87 10.40 22.99 -45.44
N CYS G 88 10.38 21.67 -45.27
CA CYS G 88 9.80 20.99 -44.11
C CYS G 88 10.92 20.26 -43.37
N GLN G 89 11.05 20.53 -42.07
CA GLN G 89 12.11 19.94 -41.27
C GLN G 89 11.56 19.34 -39.99
N GLN G 90 12.06 18.17 -39.62
CA GLN G 90 11.72 17.54 -38.35
C GLN G 90 12.89 17.70 -37.39
N TYR G 91 12.59 17.98 -36.13
CA TYR G 91 13.62 18.05 -35.12
C TYR G 91 13.25 17.23 -33.90
N ASN G 92 12.51 16.14 -34.10
CA ASN G 92 12.17 15.26 -32.99
C ASN G 92 13.33 14.36 -32.60
N ASP G 93 14.20 14.01 -33.53
CA ASP G 93 15.34 13.16 -33.22
C ASP G 93 16.48 13.47 -34.17
N TRP G 94 17.69 13.13 -33.73
CA TRP G 94 18.87 13.36 -34.53
C TRP G 94 19.09 12.20 -35.50
N PRO G 95 19.63 12.47 -36.69
CA PRO G 95 20.01 13.79 -37.19
C PRO G 95 18.81 14.56 -37.74
N ARG G 96 18.90 15.89 -37.75
CA ARG G 96 17.85 16.69 -38.34
C ARG G 96 17.81 16.48 -39.85
N SER G 97 16.61 16.46 -40.41
CA SER G 97 16.43 16.16 -41.81
C SER G 97 15.44 17.13 -42.44
N PHE G 98 15.68 17.47 -43.69
CA PHE G 98 14.84 18.37 -44.46
C PHE G 98 14.15 17.62 -45.59
N GLY G 99 13.03 18.17 -46.04
CA GLY G 99 12.37 17.62 -47.20
C GLY G 99 13.06 18.03 -48.50
N GLN G 100 12.63 17.41 -49.59
CA GLN G 100 13.19 17.76 -50.89
C GLN G 100 12.75 19.13 -51.36
N GLY G 101 11.78 19.74 -50.71
CA GLY G 101 11.37 21.09 -51.03
C GLY G 101 10.28 21.13 -52.09
N THR G 102 9.58 22.27 -52.12
CA THR G 102 8.51 22.51 -53.08
C THR G 102 8.68 23.90 -53.67
N ARG G 103 8.30 24.05 -54.94
CA ARG G 103 8.40 25.32 -55.64
C ARG G 103 7.01 25.91 -55.81
N LEU G 104 6.88 27.18 -55.45
CA LEU G 104 5.60 27.89 -55.51
C LEU G 104 5.74 29.03 -56.52
N ASP G 105 5.06 28.89 -57.65
CA ASP G 105 5.08 29.92 -58.69
C ASP G 105 3.71 30.09 -59.34
N VAL H 2 20.89 40.33 -33.36
CA VAL H 2 20.51 38.93 -33.33
C VAL H 2 21.06 38.25 -34.59
N GLN H 3 21.41 39.07 -35.57
CA GLN H 3 21.85 38.56 -36.86
C GLN H 3 23.18 37.84 -36.75
N LEU H 4 23.43 36.96 -37.72
CA LEU H 4 24.68 36.23 -37.85
C LEU H 4 25.31 36.56 -39.19
N VAL H 5 26.62 36.75 -39.20
CA VAL H 5 27.36 37.09 -40.41
C VAL H 5 28.39 35.99 -40.68
N GLN H 6 28.39 35.49 -41.90
CA GLN H 6 29.32 34.45 -42.30
C GLN H 6 30.48 35.06 -43.08
N SER H 7 31.43 34.22 -43.46
CA SER H 7 32.62 34.69 -44.17
C SER H 7 32.27 35.02 -45.62
N GLY H 8 33.27 35.46 -46.37
CA GLY H 8 33.10 35.80 -47.76
C GLY H 8 33.14 34.58 -48.66
N ALA H 9 33.04 34.84 -49.96
CA ALA H 9 33.00 33.78 -50.95
C ALA H 9 34.41 33.25 -51.19
N GLU H 10 34.63 31.97 -50.88
CA GLU H 10 35.91 31.32 -51.06
C GLU H 10 35.85 30.32 -52.20
N VAL H 11 36.88 30.34 -53.05
CA VAL H 11 37.04 29.38 -54.14
C VAL H 11 38.47 28.87 -54.11
N LYS H 12 38.64 27.56 -54.28
CA LYS H 12 39.98 26.98 -54.23
C LYS H 12 40.00 25.65 -54.95
N LYS H 13 41.20 25.19 -55.25
CA LYS H 13 41.40 23.95 -55.98
C LYS H 13 40.94 22.76 -55.13
N PRO H 14 40.34 21.74 -55.75
CA PRO H 14 39.97 20.54 -55.00
C PRO H 14 41.19 19.86 -54.38
N GLY H 15 40.97 19.27 -53.22
CA GLY H 15 42.02 18.62 -52.46
C GLY H 15 42.52 19.41 -51.28
N ALA H 16 42.25 20.72 -51.24
CA ALA H 16 42.64 21.55 -50.12
C ALA H 16 41.58 21.46 -49.02
N SER H 17 41.66 22.32 -48.02
CA SER H 17 40.70 22.37 -46.94
C SER H 17 40.04 23.75 -46.90
N VAL H 18 38.74 23.77 -46.67
CA VAL H 18 37.95 25.01 -46.72
C VAL H 18 37.54 25.38 -45.30
N LYS H 19 37.77 26.63 -44.92
CA LYS H 19 37.39 27.15 -43.62
C LYS H 19 36.35 28.24 -43.79
N VAL H 20 35.22 28.09 -43.10
CA VAL H 20 34.14 29.09 -43.15
C VAL H 20 33.65 29.35 -41.74
N SER H 21 33.49 30.62 -41.39
CA SER H 21 33.14 30.99 -40.02
C SER H 21 31.93 31.91 -40.02
N CYS H 22 31.09 31.76 -38.99
CA CYS H 22 29.98 32.67 -38.75
C CYS H 22 30.15 33.30 -37.37
N LYS H 23 30.07 34.62 -37.31
CA LYS H 23 30.21 35.37 -36.07
C LYS H 23 28.85 35.86 -35.61
N ALA H 24 28.49 35.55 -34.38
CA ALA H 24 27.20 35.92 -33.83
C ALA H 24 27.26 37.26 -33.12
N SER H 25 26.11 37.90 -33.00
CA SER H 25 25.98 39.15 -32.26
C SER H 25 24.52 39.36 -31.91
N GLY H 26 24.30 40.20 -30.90
CA GLY H 26 22.95 40.53 -30.47
C GLY H 26 22.34 39.60 -29.45
N TYR H 27 23.05 38.58 -28.99
CA TYR H 27 22.53 37.66 -28.00
C TYR H 27 23.70 37.01 -27.27
N THR H 28 23.38 36.37 -26.15
CA THR H 28 24.38 35.64 -25.38
C THR H 28 24.87 34.45 -26.20
N PHE H 29 26.09 34.53 -26.72
CA PHE H 29 26.59 33.50 -27.61
C PHE H 29 26.68 32.15 -26.91
N THR H 30 26.91 32.16 -25.59
CA THR H 30 27.08 30.90 -24.86
C THR H 30 25.77 30.12 -24.77
N LYS H 31 24.64 30.81 -24.69
CA LYS H 31 23.38 30.15 -24.40
C LYS H 31 22.81 29.36 -25.57
N TYR H 32 23.29 29.60 -26.80
CA TYR H 32 22.73 28.98 -27.98
C TYR H 32 23.81 28.25 -28.77
N GLY H 33 23.52 27.04 -29.25
CA GLY H 33 24.43 26.35 -30.13
C GLY H 33 24.21 26.73 -31.59
N ILE H 34 25.09 26.21 -32.43
CA ILE H 34 25.13 26.56 -33.85
C ILE H 34 25.03 25.29 -34.67
N SER H 35 24.11 25.28 -35.64
CA SER H 35 23.93 24.17 -36.55
C SER H 35 24.39 24.59 -37.95
N TRP H 36 24.86 23.62 -38.72
CA TRP H 36 25.42 23.88 -40.04
C TRP H 36 24.65 23.11 -41.10
N VAL H 37 24.21 23.81 -42.14
CA VAL H 37 23.42 23.21 -43.21
C VAL H 37 24.10 23.50 -44.55
N ARG H 38 24.04 22.53 -45.45
CA ARG H 38 24.65 22.65 -46.77
C ARG H 38 23.58 22.48 -47.84
N GLN H 39 23.63 23.32 -48.86
CA GLN H 39 22.70 23.23 -49.98
C GLN H 39 23.48 23.23 -51.28
N ALA H 40 23.40 22.13 -52.02
CA ALA H 40 24.01 22.07 -53.33
C ALA H 40 23.24 22.97 -54.30
N PRO H 41 23.89 23.46 -55.35
CA PRO H 41 23.21 24.38 -56.27
C PRO H 41 21.98 23.75 -56.90
N GLY H 42 20.81 24.29 -56.59
CA GLY H 42 19.56 23.79 -57.11
C GLY H 42 18.96 22.62 -56.35
N GLN H 43 19.62 22.13 -55.31
CA GLN H 43 19.14 20.99 -54.54
C GLN H 43 18.64 21.46 -53.18
N GLY H 44 18.13 20.50 -52.41
CA GLY H 44 17.58 20.80 -51.11
C GLY H 44 18.64 20.95 -50.03
N LEU H 45 18.20 21.45 -48.88
CA LEU H 45 19.10 21.66 -47.76
C LEU H 45 19.53 20.34 -47.16
N GLU H 46 20.78 20.27 -46.73
CA GLU H 46 21.35 19.07 -46.13
C GLU H 46 21.98 19.43 -44.79
N TRP H 47 21.67 18.64 -43.76
CA TRP H 47 22.17 18.90 -42.42
C TRP H 47 23.49 18.18 -42.18
N MET H 48 24.43 18.88 -41.55
CA MET H 48 25.76 18.35 -41.31
C MET H 48 26.05 18.13 -39.83
N GLY H 49 25.85 19.13 -38.98
CA GLY H 49 26.15 18.94 -37.58
C GLY H 49 25.65 20.09 -36.74
N TRP H 50 25.76 19.91 -35.43
CA TRP H 50 25.35 20.90 -34.46
C TRP H 50 26.36 20.91 -33.31
N ILE H 51 26.86 22.08 -32.96
CA ILE H 51 27.84 22.22 -31.89
C ILE H 51 27.33 23.24 -30.89
N SER H 52 27.28 22.86 -29.62
CA SER H 52 26.85 23.77 -28.57
C SER H 52 27.96 24.77 -28.27
N ALA H 53 27.56 26.01 -28.03
CA ALA H 53 28.51 27.05 -27.65
C ALA H 53 28.71 27.13 -26.15
N PHE H 54 28.13 26.19 -25.40
CA PHE H 54 28.30 26.16 -23.93
C PHE H 54 29.57 25.38 -23.58
N ASN H 55 29.63 24.09 -23.93
CA ASN H 55 30.80 23.25 -23.57
C ASN H 55 31.51 22.74 -24.82
N GLY H 56 30.92 22.93 -26.00
CA GLY H 56 31.51 22.42 -27.25
C GLY H 56 31.04 21.01 -27.59
N TYR H 57 29.96 20.54 -26.96
CA TYR H 57 29.39 19.21 -27.29
C TYR H 57 29.06 19.18 -28.78
N THR H 58 29.36 18.08 -29.46
CA THR H 58 29.18 18.06 -30.94
C THR H 58 28.36 16.86 -31.41
N ARG H 59 27.29 17.09 -32.18
CA ARG H 59 26.54 16.02 -32.81
C ARG H 59 26.77 16.15 -34.31
N TYR H 60 27.49 15.20 -34.89
CA TYR H 60 27.82 15.24 -36.30
C TYR H 60 26.80 14.46 -37.12
N GLY H 61 26.76 14.76 -38.41
CA GLY H 61 26.03 13.92 -39.32
C GLY H 61 26.74 12.60 -39.56
N GLN H 62 25.95 11.56 -39.79
CA GLN H 62 26.52 10.22 -39.92
C GLN H 62 27.45 10.10 -41.12
N ARG H 63 27.26 10.93 -42.14
CA ARG H 63 28.10 10.90 -43.33
C ARG H 63 29.13 12.03 -43.37
N PHE H 64 29.22 12.84 -42.30
CA PHE H 64 30.13 13.97 -42.28
C PHE H 64 31.20 13.84 -41.20
N GLN H 65 31.32 12.68 -40.58
CA GLN H 65 32.34 12.49 -39.56
C GLN H 65 33.74 12.50 -40.17
N GLY H 66 34.65 13.22 -39.53
CA GLY H 66 36.01 13.33 -40.01
C GLY H 66 36.22 14.29 -41.15
N LYS H 67 35.38 14.22 -42.18
CA LYS H 67 35.51 15.13 -43.31
C LYS H 67 35.18 16.56 -42.92
N VAL H 68 34.29 16.75 -41.95
CA VAL H 68 33.84 18.06 -41.51
C VAL H 68 34.16 18.21 -40.03
N THR H 69 34.74 19.35 -39.66
CA THR H 69 35.07 19.63 -38.27
C THR H 69 34.46 20.96 -37.86
N MET H 70 33.74 20.96 -36.75
CA MET H 70 33.10 22.17 -36.23
C MET H 70 33.73 22.57 -34.91
N THR H 71 34.05 23.85 -34.77
CA THR H 71 34.63 24.38 -33.55
C THR H 71 33.93 25.67 -33.17
N THR H 72 34.04 26.03 -31.90
CA THR H 72 33.49 27.27 -31.39
C THR H 72 34.57 28.04 -30.65
N ASP H 73 34.42 29.36 -30.61
CA ASP H 73 35.34 30.22 -29.87
C ASP H 73 34.51 31.33 -29.22
N THR H 74 34.42 31.29 -27.89
CA THR H 74 33.59 32.24 -27.16
C THR H 74 34.23 33.62 -27.07
N SER H 75 35.56 33.69 -27.04
CA SER H 75 36.23 34.98 -26.92
C SER H 75 35.88 35.89 -28.09
N THR H 76 35.93 35.37 -29.30
CA THR H 76 35.61 36.15 -30.50
C THR H 76 34.19 35.92 -30.99
N ASN H 77 33.40 35.11 -30.29
CA ASN H 77 32.00 34.84 -30.64
C ASN H 77 31.90 34.31 -32.08
N THR H 78 32.58 33.21 -32.33
CA THR H 78 32.59 32.63 -33.67
C THR H 78 32.34 31.13 -33.63
N ALA H 79 31.72 30.64 -34.69
CA ALA H 79 31.58 29.21 -34.93
C ALA H 79 32.16 28.90 -36.29
N SER H 80 33.12 27.98 -36.34
CA SER H 80 33.89 27.73 -37.53
C SER H 80 33.71 26.29 -38.00
N LEU H 81 33.75 26.12 -39.32
CA LEU H 81 33.58 24.83 -39.97
C LEU H 81 34.72 24.62 -40.94
N GLU H 82 35.24 23.39 -40.99
CA GLU H 82 36.37 23.04 -41.82
C GLU H 82 36.04 21.78 -42.61
N VAL H 83 36.30 21.83 -43.91
CA VAL H 83 36.10 20.71 -44.82
C VAL H 83 37.46 20.23 -45.28
N ARG H 84 37.69 18.92 -45.15
CA ARG H 84 39.04 18.36 -45.31
C ARG H 84 39.39 18.11 -46.76
N THR H 85 38.65 17.23 -47.43
CA THR H 85 38.96 16.83 -48.80
C THR H 85 37.84 17.32 -49.72
N LEU H 86 38.08 18.44 -50.40
CA LEU H 86 37.07 19.00 -51.28
C LEU H 86 36.91 18.16 -52.53
N THR H 87 35.69 18.16 -53.06
CA THR H 87 35.33 17.41 -54.25
C THR H 87 34.21 18.16 -54.95
N SER H 88 34.03 17.88 -56.25
CA SER H 88 33.01 18.56 -57.03
C SER H 88 31.62 18.43 -56.42
N ASN H 89 31.34 17.28 -55.79
CA ASN H 89 30.05 17.11 -55.14
C ASN H 89 29.91 17.93 -53.86
N ASP H 90 30.99 18.56 -53.39
CA ASP H 90 30.96 19.40 -52.21
C ASP H 90 30.82 20.88 -52.53
N THR H 91 30.83 21.25 -53.81
CA THR H 91 30.55 22.63 -54.20
C THR H 91 29.10 22.95 -53.85
N ALA H 92 28.90 23.95 -53.00
CA ALA H 92 27.57 24.22 -52.47
C ALA H 92 27.57 25.58 -51.79
N VAL H 93 26.49 25.87 -51.06
CA VAL H 93 26.36 27.05 -50.23
C VAL H 93 26.09 26.60 -48.81
N TYR H 94 26.86 27.11 -47.86
CA TYR H 94 26.82 26.70 -46.47
C TYR H 94 26.13 27.79 -45.64
N TYR H 95 25.22 27.35 -44.77
CA TYR H 95 24.42 28.23 -43.93
C TYR H 95 24.68 27.91 -42.46
N CYS H 96 24.93 28.95 -41.69
CA CYS H 96 25.09 28.87 -40.24
C CYS H 96 23.79 29.29 -39.58
N ALA H 97 23.20 28.39 -38.79
CA ALA H 97 21.92 28.65 -38.15
C ALA H 97 22.06 28.55 -36.64
N ARG H 98 21.18 29.24 -35.94
CA ARG H 98 21.24 29.37 -34.48
C ARG H 98 20.15 28.47 -33.87
N GLN H 99 20.56 27.54 -33.01
CA GLN H 99 19.66 26.54 -32.44
C GLN H 99 19.89 26.42 -30.95
N TYR H 100 18.82 26.47 -30.19
CA TYR H 100 18.95 26.31 -28.74
C TYR H 100 19.11 24.83 -28.40
N PRO H 101 19.90 24.51 -27.37
CA PRO H 101 20.07 23.11 -26.99
C PRO H 101 18.74 22.49 -26.55
N ASP H 102 18.53 21.23 -26.93
CA ASP H 102 17.36 20.51 -26.47
C ASP H 102 17.45 20.30 -24.97
N GLN H 103 16.32 20.46 -24.28
CA GLN H 103 16.30 20.47 -22.83
C GLN H 103 15.52 19.29 -22.29
N TYR H 104 16.12 18.55 -21.37
CA TYR H 104 15.48 17.46 -20.67
C TYR H 104 15.58 17.71 -19.16
N SER H 105 14.59 17.20 -18.42
CA SER H 105 14.59 17.34 -16.98
C SER H 105 13.88 16.15 -16.37
N SER H 106 14.16 15.89 -15.10
CA SER H 106 13.55 14.76 -14.41
C SER H 106 12.05 14.97 -14.26
N SER H 107 11.64 16.12 -13.73
CA SER H 107 10.23 16.44 -13.54
C SER H 107 9.83 17.41 -14.64
N GLY H 108 9.51 16.85 -15.80
CA GLY H 108 9.17 17.66 -16.94
C GLY H 108 9.17 16.81 -18.20
N TRP H 109 9.11 17.49 -19.33
CA TRP H 109 9.12 16.81 -20.62
C TRP H 109 10.11 17.48 -21.55
N PRO H 110 10.65 16.74 -22.51
CA PRO H 110 11.66 17.31 -23.39
C PRO H 110 11.12 18.52 -24.16
N ARG H 111 11.98 19.52 -24.31
CA ARG H 111 11.66 20.73 -25.07
C ARG H 111 12.70 20.84 -26.17
N LEU H 112 12.26 20.64 -27.42
CA LEU H 112 13.15 20.61 -28.57
C LEU H 112 12.97 21.87 -29.39
N PHE H 113 14.02 22.25 -30.12
CA PHE H 113 14.10 23.54 -30.75
C PHE H 113 14.50 23.41 -32.22
N ALA H 114 14.11 24.40 -33.01
CA ALA H 114 14.43 24.50 -34.43
C ALA H 114 15.42 25.63 -34.65
N MET H 115 15.77 25.86 -35.90
CA MET H 115 16.75 26.89 -36.27
C MET H 115 16.05 28.24 -36.33
N ASP H 116 16.33 29.11 -35.35
CA ASP H 116 15.60 30.35 -35.21
C ASP H 116 16.02 31.38 -36.24
N VAL H 117 17.29 31.79 -36.22
CA VAL H 117 17.81 32.80 -37.12
C VAL H 117 18.94 32.19 -37.93
N TRP H 118 18.89 32.38 -39.24
CA TRP H 118 19.92 31.86 -40.13
C TRP H 118 20.93 32.96 -40.42
N GLY H 119 21.95 32.62 -41.21
CA GLY H 119 22.93 33.58 -41.66
C GLY H 119 23.04 33.55 -43.17
N GLN H 120 23.54 34.65 -43.71
CA GLN H 120 23.77 34.73 -45.15
C GLN H 120 24.72 33.63 -45.59
N GLY H 121 24.35 32.94 -46.66
CA GLY H 121 25.13 31.78 -47.08
C GLY H 121 26.51 32.15 -47.54
N THR H 122 27.41 31.16 -47.48
CA THR H 122 28.75 31.28 -48.03
C THR H 122 28.93 30.23 -49.12
N THR H 123 29.32 30.68 -50.30
CA THR H 123 29.46 29.76 -51.43
C THR H 123 30.87 29.20 -51.51
N VAL H 124 30.96 27.91 -51.84
CA VAL H 124 32.23 27.23 -52.03
C VAL H 124 32.16 26.45 -53.35
N THR H 125 33.08 26.74 -54.25
CA THR H 125 33.15 26.10 -55.56
C THR H 125 34.55 25.55 -55.76
N VAL H 126 34.63 24.45 -56.50
CA VAL H 126 35.91 23.82 -56.80
C VAL H 126 36.34 24.13 -58.23
N THR I 59 6.08 17.36 38.86
CA THR I 59 5.36 18.41 38.15
C THR I 59 6.29 19.53 37.73
N SER I 60 7.46 19.16 37.21
CA SER I 60 8.42 20.14 36.75
C SER I 60 7.90 20.84 35.49
N LEU I 61 8.22 22.13 35.37
CA LEU I 61 7.80 22.94 34.25
C LEU I 61 8.94 23.06 33.25
N TYR I 62 8.63 22.87 31.98
CA TYR I 62 9.63 23.01 30.92
C TYR I 62 9.60 24.43 30.42
N LYS I 63 10.71 25.15 30.61
CA LYS I 63 10.83 26.58 30.37
C LYS I 63 9.93 27.40 31.28
N GLY I 64 9.48 26.82 32.39
CA GLY I 64 8.70 27.53 33.38
C GLY I 64 7.36 28.01 32.87
N VAL I 65 6.95 27.54 31.71
CA VAL I 65 5.73 28.01 31.09
C VAL I 65 4.83 26.81 30.76
N TYR I 66 5.45 25.66 30.51
CA TYR I 66 4.75 24.50 29.99
C TYR I 66 4.79 23.36 31.01
N GLU I 67 3.65 22.69 31.16
CA GLU I 67 3.52 21.55 32.05
C GLU I 67 3.29 20.29 31.22
N LEU I 68 4.11 19.27 31.46
CA LEU I 68 3.97 18.03 30.71
C LEU I 68 2.75 17.26 31.21
N GLN I 69 1.89 16.86 30.29
CA GLN I 69 0.69 16.12 30.61
C GLN I 69 0.56 14.94 29.67
N THR I 70 -0.14 13.90 30.14
CA THR I 70 -0.25 12.65 29.40
C THR I 70 -1.70 12.27 29.24
N LEU I 71 -1.99 11.51 28.18
CA LEU I 71 -3.27 10.86 28.00
C LEU I 71 -2.99 9.45 27.47
N GLU I 72 -3.91 8.53 27.76
CA GLU I 72 -3.78 7.16 27.28
C GLU I 72 -5.11 6.72 26.69
N LEU I 73 -5.07 6.25 25.45
CA LEU I 73 -6.27 5.98 24.68
C LEU I 73 -6.93 4.69 25.12
N ASN I 74 -8.25 4.66 25.00
CA ASN I 74 -9.07 3.49 25.33
C ASN I 74 -9.38 2.77 24.03
N MET I 75 -8.50 1.84 23.65
CA MET I 75 -8.70 1.07 22.43
C MET I 75 -10.00 0.30 22.46
N GLU I 76 -10.45 -0.08 23.65
CA GLU I 76 -11.54 -1.04 23.79
C GLU I 76 -12.83 -0.53 23.16
N THR I 77 -13.00 0.79 23.07
CA THR I 77 -14.21 1.34 22.48
C THR I 77 -14.30 1.11 20.98
N LEU I 78 -13.22 0.67 20.34
CA LEU I 78 -13.22 0.34 18.93
C LEU I 78 -13.66 -1.09 18.67
N ASN I 79 -14.27 -1.75 19.65
CA ASN I 79 -14.48 -3.19 19.59
C ASN I 79 -15.40 -3.59 18.45
N MET I 80 -16.43 -2.79 18.18
CA MET I 80 -17.44 -3.16 17.19
C MET I 80 -17.17 -2.58 15.81
N THR I 81 -15.92 -2.28 15.49
CA THR I 81 -15.58 -1.92 14.12
C THR I 81 -14.34 -2.67 13.66
N MET I 82 -13.47 -3.04 14.59
CA MET I 82 -12.19 -3.67 14.30
C MET I 82 -11.97 -4.83 15.25
N PRO I 83 -11.12 -5.79 14.89
CA PRO I 83 -10.68 -6.79 15.86
C PRO I 83 -9.65 -6.20 16.81
N LEU I 84 -9.73 -6.61 18.08
CA LEU I 84 -8.85 -6.12 19.12
C LEU I 84 -8.03 -7.29 19.65
N SER I 85 -6.71 -7.19 19.57
CA SER I 85 -5.82 -8.26 19.99
C SER I 85 -5.05 -7.84 21.24
N CYS I 86 -4.91 -8.78 22.17
CA CYS I 86 -4.17 -8.50 23.39
C CYS I 86 -3.73 -9.81 24.04
N THR I 87 -2.75 -9.71 24.92
CA THR I 87 -2.08 -10.87 25.50
C THR I 87 -2.43 -10.99 26.97
N LYS I 88 -2.74 -12.20 27.40
CA LYS I 88 -3.07 -12.46 28.79
C LYS I 88 -1.83 -12.80 29.61
N ASN I 89 -1.11 -13.84 29.20
CA ASN I 89 0.08 -14.31 29.88
C ASN I 89 0.98 -15.00 28.86
N ASN I 90 1.96 -15.75 29.34
CA ASN I 90 3.09 -16.12 28.49
C ASN I 90 2.66 -16.91 27.26
N SER I 91 1.67 -17.78 27.41
CA SER I 91 1.28 -18.68 26.32
C SER I 91 -0.06 -18.37 25.69
N HIS I 92 -0.87 -17.52 26.31
CA HIS I 92 -2.25 -17.31 25.86
C HIS I 92 -2.41 -15.90 25.33
N HIS I 93 -2.85 -15.77 24.08
CA HIS I 93 -3.11 -14.47 23.46
C HIS I 93 -4.46 -14.55 22.76
N TYR I 94 -5.12 -13.41 22.61
CA TYR I 94 -6.49 -13.38 22.13
C TYR I 94 -6.67 -12.28 21.10
N ILE I 95 -7.60 -12.50 20.17
CA ILE I 95 -8.04 -11.46 19.25
C ILE I 95 -9.56 -11.53 19.13
N MET I 96 -10.24 -10.52 19.64
CA MET I 96 -11.69 -10.53 19.80
C MET I 96 -12.35 -9.67 18.73
N VAL I 97 -13.49 -10.15 18.22
CA VAL I 97 -14.27 -9.43 17.22
C VAL I 97 -15.62 -9.11 17.87
N GLY I 98 -15.90 -7.83 18.08
CA GLY I 98 -17.13 -7.49 18.77
C GLY I 98 -17.00 -7.84 20.24
N ASN I 99 -18.14 -7.99 20.91
CA ASN I 99 -18.13 -8.43 22.29
C ASN I 99 -18.68 -9.86 22.44
N GLU I 100 -18.74 -10.61 21.34
CA GLU I 100 -19.32 -11.95 21.34
C GLU I 100 -18.27 -13.04 21.12
N THR I 101 -17.48 -12.96 20.07
CA THR I 101 -16.58 -14.05 19.68
C THR I 101 -15.16 -13.54 19.54
N GLY I 102 -14.24 -14.49 19.37
CA GLY I 102 -12.86 -14.16 19.13
C GLY I 102 -12.06 -15.41 18.87
N LEU I 103 -10.76 -15.25 18.75
CA LEU I 103 -9.85 -16.34 18.47
C LEU I 103 -8.79 -16.39 19.56
N GLU I 104 -8.51 -17.61 20.01
CA GLU I 104 -7.51 -17.86 21.04
C GLU I 104 -6.29 -18.50 20.38
N LEU I 105 -5.16 -17.80 20.46
CA LEU I 105 -3.87 -18.28 20.00
C LEU I 105 -3.04 -18.71 21.20
N THR I 106 -2.75 -20.00 21.30
CA THR I 106 -1.96 -20.53 22.40
C THR I 106 -0.72 -21.22 21.86
N LEU I 107 0.43 -20.83 22.38
CA LEU I 107 1.67 -21.57 22.17
C LEU I 107 1.64 -22.73 23.15
N THR I 108 1.02 -23.82 22.75
CA THR I 108 0.93 -24.97 23.62
C THR I 108 2.09 -25.90 23.28
N ASN I 109 2.22 -26.97 24.04
CA ASN I 109 3.44 -27.75 23.85
C ASN I 109 3.05 -29.22 23.90
N THR I 110 1.73 -29.48 23.90
CA THR I 110 1.11 -30.77 23.60
C THR I 110 -0.02 -30.52 22.60
N SER I 111 -0.10 -31.36 21.57
CA SER I 111 -0.98 -31.10 20.43
C SER I 111 -2.43 -31.43 20.74
N ILE I 112 -3.32 -30.96 19.87
CA ILE I 112 -4.74 -31.29 19.95
C ILE I 112 -5.28 -31.93 18.67
N ILE I 113 -4.62 -31.77 17.53
CA ILE I 113 -5.03 -32.39 16.28
C ILE I 113 -3.95 -33.38 15.86
N ASN I 114 -4.34 -34.63 15.63
CA ASN I 114 -3.38 -35.70 15.39
C ASN I 114 -3.31 -36.17 13.94
N HIS I 115 -4.24 -35.77 13.09
CA HIS I 115 -4.15 -36.11 11.69
C HIS I 115 -3.38 -35.05 10.92
N LYS I 116 -3.15 -35.32 9.64
CA LYS I 116 -2.41 -34.40 8.78
C LYS I 116 -3.29 -33.74 7.72
N PHE I 117 -4.61 -33.88 7.83
CA PHE I 117 -5.51 -33.31 6.85
C PHE I 117 -5.92 -31.90 7.26
N CYS I 118 -6.29 -31.11 6.26
CA CYS I 118 -6.84 -29.77 6.50
C CYS I 118 -7.84 -29.48 5.37
N ASN I 119 -9.11 -29.77 5.64
CA ASN I 119 -10.15 -29.36 4.70
C ASN I 119 -10.24 -27.86 4.66
N LEU I 120 -10.39 -27.31 3.47
CA LEU I 120 -10.80 -25.92 3.37
C LEU I 120 -11.92 -25.79 2.36
N SER I 121 -11.93 -26.66 1.37
CA SER I 121 -13.01 -26.65 0.39
C SER I 121 -14.31 -27.13 1.00
N ASP I 122 -14.26 -28.20 1.79
CA ASP I 122 -15.46 -28.70 2.43
C ASP I 122 -16.00 -27.71 3.45
N ALA I 123 -15.12 -27.02 4.17
CA ALA I 123 -15.56 -26.02 5.13
C ALA I 123 -16.29 -24.88 4.43
N HIS I 124 -15.77 -24.42 3.30
CA HIS I 124 -16.44 -23.38 2.54
C HIS I 124 -17.78 -23.87 1.99
N LYS I 125 -17.82 -25.11 1.48
CA LYS I 125 -19.07 -25.62 0.93
C LYS I 125 -20.14 -25.76 2.01
N LYS I 126 -19.77 -26.28 3.18
CA LYS I 126 -20.68 -26.33 4.32
C LYS I 126 -20.52 -25.03 5.10
N ASN I 127 -21.22 -24.00 4.64
CA ASN I 127 -21.07 -22.66 5.18
C ASN I 127 -21.64 -22.57 6.58
N LEU I 128 -20.80 -22.76 7.60
CA LEU I 128 -21.26 -22.74 8.98
C LEU I 128 -20.41 -21.90 9.92
N TYR I 129 -19.18 -21.54 9.54
CA TYR I 129 -18.31 -20.82 10.45
C TYR I 129 -18.68 -19.34 10.48
N ASP I 130 -17.98 -18.58 11.31
CA ASP I 130 -18.16 -17.15 11.37
C ASP I 130 -17.22 -16.53 10.34
N HIS I 131 -17.77 -15.66 9.50
CA HIS I 131 -17.00 -15.14 8.38
C HIS I 131 -15.87 -14.23 8.83
N ALA I 132 -16.07 -13.47 9.92
CA ALA I 132 -15.00 -12.62 10.43
C ALA I 132 -13.81 -13.45 10.88
N LEU I 133 -14.06 -14.54 11.59
CA LEU I 133 -12.97 -15.37 12.11
C LEU I 133 -12.25 -16.08 10.98
N MET I 134 -12.99 -16.57 9.98
CA MET I 134 -12.35 -17.16 8.82
C MET I 134 -11.51 -16.14 8.06
N SER I 135 -12.00 -14.91 7.95
CA SER I 135 -11.19 -13.87 7.33
C SER I 135 -9.90 -13.64 8.11
N ILE I 136 -9.99 -13.65 9.43
CA ILE I 136 -8.80 -13.43 10.26
C ILE I 136 -7.78 -14.55 10.04
N ILE I 137 -8.23 -15.80 10.06
CA ILE I 137 -7.25 -16.88 9.91
C ILE I 137 -6.72 -16.93 8.48
N SER I 138 -7.52 -16.50 7.50
CA SER I 138 -7.02 -16.42 6.14
C SER I 138 -5.91 -15.38 6.03
N THR I 139 -6.11 -14.21 6.65
CA THR I 139 -5.06 -13.20 6.67
C THR I 139 -3.80 -13.74 7.35
N PHE I 140 -3.97 -14.43 8.48
CA PHE I 140 -2.83 -14.97 9.19
C PHE I 140 -2.04 -15.94 8.31
N HIS I 141 -2.73 -16.94 7.74
CA HIS I 141 -2.02 -17.95 6.97
C HIS I 141 -1.39 -17.36 5.72
N LEU I 142 -2.10 -16.48 5.03
CA LEU I 142 -1.52 -15.89 3.83
C LEU I 142 -0.33 -14.99 4.15
N SER I 143 -0.25 -14.46 5.36
CA SER I 143 0.86 -13.58 5.72
C SER I 143 2.13 -14.33 6.08
N ILE I 144 2.11 -15.65 6.15
CA ILE I 144 3.30 -16.41 6.55
C ILE I 144 4.34 -16.32 5.44
N PRO I 145 5.58 -15.92 5.74
CA PRO I 145 6.59 -15.78 4.69
C PRO I 145 7.24 -17.11 4.37
N ASN I 146 7.28 -17.45 3.08
CA ASN I 146 7.98 -18.64 2.58
C ASN I 146 7.49 -19.91 3.26
N PHE I 147 6.21 -20.20 3.07
CA PHE I 147 5.59 -21.40 3.60
C PHE I 147 5.59 -22.45 2.50
N ASN I 148 6.22 -23.60 2.76
CA ASN I 148 6.25 -24.67 1.77
C ASN I 148 5.99 -26.05 2.35
N GLN I 149 5.98 -26.24 3.66
CA GLN I 149 5.74 -27.56 4.24
C GLN I 149 4.27 -27.63 4.65
N TYR I 150 3.42 -28.03 3.71
CA TYR I 150 1.99 -28.06 3.98
C TYR I 150 1.64 -29.05 5.07
N GLU I 151 2.46 -30.07 5.27
CA GLU I 151 2.18 -31.06 6.30
C GLU I 151 2.29 -30.49 7.70
N ALA I 152 2.89 -29.32 7.85
CA ALA I 152 3.08 -28.73 9.17
C ALA I 152 1.81 -28.13 9.75
N MET I 153 0.75 -27.98 8.96
CA MET I 153 -0.47 -27.34 9.39
C MET I 153 -1.63 -28.30 9.31
N SER I 154 -2.35 -28.46 10.42
CA SER I 154 -3.54 -29.31 10.48
C SER I 154 -4.74 -28.46 10.84
N CYS I 155 -5.92 -28.88 10.38
CA CYS I 155 -7.12 -28.09 10.53
C CYS I 155 -8.26 -28.96 11.03
N ASP I 156 -9.29 -28.31 11.53
CA ASP I 156 -10.50 -28.99 11.97
C ASP I 156 -11.61 -27.95 12.03
N PHE I 157 -12.69 -28.19 11.29
CA PHE I 157 -13.74 -27.20 11.09
C PHE I 157 -15.14 -27.73 11.30
N ASN I 158 -15.29 -28.96 11.77
CA ASN I 158 -16.61 -29.58 11.79
C ASN I 158 -17.54 -28.85 12.75
N GLY I 159 -18.78 -28.64 12.31
CA GLY I 159 -19.78 -27.97 13.10
C GLY I 159 -19.73 -26.46 13.06
N GLY I 160 -18.83 -25.88 12.28
CA GLY I 160 -18.67 -24.44 12.24
C GLY I 160 -17.54 -23.93 13.11
N LYS I 161 -16.93 -24.79 13.91
CA LYS I 161 -15.79 -24.41 14.72
C LYS I 161 -14.59 -24.09 13.84
N ILE I 162 -13.61 -23.42 14.43
CA ILE I 162 -12.32 -23.18 13.79
C ILE I 162 -11.24 -23.71 14.70
N SER I 163 -10.40 -24.60 14.17
CA SER I 163 -9.24 -25.08 14.91
C SER I 163 -8.11 -25.28 13.89
N VAL I 164 -7.02 -24.54 14.06
CA VAL I 164 -5.84 -24.82 13.27
C VAL I 164 -4.67 -25.05 14.21
N GLN I 165 -3.69 -25.81 13.75
CA GLN I 165 -2.54 -26.16 14.55
C GLN I 165 -1.30 -26.22 13.68
N TYR I 166 -0.23 -25.58 14.15
CA TYR I 166 1.05 -25.56 13.47
C TYR I 166 2.08 -26.32 14.29
N ASN I 167 2.82 -27.23 13.63
CA ASN I 167 3.73 -28.12 14.33
C ASN I 167 4.94 -27.41 14.91
N LEU I 168 5.51 -26.44 14.20
CA LEU I 168 6.63 -25.64 14.71
C LEU I 168 7.86 -26.46 15.04
N SER I 169 7.96 -27.71 14.58
CA SER I 169 9.14 -28.51 14.89
C SER I 169 9.43 -29.52 13.79
N CYS I 180 18.15 -21.59 11.50
CA CYS I 180 16.72 -21.38 11.26
C CYS I 180 16.42 -21.22 9.77
N GLY I 181 15.54 -20.27 9.45
CA GLY I 181 14.97 -20.24 8.11
C GLY I 181 14.05 -21.39 7.84
N THR I 182 13.25 -21.79 8.83
CA THR I 182 12.38 -22.95 8.76
C THR I 182 10.92 -22.51 8.85
N VAL I 183 10.02 -23.50 8.91
CA VAL I 183 8.59 -23.20 8.99
C VAL I 183 8.25 -22.58 10.33
N ALA I 184 8.89 -23.04 11.40
CA ALA I 184 8.63 -22.49 12.72
C ALA I 184 8.97 -21.01 12.76
N ASN I 185 10.06 -20.61 12.12
CA ASN I 185 10.45 -19.21 12.10
C ASN I 185 9.37 -18.35 11.46
N GLY I 186 8.86 -18.78 10.30
CA GLY I 186 7.84 -17.99 9.63
C GLY I 186 6.54 -17.91 10.40
N VAL I 187 6.10 -19.04 10.96
CA VAL I 187 4.87 -19.04 11.74
C VAL I 187 5.02 -18.14 12.96
N LEU I 188 6.17 -18.21 13.64
CA LEU I 188 6.40 -17.35 14.80
C LEU I 188 6.45 -15.88 14.40
N GLN I 189 7.06 -15.56 13.27
CA GLN I 189 7.10 -14.16 12.83
C GLN I 189 5.69 -13.63 12.61
N THR I 190 4.85 -14.41 11.92
CA THR I 190 3.48 -13.98 11.71
C THR I 190 2.74 -13.84 13.05
N PHE I 191 2.98 -14.78 13.97
CA PHE I 191 2.30 -14.72 15.26
C PHE I 191 2.71 -13.49 16.05
N MET I 192 4.00 -13.14 16.03
CA MET I 192 4.44 -11.94 16.71
C MET I 192 3.86 -10.69 16.09
N ARG I 193 3.73 -10.67 14.76
CA ARG I 193 3.14 -9.50 14.12
C ARG I 193 1.65 -9.39 14.41
N MET I 194 0.96 -10.51 14.56
CA MET I 194 -0.48 -10.45 14.84
C MET I 194 -0.76 -9.88 16.23
N ALA I 195 -0.31 -10.56 17.27
CA ALA I 195 -0.50 -10.08 18.65
C ALA I 195 0.72 -9.24 19.04
N TRP I 196 0.83 -8.08 18.38
CA TRP I 196 2.07 -7.32 18.43
C TRP I 196 2.39 -6.85 19.84
N GLY I 197 1.41 -6.27 20.53
CA GLY I 197 1.66 -5.78 21.87
C GLY I 197 1.63 -6.87 22.91
N GLY I 198 2.79 -7.20 23.47
CA GLY I 198 2.86 -8.17 24.53
C GLY I 198 3.20 -9.58 24.11
N SER I 199 3.64 -9.81 22.88
CA SER I 199 4.06 -11.13 22.44
C SER I 199 5.54 -11.40 22.66
N TYR I 200 6.32 -10.40 23.06
CA TYR I 200 7.75 -10.60 23.24
C TYR I 200 8.06 -11.52 24.40
N ILE I 201 7.12 -11.73 25.32
CA ILE I 201 7.40 -12.58 26.48
C ILE I 201 7.56 -14.03 26.07
N ALA I 202 6.75 -14.49 25.10
CA ALA I 202 6.86 -15.85 24.61
C ALA I 202 8.05 -16.04 23.69
N LEU I 203 8.71 -14.97 23.28
CA LEU I 203 9.79 -15.03 22.31
C LEU I 203 11.02 -15.73 22.85
N ASP I 204 11.17 -15.82 24.17
CA ASP I 204 12.33 -16.42 24.81
C ASP I 204 13.62 -15.73 24.38
N SER I 205 14.75 -16.40 24.55
CA SER I 205 16.04 -15.88 24.13
C SER I 205 16.50 -16.46 22.81
N GLY I 206 15.64 -17.21 22.13
CA GLY I 206 16.02 -17.90 20.92
C GLY I 206 16.15 -17.04 19.68
N ARG I 207 15.73 -15.78 19.74
CA ARG I 207 15.85 -14.91 18.58
C ARG I 207 17.32 -14.72 18.23
N GLY I 208 17.64 -14.83 16.95
CA GLY I 208 19.02 -14.85 16.52
C GLY I 208 19.32 -13.99 15.30
N ASN I 209 19.87 -14.63 14.28
CA ASN I 209 20.40 -13.93 13.13
C ASN I 209 19.30 -13.17 12.39
N TRP I 210 19.48 -11.87 12.22
CA TRP I 210 18.42 -10.98 11.75
C TRP I 210 17.17 -11.17 12.60
N ASP I 211 16.17 -11.88 12.10
CA ASP I 211 15.02 -12.21 12.93
C ASP I 211 15.18 -13.58 13.58
N CYS I 212 15.23 -14.64 12.78
CA CYS I 212 15.54 -16.01 13.23
C CYS I 212 14.86 -16.36 14.54
N ILE I 213 13.56 -16.04 14.62
CA ILE I 213 12.82 -16.23 15.86
C ILE I 213 12.69 -17.70 16.16
N MET I 214 12.98 -18.08 17.41
CA MET I 214 12.83 -19.45 17.86
C MET I 214 12.14 -19.45 19.23
N THR I 215 11.36 -20.49 19.48
CA THR I 215 10.65 -20.63 20.74
C THR I 215 10.78 -22.06 21.23
N SER I 216 10.62 -22.24 22.53
CA SER I 216 10.72 -23.56 23.12
C SER I 216 9.45 -24.38 22.98
N TYR I 217 8.33 -23.74 22.67
CA TYR I 217 7.07 -24.46 22.57
C TYR I 217 7.01 -25.25 21.28
N GLN I 218 6.20 -26.32 21.29
CA GLN I 218 6.17 -27.25 20.18
C GLN I 218 4.89 -27.20 19.36
N TYR I 219 3.93 -26.33 19.69
CA TYR I 219 2.72 -26.23 18.87
C TYR I 219 2.11 -24.85 19.00
N LEU I 220 1.46 -24.42 17.91
CA LEU I 220 0.65 -23.20 17.95
C LEU I 220 -0.78 -23.54 17.57
N ILE I 221 -1.72 -23.30 18.47
CA ILE I 221 -3.13 -23.65 18.28
C ILE I 221 -3.97 -22.38 18.21
N ILE I 222 -4.86 -22.32 17.22
CA ILE I 222 -5.81 -21.23 17.07
C ILE I 222 -7.22 -21.83 17.08
N GLN I 223 -7.99 -21.53 18.13
CA GLN I 223 -9.37 -22.01 18.26
C GLN I 223 -10.30 -20.81 18.39
N ASN I 224 -11.62 -21.01 18.38
CA ASN I 224 -12.38 -19.80 18.61
C ASN I 224 -12.69 -19.79 20.09
N THR I 225 -13.23 -18.68 20.56
CA THR I 225 -13.62 -18.56 21.96
C THR I 225 -14.69 -17.50 22.09
N THR I 226 -15.37 -17.53 23.22
CA THR I 226 -16.32 -16.49 23.56
C THR I 226 -15.59 -15.33 24.24
N TRP I 227 -16.20 -14.16 24.18
CA TRP I 227 -15.56 -12.97 24.71
C TRP I 227 -15.50 -13.01 26.23
N GLU I 228 -14.37 -12.53 26.76
CA GLU I 228 -14.17 -12.44 28.20
C GLU I 228 -13.02 -11.48 28.44
N ASP I 229 -13.05 -10.81 29.58
CA ASP I 229 -11.98 -9.86 29.94
C ASP I 229 -10.73 -10.66 30.25
N HIS I 230 -10.05 -11.07 29.19
CA HIS I 230 -8.92 -11.98 29.31
C HIS I 230 -7.60 -11.26 29.57
N CYS I 231 -7.20 -10.40 28.64
CA CYS I 231 -5.83 -9.92 28.59
C CYS I 231 -5.55 -8.95 29.72
N GLN I 232 -4.68 -9.37 30.63
CA GLN I 232 -4.23 -8.57 31.76
C GLN I 232 -2.76 -8.19 31.68
N PHE I 233 -2.06 -8.65 30.65
CA PHE I 233 -0.67 -8.28 30.45
C PHE I 233 -0.50 -7.15 29.45
N SER I 234 -1.33 -7.11 28.41
CA SER I 234 -1.28 -6.05 27.42
C SER I 234 -2.70 -5.58 27.11
N ARG I 235 -2.82 -4.29 26.83
CA ARG I 235 -4.13 -3.71 26.54
C ARG I 235 -4.59 -4.14 25.15
N PRO I 236 -5.90 -4.19 24.92
CA PRO I 236 -6.40 -4.50 23.58
C PRO I 236 -5.94 -3.46 22.58
N SER I 237 -5.74 -3.89 21.34
CA SER I 237 -5.19 -3.00 20.32
C SER I 237 -5.50 -3.54 18.94
N PRO I 238 -5.83 -2.69 17.98
CA PRO I 238 -6.06 -3.15 16.60
C PRO I 238 -4.84 -3.04 15.68
N ILE I 239 -3.66 -2.71 16.22
CA ILE I 239 -2.52 -2.38 15.37
C ILE I 239 -1.99 -3.62 14.65
N GLY I 240 -1.89 -4.75 15.35
CA GLY I 240 -1.29 -5.93 14.73
C GLY I 240 -2.08 -6.42 13.54
N TYR I 241 -3.40 -6.56 13.71
CA TYR I 241 -4.23 -7.00 12.59
C TYR I 241 -4.20 -5.99 11.46
N LEU I 242 -4.29 -4.70 11.78
CA LEU I 242 -4.24 -3.68 10.75
C LEU I 242 -2.90 -3.64 10.04
N GLY I 243 -1.87 -4.22 10.65
CA GLY I 243 -0.58 -4.29 10.01
C GLY I 243 -0.40 -5.49 9.12
N LEU I 244 -0.91 -6.64 9.56
CA LEU I 244 -0.82 -7.82 8.71
C LEU I 244 -1.67 -7.72 7.46
N LEU I 245 -2.60 -6.77 7.40
CA LEU I 245 -3.42 -6.64 6.20
C LEU I 245 -2.59 -6.24 4.99
N SER I 246 -1.60 -5.36 5.18
CA SER I 246 -0.77 -4.92 4.07
C SER I 246 0.12 -6.05 3.58
N GLN I 247 0.81 -6.72 4.50
CA GLN I 247 1.67 -7.85 4.14
C GLN I 247 0.81 -9.11 4.24
N ARG I 248 -0.04 -9.29 3.25
CA ARG I 248 -1.00 -10.38 3.25
C ARG I 248 -0.66 -11.48 2.25
N THR I 249 -0.11 -11.14 1.10
CA THR I 249 0.30 -12.18 0.16
C THR I 249 1.63 -11.84 -0.50
N ARG I 250 2.49 -11.11 0.21
CA ARG I 250 3.72 -10.61 -0.37
C ARG I 250 4.84 -11.64 -0.39
N ASP I 251 4.76 -12.68 0.43
CA ASP I 251 5.78 -13.73 0.48
C ASP I 251 5.09 -15.09 0.41
N ILE I 252 4.79 -15.55 -0.80
CA ILE I 252 4.27 -16.89 -1.02
C ILE I 252 4.99 -17.50 -2.21
N TYR I 253 5.29 -18.78 -2.12
CA TYR I 253 5.90 -19.49 -3.23
C TYR I 253 4.85 -19.93 -4.23
N ILE I 254 5.26 -20.06 -5.48
CA ILE I 254 4.38 -20.61 -6.50
C ILE I 254 4.39 -22.13 -6.39
N SER I 255 3.20 -22.72 -6.39
CA SER I 255 3.09 -24.18 -6.36
C SER I 255 2.65 -24.76 -7.69
N ARG I 256 2.21 -23.93 -8.64
CA ARG I 256 1.82 -24.38 -9.95
C ARG I 256 2.08 -23.27 -10.95
N ARG I 257 2.21 -23.64 -12.21
CA ARG I 257 2.48 -22.64 -13.24
C ARG I 257 1.29 -21.69 -13.39
N LEU I 258 0.08 -22.22 -13.35
CA LEU I 258 -1.13 -21.44 -13.57
C LEU I 258 -1.85 -21.30 -12.24
N LEU I 259 -1.74 -20.13 -11.63
CA LEU I 259 -2.39 -19.88 -10.36
C LEU I 259 -3.89 -19.70 -10.53
N GLY J 1 -1.07 4.52 -1.83
CA GLY J 1 -1.74 5.80 -1.69
C GLY J 1 -1.47 6.42 -0.34
N THR J 2 -2.24 7.45 0.01
CA THR J 2 -2.16 8.09 1.30
C THR J 2 -3.57 8.25 1.87
N PHE J 3 -3.63 8.46 3.18
CA PHE J 3 -4.93 8.60 3.85
C PHE J 3 -5.68 9.82 3.33
N THR J 4 -7.00 9.76 3.40
CA THR J 4 -7.84 10.86 2.95
C THR J 4 -8.94 11.22 3.94
N TRP J 5 -9.07 10.49 5.05
CA TRP J 5 -10.10 10.81 6.03
C TRP J 5 -9.80 12.12 6.72
N THR J 6 -10.81 12.98 6.85
CA THR J 6 -10.68 14.28 7.47
C THR J 6 -11.45 14.29 8.78
N LEU J 7 -10.83 14.83 9.83
CA LEU J 7 -11.45 14.83 11.14
C LEU J 7 -12.62 15.79 11.20
N SER J 8 -13.70 15.35 11.85
CA SER J 8 -14.91 16.15 11.99
C SER J 8 -14.69 17.19 13.09
N ASP J 9 -15.78 17.80 13.55
CA ASP J 9 -15.71 18.78 14.63
C ASP J 9 -16.47 18.29 15.84
N PRO J 16 -13.34 25.84 17.92
CA PRO J 16 -13.69 25.76 16.50
C PRO J 16 -12.52 25.34 15.63
N GLY J 17 -12.68 24.24 14.91
CA GLY J 17 -11.62 23.73 14.05
C GLY J 17 -10.68 22.74 14.71
N GLY J 18 -10.84 22.48 16.00
CA GLY J 18 -10.04 21.50 16.71
C GLY J 18 -10.71 20.15 16.75
N TYR J 19 -10.27 19.32 17.68
CA TYR J 19 -10.87 18.02 17.89
C TYR J 19 -10.91 17.71 19.38
N CYS J 20 -12.04 17.22 19.86
CA CYS J 20 -12.23 16.94 21.27
C CYS J 20 -12.47 15.46 21.46
N LEU J 21 -11.62 14.84 22.28
CA LEU J 21 -11.77 13.44 22.65
C LEU J 21 -12.67 13.35 23.88
N THR J 22 -13.74 12.57 23.76
CA THR J 22 -14.68 12.41 24.84
C THR J 22 -14.09 11.51 25.93
N ARG J 23 -14.77 11.47 27.08
CA ARG J 23 -14.31 10.64 28.17
C ARG J 23 -14.44 9.16 27.87
N TRP J 24 -15.14 8.80 26.80
CA TRP J 24 -15.23 7.39 26.40
C TRP J 24 -13.95 6.92 25.72
N MET J 25 -13.30 7.78 24.94
CA MET J 25 -12.09 7.42 24.24
C MET J 25 -10.87 7.36 25.15
N LEU J 26 -10.96 7.84 26.38
CA LEU J 26 -9.85 7.87 27.30
C LEU J 26 -10.18 7.04 28.53
N ILE J 27 -9.13 6.54 29.20
CA ILE J 27 -9.29 5.79 30.42
C ILE J 27 -8.92 6.67 31.59
N GLU J 28 -9.77 6.67 32.62
CA GLU J 28 -9.51 7.41 33.86
C GLU J 28 -9.21 8.88 33.58
N ALA J 29 -9.99 9.46 32.68
CA ALA J 29 -9.78 10.85 32.30
C ALA J 29 -11.08 11.43 31.77
N GLU J 30 -11.12 12.76 31.67
CA GLU J 30 -12.28 13.50 31.20
C GLU J 30 -12.05 13.94 29.76
N LEU J 31 -12.98 14.76 29.27
CA LEU J 31 -12.91 15.24 27.89
C LEU J 31 -11.71 16.17 27.71
N LYS J 32 -11.00 16.00 26.58
CA LYS J 32 -9.82 16.80 26.29
C LYS J 32 -9.92 17.36 24.88
N CYS J 33 -9.73 18.67 24.74
CA CYS J 33 -9.86 19.35 23.45
C CYS J 33 -8.52 19.84 22.97
N PHE J 34 -8.27 19.69 21.67
CA PHE J 34 -7.04 20.14 21.03
C PHE J 34 -7.39 21.16 19.96
N GLY J 35 -6.63 22.24 19.92
CA GLY J 35 -6.96 23.38 19.10
C GLY J 35 -6.69 23.17 17.63
N ASN J 36 -7.05 24.19 16.85
CA ASN J 36 -6.92 24.10 15.40
C ASN J 36 -5.46 23.99 14.98
N THR J 37 -4.58 24.73 15.64
CA THR J 37 -3.18 24.76 15.24
C THR J 37 -2.50 23.41 15.41
N ALA J 38 -3.01 22.55 16.31
CA ALA J 38 -2.44 21.23 16.50
C ALA J 38 -3.10 20.18 15.60
N VAL J 39 -4.42 20.26 15.43
CA VAL J 39 -5.11 19.33 14.56
C VAL J 39 -4.71 19.53 13.11
N ALA J 40 -4.44 20.78 12.70
CA ALA J 40 -4.08 21.05 11.32
C ALA J 40 -2.82 20.32 10.89
N LYS J 41 -1.96 19.95 11.84
CA LYS J 41 -0.78 19.15 11.49
C LYS J 41 -1.15 17.74 11.06
N CYS J 42 -2.29 17.23 11.51
CA CYS J 42 -2.69 15.87 11.20
C CYS J 42 -3.12 15.69 9.74
N ASN J 43 -3.24 16.78 8.98
CA ASN J 43 -3.69 16.70 7.60
C ASN J 43 -2.54 16.68 6.59
N GLU J 44 -1.31 16.97 7.01
CA GLU J 44 -0.17 16.92 6.10
C GLU J 44 0.98 16.06 6.57
N LYS J 45 1.04 15.70 7.84
CA LYS J 45 2.13 14.85 8.32
C LYS J 45 1.83 13.39 8.02
N HIS J 46 2.85 12.68 7.57
CA HIS J 46 2.74 11.26 7.24
C HIS J 46 3.27 10.35 8.34
N ASP J 47 3.81 10.90 9.42
CA ASP J 47 4.54 10.11 10.41
C ASP J 47 4.12 10.49 11.83
N GLU J 48 2.81 10.56 12.07
CA GLU J 48 2.28 10.84 13.40
C GLU J 48 1.35 9.71 13.81
N GLU J 49 1.67 9.04 14.91
CA GLU J 49 0.83 7.95 15.39
C GLU J 49 -0.46 8.47 15.99
N PHE J 50 -0.39 9.60 16.71
CA PHE J 50 -1.58 10.14 17.34
C PHE J 50 -2.62 10.54 16.30
N CYS J 51 -2.17 11.13 15.19
CA CYS J 51 -3.12 11.51 14.14
C CYS J 51 -3.81 10.29 13.55
N ASP J 52 -3.06 9.21 13.33
CA ASP J 52 -3.66 7.99 12.78
C ASP J 52 -4.68 7.40 13.74
N MET J 53 -4.35 7.33 15.04
CA MET J 53 -5.31 6.80 15.99
C MET J 53 -6.53 7.70 16.12
N LEU J 54 -6.32 9.01 16.04
CA LEU J 54 -7.43 9.94 16.11
C LEU J 54 -8.37 9.75 14.92
N ARG J 55 -7.80 9.48 13.74
CA ARG J 55 -8.62 9.16 12.58
C ARG J 55 -9.37 7.85 12.77
N LEU J 56 -8.72 6.85 13.38
CA LEU J 56 -9.41 5.59 13.65
C LEU J 56 -10.60 5.81 14.57
N PHE J 57 -10.42 6.60 15.63
CA PHE J 57 -11.51 6.87 16.57
C PHE J 57 -12.63 7.64 15.88
N ASP J 58 -12.28 8.62 15.05
CA ASP J 58 -13.30 9.39 14.33
C ASP J 58 -14.09 8.49 13.39
N PHE J 59 -13.40 7.61 12.66
CA PHE J 59 -14.09 6.70 11.76
C PHE J 59 -15.03 5.78 12.52
N ASN J 60 -14.57 5.26 13.67
CA ASN J 60 -15.44 4.40 14.47
C ASN J 60 -16.68 5.16 14.92
N LYS J 61 -16.50 6.39 15.39
CA LYS J 61 -17.64 7.17 15.87
C LYS J 61 -18.64 7.43 14.75
N GLN J 62 -18.14 7.84 13.59
CA GLN J 62 -19.04 8.14 12.47
C GLN J 62 -19.76 6.88 11.97
N ALA J 63 -19.04 5.76 11.90
CA ALA J 63 -19.67 4.52 11.46
C ALA J 63 -20.77 4.11 12.43
N ILE J 64 -20.54 4.25 13.73
CA ILE J 64 -21.57 3.90 14.70
C ILE J 64 -22.76 4.85 14.56
N GLN J 65 -22.49 6.14 14.39
CA GLN J 65 -23.58 7.12 14.33
C GLN J 65 -24.46 6.91 13.12
N ARG J 66 -23.87 6.64 11.96
CA ARG J 66 -24.60 6.68 10.71
C ARG J 66 -25.05 5.30 10.22
N LEU J 67 -24.13 4.36 10.09
CA LEU J 67 -24.48 3.03 9.61
C LEU J 67 -25.15 2.22 10.71
N LYS J 68 -25.96 1.24 10.29
CA LYS J 68 -26.65 0.38 11.23
C LYS J 68 -25.71 -0.70 11.76
N ALA J 69 -26.15 -1.37 12.82
CA ALA J 69 -25.35 -2.43 13.44
C ALA J 69 -26.31 -3.44 14.05
N GLU J 70 -26.55 -4.54 13.34
CA GLU J 70 -27.52 -5.53 13.80
C GLU J 70 -26.93 -6.94 13.83
N ALA J 71 -26.06 -7.25 12.88
CA ALA J 71 -25.52 -8.60 12.76
C ALA J 71 -24.43 -8.82 13.81
N GLN J 72 -23.71 -9.93 13.70
CA GLN J 72 -22.60 -10.24 14.60
C GLN J 72 -21.34 -9.47 14.20
N THR J 73 -21.50 -8.15 14.13
CA THR J 73 -20.47 -7.23 13.67
C THR J 73 -19.96 -7.61 12.28
N SER J 74 -18.92 -6.94 11.82
CA SER J 74 -18.38 -7.23 10.50
C SER J 74 -16.96 -6.69 10.42
N ILE J 75 -16.18 -7.27 9.53
CA ILE J 75 -14.79 -6.87 9.30
C ILE J 75 -14.59 -6.30 7.91
N GLN J 76 -15.56 -6.46 7.01
CA GLN J 76 -15.39 -6.00 5.63
C GLN J 76 -15.21 -4.49 5.58
N LEU J 77 -15.93 -3.74 6.42
CA LEU J 77 -15.85 -2.29 6.37
C LEU J 77 -14.45 -1.80 6.72
N ILE J 78 -13.85 -2.35 7.76
CA ILE J 78 -12.51 -1.90 8.13
C ILE J 78 -11.46 -2.46 7.18
N ASN J 79 -11.66 -3.67 6.67
CA ASN J 79 -10.73 -4.21 5.67
C ASN J 79 -10.73 -3.35 4.41
N LYS J 80 -11.88 -2.81 4.05
CA LYS J 80 -12.02 -2.03 2.83
C LYS J 80 -11.45 -0.63 2.97
N ALA J 81 -11.54 -0.04 4.16
CA ALA J 81 -11.21 1.36 4.35
C ALA J 81 -10.04 1.59 5.31
N VAL J 82 -9.19 0.58 5.51
CA VAL J 82 -8.09 0.74 6.46
C VAL J 82 -7.07 1.73 5.92
N ASN J 83 -6.80 1.70 4.62
CA ASN J 83 -5.73 2.52 4.05
C ASN J 83 -6.12 3.97 3.86
N ALA J 84 -7.39 4.31 4.02
CA ALA J 84 -7.83 5.69 3.94
C ALA J 84 -7.75 6.40 5.28
N LEU J 85 -7.40 5.68 6.35
CA LEU J 85 -7.35 6.24 7.70
C LEU J 85 -5.94 6.31 8.27
N ILE J 86 -5.14 5.26 8.11
CA ILE J 86 -3.83 5.19 8.76
C ILE J 86 -2.74 5.03 7.71
N ASN J 87 -1.49 4.97 8.18
CA ASN J 87 -0.33 4.70 7.34
C ASN J 87 0.30 3.41 7.84
N ASP J 88 0.24 2.36 7.02
CA ASP J 88 0.77 1.06 7.44
C ASP J 88 2.27 1.10 7.65
N GLN J 89 2.98 1.90 6.87
CA GLN J 89 4.43 1.96 7.03
C GLN J 89 4.83 2.57 8.36
N LEU J 90 3.94 3.28 9.04
CA LEU J 90 4.24 3.78 10.38
C LEU J 90 4.37 2.63 11.37
N ILE J 91 3.40 1.73 11.39
CA ILE J 91 3.50 0.59 12.29
C ILE J 91 4.57 -0.37 11.80
N MET J 92 4.86 -0.39 10.50
CA MET J 92 6.02 -1.14 10.03
C MET J 92 7.32 -0.58 10.61
N LYS J 93 7.45 0.75 10.63
CA LYS J 93 8.64 1.37 11.21
C LYS J 93 8.74 1.05 12.69
N ASN J 94 7.62 1.08 13.40
CA ASN J 94 7.65 0.72 14.82
C ASN J 94 8.06 -0.73 15.00
N HIS J 95 7.59 -1.62 14.12
CA HIS J 95 7.99 -3.02 14.20
C HIS J 95 9.48 -3.20 13.96
N LEU J 96 10.03 -2.49 12.97
CA LEU J 96 11.47 -2.55 12.73
C LEU J 96 12.26 -2.02 13.92
N ARG J 97 11.83 -0.90 14.50
CA ARG J 97 12.52 -0.39 15.68
C ARG J 97 12.44 -1.36 16.84
N ASP J 98 11.33 -2.09 16.96
CA ASP J 98 11.23 -3.16 17.95
C ASP J 98 12.24 -4.26 17.68
N ILE J 99 12.41 -4.64 16.42
CA ILE J 99 13.33 -5.72 16.08
C ILE J 99 14.76 -5.35 16.44
N MET J 100 15.16 -4.12 16.15
CA MET J 100 16.53 -3.68 16.37
C MET J 100 16.83 -3.37 17.83
N GLY J 101 15.94 -3.70 18.75
CA GLY J 101 16.21 -3.43 20.16
C GLY J 101 16.25 -1.96 20.51
N ILE J 102 15.32 -1.18 20.01
CA ILE J 102 15.26 0.26 20.24
C ILE J 102 13.91 0.57 20.86
N PRO J 103 13.80 1.56 21.75
CA PRO J 103 12.48 1.92 22.28
C PRO J 103 11.53 2.28 21.15
N TYR J 104 10.32 1.75 21.22
CA TYR J 104 9.35 1.92 20.16
C TYR J 104 8.01 2.40 20.71
N CYS J 105 6.99 2.42 19.87
CA CYS J 105 5.68 2.94 20.22
C CYS J 105 4.66 1.82 20.11
N ASN J 106 3.92 1.56 21.19
CA ASN J 106 2.86 0.56 21.10
C ASN J 106 1.47 1.17 21.09
N TYR J 107 1.37 2.48 20.90
CA TYR J 107 0.14 3.23 20.60
C TYR J 107 -0.80 3.41 21.79
N SER J 108 -0.36 3.15 23.03
CA SER J 108 -1.24 3.29 24.18
C SER J 108 -1.18 4.69 24.79
N LYS J 109 0.00 5.16 25.15
CA LYS J 109 0.18 6.36 25.93
C LYS J 109 0.83 7.46 25.09
N TYR J 110 0.39 8.69 25.31
CA TYR J 110 0.90 9.85 24.60
C TYR J 110 1.16 10.97 25.60
N TRP J 111 2.07 11.87 25.25
CA TRP J 111 2.40 13.01 26.09
C TRP J 111 2.36 14.29 25.29
N TYR J 112 2.11 15.40 25.97
CA TYR J 112 2.06 16.70 25.32
C TYR J 112 2.39 17.78 26.34
N LEU J 113 2.71 18.96 25.82
CA LEU J 113 3.01 20.13 26.62
C LEU J 113 1.82 21.08 26.57
N ASN J 114 1.38 21.57 27.72
CA ASN J 114 0.18 22.41 27.77
C ASN J 114 0.51 23.66 28.54
N HIS J 115 0.17 24.81 27.96
CA HIS J 115 0.52 26.10 28.53
C HIS J 115 -0.25 26.36 29.81
N THR J 116 0.45 26.81 30.84
CA THR J 116 -0.17 26.99 32.16
C THR J 116 -1.24 28.07 32.14
N THR J 117 -0.96 29.20 31.47
CA THR J 117 -1.89 30.33 31.47
C THR J 117 -2.70 30.42 30.18
N THR J 118 -2.03 30.39 29.03
CA THR J 118 -2.74 30.50 27.76
C THR J 118 -3.68 29.33 27.55
N GLY J 119 -3.27 28.13 27.97
CA GLY J 119 -4.06 26.95 27.74
C GLY J 119 -3.84 26.25 26.42
N ARG J 120 -2.88 26.72 25.62
CA ARG J 120 -2.59 26.07 24.36
C ARG J 120 -1.87 24.75 24.59
N THR J 121 -1.89 23.91 23.55
CA THR J 121 -1.40 22.55 23.64
C THR J 121 -0.65 22.19 22.36
N SER J 122 0.36 21.36 22.49
CA SER J 122 1.05 20.81 21.34
C SER J 122 0.41 19.50 20.91
N LEU J 123 0.73 19.06 19.71
CA LEU J 123 0.21 17.79 19.21
C LEU J 123 0.85 16.66 19.98
N PRO J 124 0.08 15.78 20.62
CA PRO J 124 0.68 14.73 21.45
C PRO J 124 1.58 13.80 20.65
N LYS J 125 2.68 13.42 21.26
CA LYS J 125 3.58 12.40 20.73
C LYS J 125 3.54 11.19 21.64
N CYS J 126 3.69 10.01 21.07
CA CYS J 126 3.44 8.80 21.83
C CYS J 126 4.61 8.46 22.74
N TRP J 127 4.28 7.91 23.90
CA TRP J 127 5.26 7.60 24.93
C TRP J 127 6.00 6.33 24.54
N LEU J 128 7.32 6.42 24.41
CA LEU J 128 8.10 5.27 23.98
C LEU J 128 8.16 4.22 25.07
N VAL J 129 8.26 2.95 24.67
CA VAL J 129 8.29 1.82 25.58
C VAL J 129 9.54 0.99 25.29
N SER J 130 10.21 0.55 26.34
CA SER J 130 11.44 -0.20 26.18
C SER J 130 11.53 -1.30 27.21
N ASN J 131 11.71 -2.54 26.73
CA ASN J 131 11.82 -3.74 27.55
C ASN J 131 10.61 -3.81 28.49
N GLY J 132 9.42 -3.71 27.92
CA GLY J 132 8.21 -3.95 28.67
C GLY J 132 7.77 -2.84 29.59
N SER J 133 8.45 -1.70 29.60
CA SER J 133 8.07 -0.60 30.48
C SER J 133 8.28 0.72 29.76
N TYR J 134 7.50 1.72 30.18
CA TYR J 134 7.59 3.03 29.56
C TYR J 134 8.91 3.70 29.89
N LEU J 135 9.46 4.42 28.91
CA LEU J 135 10.62 5.25 29.18
C LEU J 135 10.24 6.34 30.17
N ASN J 136 11.22 6.82 30.92
CA ASN J 136 10.91 7.86 31.89
C ASN J 136 11.44 9.19 31.37
N GLU J 137 10.82 10.28 31.82
CA GLU J 137 11.00 11.57 31.15
C GLU J 137 12.46 11.97 31.09
N THR J 138 13.28 11.50 32.01
CA THR J 138 14.69 11.85 31.99
C THR J 138 15.39 11.31 30.76
N HIS J 139 14.82 10.32 30.06
CA HIS J 139 15.46 9.71 28.92
C HIS J 139 14.91 10.19 27.58
N PHE J 140 13.92 11.08 27.59
CA PHE J 140 13.58 11.79 26.37
C PHE J 140 13.30 13.26 26.64
N SER J 141 14.01 13.83 27.62
CA SER J 141 13.83 15.24 27.95
C SER J 141 14.26 16.15 26.80
N ASP J 142 15.24 15.71 26.01
CA ASP J 142 15.66 16.52 24.86
C ASP J 142 14.52 16.67 23.86
N ASP J 143 13.76 15.60 23.66
CA ASP J 143 12.64 15.66 22.71
C ASP J 143 11.54 16.60 23.22
N ILE J 144 11.28 16.56 24.54
CA ILE J 144 10.32 17.49 25.12
C ILE J 144 10.79 18.92 24.97
N GLU J 145 12.07 19.17 25.19
CA GLU J 145 12.59 20.52 25.03
C GLU J 145 12.50 20.98 23.58
N GLN J 146 12.73 20.06 22.64
CA GLN J 146 12.57 20.40 21.23
C GLN J 146 11.13 20.76 20.93
N GLN J 147 10.17 20.03 21.50
CA GLN J 147 8.77 20.37 21.31
C GLN J 147 8.44 21.75 21.89
N ALA J 148 9.00 22.05 23.06
CA ALA J 148 8.79 23.37 23.65
C ALA J 148 9.36 24.46 22.76
N ASP J 149 10.55 24.25 22.21
CA ASP J 149 11.13 25.21 21.27
C ASP J 149 10.22 25.41 20.07
N ASN J 150 9.72 24.31 19.51
CA ASN J 150 8.88 24.39 18.33
C ASN J 150 7.62 25.19 18.60
N MET J 151 6.98 24.97 19.74
CA MET J 151 5.73 25.68 19.97
C MET J 151 5.96 27.11 20.47
N ILE J 152 7.12 27.40 21.06
CA ILE J 152 7.50 28.81 21.27
C ILE J 152 7.62 29.52 19.93
N THR J 153 8.30 28.88 18.97
CA THR J 153 8.42 29.48 17.64
C THR J 153 7.05 29.65 17.00
N GLU J 154 6.17 28.66 17.15
CA GLU J 154 4.82 28.79 16.62
C GLU J 154 4.06 29.95 17.25
N MET J 155 4.16 30.09 18.57
CA MET J 155 3.49 31.19 19.25
C MET J 155 4.08 32.55 18.84
N LEU J 156 5.36 32.56 18.45
CA LEU J 156 6.00 33.81 18.06
C LEU J 156 5.29 34.45 16.86
N GLN J 157 4.68 33.65 16.01
CA GLN J 157 3.93 34.17 14.87
C GLN J 157 2.43 34.19 15.16
N THR K 2 -39.45 11.23 7.74
CA THR K 2 -39.61 10.48 8.97
C THR K 2 -40.69 11.11 9.84
N THR K 3 -41.31 10.29 10.69
CA THR K 3 -42.33 10.75 11.63
C THR K 3 -41.83 10.52 13.03
N LEU K 4 -42.01 11.50 13.91
CA LEU K 4 -41.58 11.40 15.28
C LEU K 4 -42.74 11.69 16.21
N THR K 5 -42.80 10.95 17.32
CA THR K 5 -43.92 11.00 18.24
C THR K 5 -43.44 11.32 19.66
N GLN K 6 -44.24 12.07 20.39
CA GLN K 6 -43.94 12.45 21.77
C GLN K 6 -44.78 11.58 22.70
N SER K 7 -44.10 10.80 23.54
CA SER K 7 -44.79 9.79 24.33
C SER K 7 -45.78 10.37 25.36
N PRO K 8 -45.44 11.39 26.17
CA PRO K 8 -46.36 11.77 27.25
C PRO K 8 -47.68 12.36 26.76
N ALA K 9 -47.61 13.32 25.84
CA ALA K 9 -48.75 14.03 25.24
C ALA K 9 -49.48 14.91 26.25
N THR K 10 -49.11 14.86 27.52
CA THR K 10 -49.68 15.66 28.60
C THR K 10 -48.88 15.36 29.86
N LEU K 11 -48.90 16.30 30.80
CA LEU K 11 -48.22 16.08 32.07
C LEU K 11 -48.86 16.97 33.12
N SER K 12 -49.62 16.37 34.03
CA SER K 12 -50.22 17.09 35.15
C SER K 12 -49.23 17.03 36.30
N VAL K 13 -48.38 18.05 36.38
CA VAL K 13 -47.31 18.11 37.38
C VAL K 13 -47.38 19.44 38.11
N SER K 14 -47.25 19.38 39.43
CA SER K 14 -47.24 20.57 40.25
C SER K 14 -45.88 21.27 40.15
N PRO K 15 -45.86 22.60 40.28
CA PRO K 15 -44.59 23.34 40.16
C PRO K 15 -43.61 22.96 41.26
N GLY K 16 -42.33 23.02 40.92
CA GLY K 16 -41.29 22.78 41.90
C GLY K 16 -40.37 21.63 41.56
N GLU K 17 -40.93 20.53 41.06
CA GLU K 17 -40.16 19.34 40.76
C GLU K 17 -39.76 19.30 39.29
N THR K 18 -38.91 18.34 38.96
CA THR K 18 -38.44 18.18 37.60
C THR K 18 -39.54 17.59 36.72
N ALA K 19 -39.45 17.90 35.43
CA ALA K 19 -40.36 17.35 34.43
C ALA K 19 -39.55 16.78 33.28
N THR K 20 -39.97 15.63 32.78
CA THR K 20 -39.23 14.93 31.72
C THR K 20 -40.16 14.66 30.56
N LEU K 21 -39.72 15.00 29.35
CA LEU K 21 -40.47 14.84 28.13
C LEU K 21 -39.67 13.99 27.15
N SER K 22 -40.34 13.10 26.43
CA SER K 22 -39.68 12.14 25.57
C SER K 22 -40.12 12.33 24.12
N CYS K 23 -39.18 12.05 23.20
CA CYS K 23 -39.43 12.11 21.77
C CYS K 23 -38.79 10.89 21.13
N ARG K 24 -39.52 10.24 20.23
CA ARG K 24 -39.03 9.06 19.53
C ARG K 24 -39.20 9.26 18.03
N ALA K 25 -38.11 9.11 17.29
CA ALA K 25 -38.11 9.27 15.85
C ALA K 25 -38.28 7.92 15.16
N SER K 26 -38.88 7.96 13.96
CA SER K 26 -39.05 6.73 13.20
C SER K 26 -37.72 6.15 12.76
N GLN K 27 -36.79 6.99 12.30
CA GLN K 27 -35.51 6.56 11.79
C GLN K 27 -34.39 7.24 12.55
N ASN K 28 -33.16 6.97 12.15
CA ASN K 28 -32.00 7.54 12.83
C ASN K 28 -31.93 9.04 12.58
N VAL K 29 -31.78 9.80 13.66
CA VAL K 29 -31.58 11.25 13.59
C VAL K 29 -30.42 11.54 14.54
N ILE K 30 -29.20 11.58 14.00
CA ILE K 30 -28.02 11.78 14.82
C ILE K 30 -28.02 13.21 15.34
N ASN K 31 -28.28 13.36 16.65
CA ASN K 31 -28.22 14.61 17.42
C ASN K 31 -28.69 15.81 16.61
N ASN K 32 -29.74 15.64 15.82
CA ASN K 32 -30.26 16.72 14.99
C ASN K 32 -31.69 17.02 15.39
N LEU K 33 -31.93 17.13 16.68
CA LEU K 33 -33.26 17.40 17.21
C LEU K 33 -33.32 18.82 17.77
N ALA K 34 -34.53 19.35 17.84
CA ALA K 34 -34.75 20.67 18.40
C ALA K 34 -36.03 20.66 19.23
N TRP K 35 -35.98 21.37 20.36
CA TRP K 35 -37.11 21.52 21.25
C TRP K 35 -37.52 22.99 21.28
N TYR K 36 -38.80 23.25 21.03
CA TYR K 36 -39.38 24.58 21.11
C TYR K 36 -40.45 24.61 22.18
N GLN K 37 -40.68 25.79 22.76
CA GLN K 37 -41.83 26.01 23.62
C GLN K 37 -42.76 27.03 22.98
N GLN K 38 -44.05 26.89 23.25
CA GLN K 38 -45.06 27.80 22.74
C GLN K 38 -46.06 28.07 23.86
N LYS K 39 -46.07 29.30 24.35
CA LYS K 39 -47.09 29.72 25.30
C LYS K 39 -48.39 30.02 24.55
N PRO K 40 -49.53 29.87 25.21
CA PRO K 40 -50.80 30.15 24.53
C PRO K 40 -50.84 31.56 23.96
N GLY K 41 -51.30 31.67 22.72
CA GLY K 41 -51.31 32.96 22.04
C GLY K 41 -49.94 33.56 21.82
N GLN K 42 -48.96 32.73 21.50
CA GLN K 42 -47.60 33.21 21.26
C GLN K 42 -46.94 32.33 20.21
N ALA K 43 -45.95 32.90 19.53
CA ALA K 43 -45.20 32.13 18.54
C ALA K 43 -44.16 31.26 19.24
N PRO K 44 -43.95 30.04 18.75
CA PRO K 44 -42.95 29.18 19.38
C PRO K 44 -41.56 29.78 19.27
N ARG K 45 -40.73 29.49 20.27
CA ARG K 45 -39.35 29.95 20.31
C ARG K 45 -38.42 28.76 20.47
N LEU K 46 -37.22 28.88 19.92
CA LEU K 46 -36.26 27.79 19.96
C LEU K 46 -35.67 27.67 21.35
N LEU K 47 -35.87 26.51 21.99
CA LEU K 47 -35.30 26.25 23.30
C LEU K 47 -33.96 25.55 23.19
N ILE K 48 -33.94 24.38 22.57
CA ILE K 48 -32.73 23.57 22.48
C ILE K 48 -32.51 23.19 21.03
N TYR K 49 -31.35 23.55 20.48
CA TYR K 49 -30.95 23.10 19.15
C TYR K 49 -29.84 22.08 19.30
N GLY K 50 -29.80 21.12 18.38
CA GLY K 50 -28.95 19.98 18.56
C GLY K 50 -29.51 19.10 19.65
N ALA K 51 -28.77 18.03 19.97
CA ALA K 51 -29.24 17.13 21.02
C ALA K 51 -29.23 17.83 22.38
N SER K 52 -28.12 18.44 22.74
CA SER K 52 -27.94 18.97 24.09
C SER K 52 -27.24 20.31 24.09
N THR K 53 -27.61 21.20 23.17
CA THR K 53 -27.05 22.54 23.12
C THR K 53 -28.14 23.55 23.42
N ARG K 54 -27.83 24.51 24.29
CA ARG K 54 -28.82 25.45 24.79
C ARG K 54 -28.78 26.72 23.96
N ALA K 55 -29.95 27.16 23.51
CA ALA K 55 -30.03 28.39 22.75
C ALA K 55 -29.66 29.59 23.63
N THR K 56 -29.16 30.64 22.99
CA THR K 56 -28.78 31.83 23.73
C THR K 56 -29.99 32.45 24.40
N GLY K 57 -29.80 32.92 25.63
CA GLY K 57 -30.88 33.53 26.38
C GLY K 57 -31.87 32.55 26.96
N ILE K 58 -31.50 31.29 27.15
CA ILE K 58 -32.36 30.27 27.72
C ILE K 58 -31.81 29.91 29.10
N PRO K 59 -32.64 29.88 30.14
CA PRO K 59 -32.15 29.50 31.47
C PRO K 59 -31.69 28.05 31.49
N ALA K 60 -30.74 27.77 32.38
CA ALA K 60 -30.10 26.47 32.46
C ALA K 60 -31.01 25.38 33.01
N ARG K 61 -32.26 25.69 33.37
CA ARG K 61 -33.17 24.64 33.84
C ARG K 61 -33.44 23.62 32.76
N PHE K 62 -33.58 24.07 31.51
CA PHE K 62 -33.84 23.18 30.40
C PHE K 62 -32.56 22.47 29.98
N SER K 63 -32.63 21.15 29.84
CA SER K 63 -31.48 20.37 29.39
C SER K 63 -31.95 19.25 28.48
N GLY K 64 -31.26 19.07 27.36
CA GLY K 64 -31.58 18.01 26.43
C GLY K 64 -30.60 16.86 26.52
N SER K 65 -31.07 15.68 26.12
CA SER K 65 -30.21 14.50 26.11
C SER K 65 -30.80 13.49 25.13
N GLY K 66 -30.00 12.48 24.81
CA GLY K 66 -30.43 11.41 23.93
C GLY K 66 -29.80 11.54 22.55
N SER K 67 -30.08 10.53 21.73
CA SER K 67 -29.52 10.46 20.38
C SER K 67 -30.25 9.34 19.63
N GLY K 68 -29.78 9.09 18.41
CA GLY K 68 -30.32 8.02 17.60
C GLY K 68 -31.81 8.19 17.36
N THR K 69 -32.60 7.35 18.05
CA THR K 69 -34.05 7.42 18.00
C THR K 69 -34.65 8.11 19.21
N GLU K 70 -34.06 7.97 20.39
CA GLU K 70 -34.68 8.38 21.63
C GLU K 70 -34.06 9.67 22.15
N PHE K 71 -34.89 10.66 22.47
CA PHE K 71 -34.43 11.93 23.01
C PHE K 71 -35.31 12.33 24.19
N THR K 72 -34.73 13.10 25.10
CA THR K 72 -35.45 13.57 26.29
C THR K 72 -35.08 15.02 26.58
N LEU K 73 -36.05 15.72 27.16
CA LEU K 73 -35.89 17.10 27.62
C LEU K 73 -36.30 17.18 29.08
N THR K 74 -35.46 17.78 29.91
CA THR K 74 -35.66 17.82 31.34
C THR K 74 -35.69 19.26 31.83
N ILE K 75 -36.67 19.59 32.66
CA ILE K 75 -36.76 20.87 33.34
C ILE K 75 -36.54 20.60 34.83
N SER K 76 -35.54 21.26 35.40
CA SER K 76 -35.13 20.95 36.77
C SER K 76 -36.10 21.54 37.80
N SER K 77 -36.20 22.86 37.85
CA SER K 77 -37.07 23.53 38.80
C SER K 77 -38.11 24.32 38.01
N MET K 78 -39.20 23.64 37.63
CA MET K 78 -40.22 24.29 36.81
C MET K 78 -40.93 25.37 37.61
N GLN K 79 -41.40 26.38 36.89
CA GLN K 79 -42.05 27.52 37.51
C GLN K 79 -43.39 27.82 36.87
N SER K 80 -43.99 28.96 37.20
CA SER K 80 -45.27 29.31 36.61
C SER K 80 -45.14 29.68 35.13
N GLU K 81 -44.02 30.29 34.74
CA GLU K 81 -43.83 30.71 33.37
C GLU K 81 -43.43 29.56 32.44
N ASP K 82 -43.12 28.40 32.99
CA ASP K 82 -42.74 27.25 32.19
C ASP K 82 -43.92 26.43 31.70
N PHE K 83 -45.14 26.83 32.06
CA PHE K 83 -46.34 26.13 31.60
C PHE K 83 -46.61 26.53 30.15
N ALA K 84 -46.39 25.61 29.22
CA ALA K 84 -46.54 25.89 27.81
C ALA K 84 -46.74 24.57 27.07
N VAL K 85 -46.64 24.61 25.75
CA VAL K 85 -46.70 23.42 24.91
C VAL K 85 -45.34 23.24 24.27
N TYR K 86 -44.77 22.04 24.41
CA TYR K 86 -43.41 21.78 23.96
C TYR K 86 -43.44 20.91 22.71
N TYR K 87 -42.68 21.34 21.70
CA TYR K 87 -42.68 20.72 20.39
C TYR K 87 -41.30 20.19 20.05
N CYS K 88 -41.28 19.07 19.33
CA CYS K 88 -40.06 18.33 19.01
C CYS K 88 -39.92 18.26 17.49
N GLN K 89 -38.76 18.65 16.98
CA GLN K 89 -38.53 18.69 15.54
C GLN K 89 -37.23 17.98 15.19
N GLN K 90 -37.24 17.22 14.12
CA GLN K 90 -36.02 16.68 13.53
C GLN K 90 -35.66 17.49 12.30
N TYR K 91 -34.37 17.82 12.17
CA TYR K 91 -33.89 18.46 10.96
C TYR K 91 -32.75 17.68 10.33
N ASN K 92 -32.80 16.36 10.44
CA ASN K 92 -31.78 15.53 9.81
C ASN K 92 -31.99 15.41 8.31
N ASP K 93 -33.22 15.54 7.84
CA ASP K 93 -33.51 15.37 6.42
C ASP K 93 -34.83 16.06 6.09
N TRP K 94 -35.08 16.23 4.80
CA TRP K 94 -36.29 16.84 4.29
C TRP K 94 -37.33 15.78 3.95
N PRO K 95 -38.62 16.05 4.19
CA PRO K 95 -39.14 17.28 4.78
C PRO K 95 -39.00 17.31 6.30
N ARG K 96 -38.94 18.51 6.86
CA ARG K 96 -38.85 18.63 8.31
C ARG K 96 -40.14 18.13 8.96
N SER K 97 -39.99 17.52 10.13
CA SER K 97 -41.10 16.92 10.85
C SER K 97 -41.22 17.53 12.23
N PHE K 98 -42.44 17.54 12.75
CA PHE K 98 -42.73 18.09 14.07
C PHE K 98 -43.43 17.04 14.92
N GLY K 99 -43.25 17.16 16.23
CA GLY K 99 -43.99 16.32 17.15
C GLY K 99 -45.41 16.80 17.35
N GLN K 100 -46.27 15.86 17.76
CA GLN K 100 -47.66 16.21 18.03
C GLN K 100 -47.79 17.20 19.18
N GLY K 101 -46.78 17.31 20.02
CA GLY K 101 -46.80 18.29 21.09
C GLY K 101 -47.20 17.67 22.43
N THR K 102 -46.73 18.30 23.50
CA THR K 102 -47.05 17.87 24.85
C THR K 102 -47.44 19.08 25.69
N ARG K 103 -48.38 18.87 26.61
CA ARG K 103 -48.93 19.94 27.43
C ARG K 103 -48.40 19.84 28.85
N LEU K 104 -47.86 20.94 29.36
CA LEU K 104 -47.34 21.03 30.71
C LEU K 104 -48.30 21.87 31.53
N ASP K 105 -49.03 21.23 32.46
CA ASP K 105 -50.01 21.93 33.28
C ASP K 105 -49.95 21.46 34.73
N VAL L 2 -33.94 41.98 15.47
CA VAL L 2 -33.52 40.73 14.87
C VAL L 2 -34.75 39.92 14.51
N GLN L 3 -35.89 40.31 15.08
CA GLN L 3 -37.13 39.59 14.91
C GLN L 3 -37.67 39.76 13.49
N LEU L 4 -38.76 39.06 13.21
CA LEU L 4 -39.44 39.11 11.92
C LEU L 4 -40.85 39.63 12.13
N VAL L 5 -41.31 40.49 11.23
CA VAL L 5 -42.63 41.10 11.31
C VAL L 5 -43.46 40.59 10.14
N GLN L 6 -44.61 40.02 10.45
CA GLN L 6 -45.47 39.48 9.41
C GLN L 6 -46.52 40.52 9.00
N SER L 7 -47.42 40.12 8.11
CA SER L 7 -48.35 41.08 7.51
C SER L 7 -49.42 41.50 8.51
N GLY L 8 -50.24 40.56 8.94
CA GLY L 8 -51.33 40.87 9.85
C GLY L 8 -52.53 39.98 9.56
N ALA L 9 -53.48 40.02 10.50
CA ALA L 9 -54.68 39.21 10.39
C ALA L 9 -55.47 39.58 9.14
N GLU L 10 -56.00 38.55 8.46
CA GLU L 10 -56.75 38.78 7.25
C GLU L 10 -57.69 37.61 7.01
N VAL L 11 -58.93 37.93 6.62
CA VAL L 11 -59.98 36.94 6.41
C VAL L 11 -60.62 37.18 5.06
N LYS L 12 -60.98 36.09 4.37
CA LYS L 12 -61.65 36.22 3.09
C LYS L 12 -62.47 34.96 2.82
N LYS L 13 -63.39 35.08 1.86
CA LYS L 13 -64.28 33.98 1.52
C LYS L 13 -63.48 32.82 0.92
N PRO L 14 -63.78 31.59 1.31
CA PRO L 14 -63.02 30.44 0.78
C PRO L 14 -63.13 30.34 -0.74
N GLY L 15 -62.03 29.97 -1.36
CA GLY L 15 -61.92 29.90 -2.81
C GLY L 15 -61.01 30.95 -3.41
N ALA L 16 -60.74 32.03 -2.69
CA ALA L 16 -59.85 33.09 -3.16
C ALA L 16 -58.40 32.70 -2.85
N SER L 17 -57.49 33.65 -3.00
CA SER L 17 -56.07 33.43 -2.77
C SER L 17 -55.57 34.40 -1.71
N VAL L 18 -54.66 33.93 -0.86
CA VAL L 18 -54.15 34.72 0.25
C VAL L 18 -52.64 34.89 0.09
N LYS L 19 -52.16 36.12 0.24
CA LYS L 19 -50.75 36.44 0.20
C LYS L 19 -50.33 36.93 1.59
N VAL L 20 -49.32 36.29 2.17
CA VAL L 20 -48.83 36.63 3.49
C VAL L 20 -47.37 37.04 3.36
N SER L 21 -47.02 38.17 3.97
CA SER L 21 -45.69 38.72 3.87
C SER L 21 -45.04 38.80 5.25
N CYS L 22 -43.78 38.42 5.33
CA CYS L 22 -42.98 38.61 6.54
C CYS L 22 -41.71 39.34 6.18
N LYS L 23 -41.38 40.36 6.95
CA LYS L 23 -40.20 41.19 6.72
C LYS L 23 -39.16 40.92 7.79
N ALA L 24 -37.89 40.85 7.37
CA ALA L 24 -36.79 40.57 8.26
C ALA L 24 -35.91 41.79 8.42
N SER L 25 -35.43 42.02 9.63
CA SER L 25 -34.55 43.14 9.91
C SER L 25 -33.59 42.75 11.02
N GLY L 26 -32.45 43.44 11.05
CA GLY L 26 -31.43 43.20 12.06
C GLY L 26 -30.34 42.22 11.66
N TYR L 27 -30.34 41.75 10.42
CA TYR L 27 -29.31 40.83 9.96
C TYR L 27 -29.26 40.88 8.43
N THR L 28 -28.20 40.30 7.89
CA THR L 28 -28.04 40.22 6.43
C THR L 28 -29.09 39.26 5.88
N PHE L 29 -30.03 39.78 5.10
CA PHE L 29 -31.16 38.98 4.66
C PHE L 29 -30.72 37.82 3.78
N THR L 30 -29.74 38.05 2.91
CA THR L 30 -29.32 37.02 1.96
C THR L 30 -28.58 35.86 2.62
N LYS L 31 -28.19 35.98 3.88
CA LYS L 31 -27.45 34.90 4.52
C LYS L 31 -28.36 33.74 4.92
N TYR L 32 -29.57 34.02 5.36
CA TYR L 32 -30.47 33.02 5.91
C TYR L 32 -31.71 32.89 5.04
N GLY L 33 -32.20 31.66 4.87
CA GLY L 33 -33.47 31.43 4.23
C GLY L 33 -34.62 31.48 5.21
N ILE L 34 -35.82 31.32 4.67
CA ILE L 34 -37.05 31.45 5.43
C ILE L 34 -37.85 30.16 5.31
N SER L 35 -38.28 29.63 6.45
CA SER L 35 -39.14 28.46 6.50
C SER L 35 -40.55 28.88 6.90
N TRP L 36 -41.54 28.14 6.40
CA TRP L 36 -42.94 28.46 6.65
C TRP L 36 -43.60 27.31 7.39
N VAL L 37 -44.31 27.63 8.47
CA VAL L 37 -44.94 26.63 9.32
C VAL L 37 -46.42 26.95 9.46
N ARG L 38 -47.25 25.92 9.50
CA ARG L 38 -48.69 26.07 9.67
C ARG L 38 -49.14 25.37 10.93
N GLN L 39 -50.02 26.02 11.70
CA GLN L 39 -50.62 25.42 12.88
C GLN L 39 -52.13 25.62 12.82
N ALA L 40 -52.87 24.53 12.65
CA ALA L 40 -54.31 24.60 12.73
C ALA L 40 -54.74 24.88 14.17
N PRO L 41 -55.90 25.49 14.37
CA PRO L 41 -56.35 25.80 15.74
C PRO L 41 -56.52 24.53 16.55
N GLY L 42 -55.69 24.40 17.59
CA GLY L 42 -55.71 23.25 18.46
C GLY L 42 -54.89 22.07 18.00
N GLN L 43 -54.27 22.14 16.83
CA GLN L 43 -53.44 21.07 16.31
C GLN L 43 -51.97 21.44 16.40
N GLY L 44 -51.12 20.46 16.09
CA GLY L 44 -49.70 20.68 16.13
C GLY L 44 -49.17 21.44 14.93
N LEU L 45 -47.91 21.84 15.02
CA LEU L 45 -47.28 22.56 13.94
C LEU L 45 -47.07 21.65 12.74
N GLU L 46 -47.20 22.23 11.54
CA GLU L 46 -47.05 21.49 10.29
C GLU L 46 -46.13 22.27 9.37
N TRP L 47 -45.13 21.59 8.81
CA TRP L 47 -44.15 22.24 7.96
C TRP L 47 -44.68 22.43 6.55
N MET L 48 -44.36 23.57 5.95
CA MET L 48 -44.81 23.91 4.61
C MET L 48 -43.69 23.90 3.58
N GLY L 49 -42.62 24.66 3.83
CA GLY L 49 -41.53 24.72 2.88
C GLY L 49 -40.43 25.62 3.39
N TRP L 50 -39.39 25.72 2.58
CA TRP L 50 -38.21 26.53 2.91
C TRP L 50 -37.67 27.15 1.63
N ILE L 51 -37.44 28.46 1.65
CA ILE L 51 -36.91 29.18 0.50
C ILE L 51 -35.58 29.81 0.89
N SER L 52 -34.58 29.67 0.03
CA SER L 52 -33.30 30.30 0.27
C SER L 52 -33.34 31.75 -0.19
N ALA L 53 -32.93 32.65 0.68
CA ALA L 53 -32.88 34.06 0.31
C ALA L 53 -31.67 34.41 -0.55
N PHE L 54 -30.71 33.50 -0.66
CA PHE L 54 -29.52 33.78 -1.47
C PHE L 54 -29.85 33.80 -2.95
N ASN L 55 -30.58 32.80 -3.43
CA ASN L 55 -30.94 32.72 -4.84
C ASN L 55 -32.38 32.34 -5.11
N GLY L 56 -33.13 31.85 -4.13
CA GLY L 56 -34.51 31.46 -4.34
C GLY L 56 -34.75 29.98 -4.45
N TYR L 57 -33.76 29.14 -4.17
CA TYR L 57 -33.97 27.70 -4.16
C TYR L 57 -35.03 27.34 -3.13
N THR L 58 -35.95 26.45 -3.52
CA THR L 58 -37.10 26.12 -2.70
C THR L 58 -37.17 24.62 -2.46
N ARG L 59 -37.41 24.24 -1.20
CA ARG L 59 -37.82 22.90 -0.84
C ARG L 59 -39.28 22.97 -0.42
N TYR L 60 -40.12 22.18 -1.05
CA TYR L 60 -41.56 22.20 -0.81
C TYR L 60 -42.00 20.96 -0.07
N GLY L 61 -42.98 21.12 0.81
CA GLY L 61 -43.62 19.98 1.41
C GLY L 61 -44.33 19.13 0.38
N GLN L 62 -44.43 17.83 0.65
CA GLN L 62 -44.99 16.92 -0.33
C GLN L 62 -46.45 17.27 -0.63
N ARG L 63 -47.21 17.62 0.40
CA ARG L 63 -48.64 17.88 0.24
C ARG L 63 -48.95 19.35 -0.05
N PHE L 64 -47.95 20.14 -0.43
CA PHE L 64 -48.17 21.56 -0.70
C PHE L 64 -47.58 22.00 -2.03
N GLN L 65 -47.05 21.08 -2.83
CA GLN L 65 -46.51 21.46 -4.13
C GLN L 65 -47.62 21.94 -5.05
N GLY L 66 -47.36 23.04 -5.75
CA GLY L 66 -48.34 23.60 -6.67
C GLY L 66 -49.40 24.42 -5.96
N LYS L 67 -49.91 23.91 -4.84
CA LYS L 67 -50.94 24.63 -4.11
C LYS L 67 -50.40 25.90 -3.48
N VAL L 68 -49.12 25.92 -3.10
CA VAL L 68 -48.53 27.04 -2.39
C VAL L 68 -47.30 27.50 -3.16
N THR L 69 -47.18 28.81 -3.35
CA THR L 69 -46.00 29.41 -3.97
C THR L 69 -45.25 30.26 -2.96
N MET L 70 -43.93 30.28 -3.09
CA MET L 70 -43.05 30.88 -2.10
C MET L 70 -42.06 31.79 -2.82
N THR L 71 -41.99 33.04 -2.40
CA THR L 71 -41.16 34.01 -3.11
C THR L 71 -40.37 34.85 -2.12
N THR L 72 -39.28 35.44 -2.61
CA THR L 72 -38.42 36.28 -1.81
C THR L 72 -38.08 37.56 -2.56
N ASP L 73 -37.74 38.60 -1.80
CA ASP L 73 -37.40 39.90 -2.38
C ASP L 73 -36.32 40.51 -1.50
N THR L 74 -35.09 40.54 -2.02
CA THR L 74 -33.96 41.07 -1.26
C THR L 74 -33.95 42.59 -1.18
N SER L 75 -34.64 43.27 -2.10
CA SER L 75 -34.67 44.73 -2.06
C SER L 75 -35.37 45.23 -0.81
N THR L 76 -36.48 44.59 -0.43
CA THR L 76 -37.27 45.00 0.72
C THR L 76 -37.20 43.99 1.86
N ASN L 77 -36.35 42.97 1.75
CA ASN L 77 -36.21 41.94 2.78
C ASN L 77 -37.56 41.30 3.10
N THR L 78 -38.23 40.80 2.07
CA THR L 78 -39.59 40.30 2.20
C THR L 78 -39.66 38.85 1.76
N ALA L 79 -40.35 38.02 2.54
CA ALA L 79 -40.66 36.66 2.15
C ALA L 79 -42.17 36.51 2.08
N SER L 80 -42.66 35.98 0.96
CA SER L 80 -44.09 35.94 0.70
C SER L 80 -44.55 34.51 0.45
N LEU L 81 -45.68 34.17 1.04
CA LEU L 81 -46.34 32.89 0.88
C LEU L 81 -47.70 33.14 0.23
N GLU L 82 -47.96 32.48 -0.89
CA GLU L 82 -49.20 32.66 -1.62
C GLU L 82 -49.93 31.33 -1.72
N VAL L 83 -51.19 31.33 -1.29
CA VAL L 83 -52.03 30.13 -1.32
C VAL L 83 -53.19 30.41 -2.26
N ARG L 84 -53.36 29.54 -3.26
CA ARG L 84 -54.30 29.82 -4.35
C ARG L 84 -55.70 29.30 -4.08
N THR L 85 -55.83 28.10 -3.52
CA THR L 85 -57.13 27.52 -3.20
C THR L 85 -57.27 27.38 -1.70
N LEU L 86 -58.37 27.88 -1.16
CA LEU L 86 -58.66 27.82 0.27
C LEU L 86 -59.85 26.90 0.51
N THR L 87 -59.73 26.03 1.51
CA THR L 87 -60.79 25.11 1.89
C THR L 87 -61.03 25.29 3.39
N SER L 88 -62.07 24.62 3.90
CA SER L 88 -62.46 24.80 5.29
C SER L 88 -61.36 24.38 6.25
N ASN L 89 -60.53 23.42 5.88
CA ASN L 89 -59.51 22.90 6.76
C ASN L 89 -58.20 23.66 6.68
N ASP L 90 -58.12 24.71 5.86
CA ASP L 90 -56.89 25.49 5.74
C ASP L 90 -56.85 26.70 6.65
N THR L 91 -57.89 26.95 7.45
CA THR L 91 -57.82 28.01 8.44
C THR L 91 -56.82 27.63 9.52
N ALA L 92 -55.88 28.52 9.80
CA ALA L 92 -54.76 28.19 10.67
C ALA L 92 -54.02 29.47 11.02
N VAL L 93 -52.83 29.32 11.61
CA VAL L 93 -51.90 30.40 11.83
C VAL L 93 -50.60 30.04 11.13
N TYR L 94 -50.07 30.99 10.36
CA TYR L 94 -48.88 30.78 9.55
C TYR L 94 -47.71 31.54 10.16
N TYR L 95 -46.58 30.86 10.31
CA TYR L 95 -45.39 31.39 10.96
C TYR L 95 -44.22 31.44 9.98
N CYS L 96 -43.51 32.55 10.01
CA CYS L 96 -42.34 32.82 9.18
C CYS L 96 -41.10 32.68 10.06
N ALA L 97 -40.42 31.54 9.95
CA ALA L 97 -39.23 31.26 10.75
C ALA L 97 -37.98 31.48 9.93
N ARG L 98 -36.88 31.79 10.61
CA ARG L 98 -35.59 32.00 9.98
C ARG L 98 -34.74 30.74 10.10
N GLN L 99 -34.04 30.39 9.03
CA GLN L 99 -33.28 29.15 9.00
C GLN L 99 -32.06 29.30 8.11
N TYR L 100 -30.90 28.98 8.65
CA TYR L 100 -29.69 29.01 7.84
C TYR L 100 -29.66 27.79 6.92
N PRO L 101 -29.16 27.92 5.70
CA PRO L 101 -29.11 26.78 4.79
C PRO L 101 -28.17 25.70 5.30
N ASP L 102 -28.52 24.44 5.00
CA ASP L 102 -27.61 23.34 5.31
C ASP L 102 -26.34 23.48 4.50
N GLN L 103 -25.22 23.08 5.09
CA GLN L 103 -23.91 23.29 4.48
C GLN L 103 -23.19 21.97 4.34
N TYR L 104 -22.66 21.71 3.14
CA TYR L 104 -21.87 20.54 2.86
C TYR L 104 -20.54 20.97 2.24
N SER L 105 -19.52 20.14 2.41
CA SER L 105 -18.22 20.42 1.83
C SER L 105 -17.51 19.11 1.55
N SER L 106 -16.53 19.18 0.65
CA SER L 106 -15.76 17.99 0.30
C SER L 106 -14.93 17.51 1.48
N SER L 107 -14.25 18.43 2.15
CA SER L 107 -13.46 18.14 3.34
C SER L 107 -14.20 18.72 4.53
N GLY L 108 -15.10 17.93 5.10
CA GLY L 108 -15.92 18.40 6.19
C GLY L 108 -17.15 17.52 6.33
N TRP L 109 -18.00 17.88 7.27
CA TRP L 109 -19.19 17.10 7.52
C TRP L 109 -20.41 18.01 7.51
N PRO L 110 -21.57 17.48 7.12
CA PRO L 110 -22.74 18.34 6.97
C PRO L 110 -23.10 19.05 8.27
N ARG L 111 -23.51 20.31 8.14
CA ARG L 111 -23.95 21.13 9.26
C ARG L 111 -25.38 21.55 9.00
N LEU L 112 -26.32 20.98 9.74
CA LEU L 112 -27.73 21.25 9.56
C LEU L 112 -28.22 22.23 10.62
N PHE L 113 -29.23 23.01 10.27
CA PHE L 113 -29.66 24.12 11.09
C PHE L 113 -31.16 24.05 11.35
N ALA L 114 -31.57 24.65 12.46
CA ALA L 114 -32.96 24.71 12.88
C ALA L 114 -33.50 26.13 12.72
N MET L 115 -34.74 26.33 13.13
CA MET L 115 -35.42 27.61 12.99
C MET L 115 -35.09 28.49 14.19
N ASP L 116 -34.28 29.52 13.96
CA ASP L 116 -33.76 30.33 15.06
C ASP L 116 -34.84 31.26 15.62
N VAL L 117 -35.35 32.17 14.80
CA VAL L 117 -36.32 33.15 15.23
C VAL L 117 -37.62 32.94 14.47
N TRP L 118 -38.72 33.29 15.11
CA TRP L 118 -40.05 33.17 14.52
C TRP L 118 -40.73 34.53 14.55
N GLY L 119 -41.40 34.88 13.46
CA GLY L 119 -42.27 36.03 13.48
C GLY L 119 -43.59 35.72 14.16
N GLN L 120 -44.30 36.77 14.54
CA GLN L 120 -45.63 36.58 15.10
C GLN L 120 -46.54 35.96 14.04
N GLY L 121 -47.43 35.07 14.47
CA GLY L 121 -48.24 34.35 13.53
C GLY L 121 -49.22 35.25 12.79
N THR L 122 -49.58 34.82 11.59
CA THR L 122 -50.63 35.47 10.81
C THR L 122 -51.81 34.50 10.69
N THR L 123 -52.97 34.92 11.17
CA THR L 123 -54.13 34.05 11.19
C THR L 123 -54.90 34.13 9.88
N VAL L 124 -55.36 32.98 9.41
CA VAL L 124 -56.17 32.89 8.20
C VAL L 124 -57.41 32.08 8.55
N THR L 125 -58.58 32.68 8.30
CA THR L 125 -59.87 32.06 8.57
C THR L 125 -60.73 32.13 7.32
N VAL L 126 -61.50 31.07 7.08
CA VAL L 126 -62.37 31.03 5.92
C VAL L 126 -63.83 31.01 6.36
N GLY M 2 -19.09 -51.42 -15.86
CA GLY M 2 -17.72 -51.90 -15.96
C GLY M 2 -17.36 -52.86 -14.84
N THR M 3 -16.25 -53.58 -15.02
CA THR M 3 -15.84 -54.57 -14.03
C THR M 3 -14.33 -54.75 -14.09
N LEU M 4 -13.79 -55.29 -13.01
CA LEU M 4 -12.36 -55.56 -12.88
C LEU M 4 -12.16 -57.07 -12.86
N ARG M 5 -11.25 -57.56 -13.71
CA ARG M 5 -11.07 -59.00 -13.89
C ARG M 5 -9.63 -59.39 -13.55
N GLU M 6 -9.51 -60.51 -12.85
CA GLU M 6 -8.23 -61.05 -12.39
C GLU M 6 -7.63 -61.99 -13.43
N SER M 7 -6.30 -62.11 -13.38
CA SER M 7 -5.59 -63.11 -14.16
C SER M 7 -4.26 -63.39 -13.49
N GLY M 8 -3.84 -64.65 -13.53
CA GLY M 8 -2.57 -65.04 -12.96
C GLY M 8 -2.49 -66.52 -12.66
N PRO M 9 -1.27 -67.05 -12.58
CA PRO M 9 -1.10 -68.47 -12.30
C PRO M 9 -1.59 -68.83 -10.90
N GLY M 10 -2.12 -70.04 -10.79
CA GLY M 10 -2.60 -70.52 -9.51
C GLY M 10 -1.50 -71.00 -8.59
N LEU M 11 -0.79 -72.05 -8.99
CA LEU M 11 0.28 -72.59 -8.19
C LEU M 11 1.58 -71.84 -8.45
N VAL M 12 2.31 -71.58 -7.37
CA VAL M 12 3.58 -70.86 -7.44
C VAL M 12 4.65 -71.68 -6.71
N ARG M 13 5.78 -71.87 -7.36
CA ARG M 13 6.93 -72.49 -6.71
C ARG M 13 7.46 -71.54 -5.65
N PRO M 14 7.62 -71.98 -4.40
CA PRO M 14 8.11 -71.07 -3.35
C PRO M 14 9.45 -70.45 -3.70
N SER M 15 9.72 -69.30 -3.06
CA SER M 15 10.94 -68.53 -3.29
C SER M 15 11.06 -68.09 -4.74
N GLU M 16 9.92 -67.79 -5.37
CA GLU M 16 9.90 -67.24 -6.72
C GLU M 16 9.10 -65.95 -6.75
N THR M 17 8.78 -65.45 -7.94
CA THR M 17 8.07 -64.19 -8.10
C THR M 17 6.66 -64.44 -8.63
N LEU M 18 5.68 -63.88 -7.92
CA LEU M 18 4.28 -63.95 -8.32
C LEU M 18 3.92 -62.77 -9.21
N SER M 19 3.09 -63.02 -10.22
CA SER M 19 2.66 -61.98 -11.15
C SER M 19 1.17 -62.11 -11.40
N LEU M 20 0.40 -61.09 -11.02
CA LEU M 20 -1.03 -61.04 -11.26
C LEU M 20 -1.36 -59.79 -12.06
N THR M 21 -2.46 -59.84 -12.81
CA THR M 21 -2.86 -58.70 -13.61
C THR M 21 -4.38 -58.55 -13.56
N CYS M 22 -4.84 -57.34 -13.24
CA CYS M 22 -6.27 -57.03 -13.24
C CYS M 22 -6.53 -56.04 -14.38
N GLY M 23 -7.43 -56.43 -15.27
CA GLY M 23 -7.83 -55.60 -16.40
C GLY M 23 -9.22 -55.05 -16.16
N VAL M 24 -9.43 -53.78 -16.53
CA VAL M 24 -10.68 -53.10 -16.28
C VAL M 24 -11.46 -52.99 -17.57
N SER M 25 -12.79 -52.99 -17.44
CA SER M 25 -13.70 -52.83 -18.57
C SER M 25 -14.75 -51.79 -18.21
N GLY M 26 -15.02 -50.87 -19.14
CA GLY M 26 -15.96 -49.81 -18.88
C GLY M 26 -15.31 -48.63 -18.18
N TYR M 27 -14.84 -48.84 -16.95
CA TYR M 27 -14.08 -47.81 -16.27
C TYR M 27 -12.75 -47.58 -16.97
N SER M 28 -12.26 -46.35 -16.91
CA SER M 28 -10.98 -45.98 -17.50
C SER M 28 -9.99 -45.69 -16.39
N ILE M 29 -8.79 -46.27 -16.50
CA ILE M 29 -7.76 -46.06 -15.50
C ILE M 29 -7.37 -44.59 -15.43
N SER M 30 -7.23 -43.95 -16.59
CA SER M 30 -6.81 -42.55 -16.64
C SER M 30 -7.89 -41.59 -16.16
N SER M 31 -9.14 -42.05 -15.99
CA SER M 31 -10.19 -41.15 -15.54
C SER M 31 -9.89 -40.60 -14.16
N GLY M 32 -9.43 -41.45 -13.25
CA GLY M 32 -9.13 -41.01 -11.90
C GLY M 32 -9.02 -42.21 -10.98
N TYR M 33 -9.24 -41.95 -9.70
CA TYR M 33 -9.23 -42.96 -8.66
C TYR M 33 -7.86 -43.61 -8.51
N TYR M 34 -7.66 -44.35 -7.43
CA TYR M 34 -6.44 -45.08 -7.17
C TYR M 34 -6.76 -46.57 -7.21
N TRP M 35 -5.95 -47.33 -7.94
CA TRP M 35 -6.23 -48.74 -8.17
C TRP M 35 -5.25 -49.57 -7.38
N GLY M 36 -5.76 -50.43 -6.50
CA GLY M 36 -4.91 -51.12 -5.55
C GLY M 36 -5.29 -52.59 -5.41
N TRP M 37 -4.57 -53.26 -4.54
CA TRP M 37 -4.70 -54.70 -4.33
C TRP M 37 -4.98 -55.01 -2.88
N ILE M 38 -5.82 -56.00 -2.65
CA ILE M 38 -6.20 -56.47 -1.32
C ILE M 38 -5.89 -57.95 -1.24
N ARG M 39 -5.42 -58.40 -0.08
CA ARG M 39 -5.11 -59.80 0.13
C ARG M 39 -5.85 -60.32 1.35
N GLN M 40 -6.38 -61.54 1.24
CA GLN M 40 -7.03 -62.21 2.37
C GLN M 40 -6.47 -63.61 2.50
N PRO M 41 -5.70 -63.90 3.55
CA PRO M 41 -5.31 -65.28 3.80
C PRO M 41 -6.52 -66.14 4.11
N PRO M 42 -6.46 -67.42 3.78
CA PRO M 42 -7.65 -68.28 3.98
C PRO M 42 -8.04 -68.38 5.45
N GLY M 43 -9.23 -67.88 5.76
CA GLY M 43 -9.75 -67.89 7.11
C GLY M 43 -9.35 -66.71 7.96
N LYS M 44 -8.52 -65.80 7.45
CA LYS M 44 -8.03 -64.68 8.23
C LYS M 44 -8.68 -63.39 7.73
N GLY M 45 -8.26 -62.27 8.32
CA GLY M 45 -8.83 -61.00 7.96
C GLY M 45 -8.18 -60.38 6.74
N LEU M 46 -8.87 -59.41 6.16
CA LEU M 46 -8.37 -58.74 4.97
C LEU M 46 -7.12 -57.94 5.29
N GLU M 47 -6.19 -57.90 4.33
CA GLU M 47 -4.96 -57.13 4.45
C GLU M 47 -4.74 -56.34 3.18
N TRP M 48 -4.35 -55.07 3.34
CA TRP M 48 -4.14 -54.18 2.23
C TRP M 48 -2.69 -54.27 1.76
N ILE M 49 -2.49 -54.28 0.44
CA ILE M 49 -1.16 -54.41 -0.13
C ILE M 49 -0.64 -53.06 -0.59
N GLY M 50 -1.31 -52.44 -1.54
CA GLY M 50 -0.84 -51.17 -2.06
C GLY M 50 -1.79 -50.61 -3.08
N ASN M 51 -1.50 -49.38 -3.50
CA ASN M 51 -2.27 -48.64 -4.47
C ASN M 51 -1.33 -48.00 -5.48
N ILE M 52 -1.85 -47.78 -6.69
CA ILE M 52 -1.15 -47.05 -7.74
C ILE M 52 -2.10 -46.00 -8.31
N TYR M 53 -1.53 -44.97 -8.90
CA TYR M 53 -2.28 -43.86 -9.46
C TYR M 53 -1.98 -43.72 -10.93
N ARG M 54 -2.87 -43.02 -11.65
CA ARG M 54 -2.65 -42.80 -13.07
C ARG M 54 -1.38 -42.01 -13.33
N SER M 55 -0.86 -41.30 -12.34
CA SER M 55 0.38 -40.56 -12.48
C SER M 55 1.61 -41.41 -12.23
N GLY M 56 1.45 -42.64 -11.77
CA GLY M 56 2.54 -43.56 -11.56
C GLY M 56 2.96 -43.73 -10.11
N SER M 57 2.54 -42.83 -9.22
CA SER M 57 2.94 -42.92 -7.82
C SER M 57 2.25 -44.08 -7.13
N THR M 58 3.00 -44.80 -6.30
CA THR M 58 2.52 -45.98 -5.60
C THR M 58 2.58 -45.74 -4.09
N TYR M 59 1.71 -46.44 -3.36
CA TYR M 59 1.65 -46.38 -1.91
C TYR M 59 1.51 -47.80 -1.38
N TYR M 60 2.52 -48.28 -0.67
CA TYR M 60 2.59 -49.68 -0.27
C TYR M 60 2.37 -49.86 1.22
N ASN M 61 2.01 -51.09 1.59
CA ASN M 61 1.95 -51.48 2.99
C ASN M 61 3.36 -51.55 3.57
N PRO M 62 3.66 -50.84 4.66
CA PRO M 62 5.04 -50.85 5.18
C PRO M 62 5.54 -52.24 5.57
N SER M 63 4.66 -53.12 6.03
CA SER M 63 5.07 -54.48 6.33
C SER M 63 5.36 -55.28 5.07
N LEU M 64 4.95 -54.80 3.90
CA LEU M 64 5.19 -55.47 2.64
C LEU M 64 5.95 -54.59 1.65
N LYS M 65 6.36 -53.38 2.04
CA LYS M 65 6.91 -52.44 1.08
C LYS M 65 8.18 -52.95 0.42
N SER M 66 8.95 -53.79 1.12
CA SER M 66 10.25 -54.20 0.61
C SER M 66 10.13 -55.10 -0.61
N ARG M 67 9.14 -56.00 -0.63
CA ARG M 67 9.12 -57.09 -1.59
C ARG M 67 7.89 -57.09 -2.50
N VAL M 68 7.25 -55.93 -2.70
CA VAL M 68 6.09 -55.84 -3.58
C VAL M 68 6.32 -54.74 -4.60
N THR M 69 5.60 -54.85 -5.72
CA THR M 69 5.54 -53.73 -6.65
C THR M 69 4.24 -53.79 -7.42
N VAL M 70 3.69 -52.61 -7.70
CA VAL M 70 2.43 -52.47 -8.43
C VAL M 70 2.69 -51.61 -9.65
N SER M 71 2.27 -52.11 -10.81
CA SER M 71 2.53 -51.45 -12.09
C SER M 71 1.21 -51.08 -12.75
N ILE M 72 1.29 -50.10 -13.64
CA ILE M 72 0.12 -49.57 -14.33
C ILE M 72 0.38 -49.63 -15.83
N ASP M 73 -0.71 -49.62 -16.61
CA ASP M 73 -0.60 -49.55 -18.06
C ASP M 73 -1.88 -48.92 -18.59
N THR M 74 -1.80 -47.63 -18.93
CA THR M 74 -2.98 -46.93 -19.43
C THR M 74 -3.31 -47.28 -20.86
N SER M 75 -2.31 -47.67 -21.66
CA SER M 75 -2.57 -48.03 -23.04
C SER M 75 -3.49 -49.24 -23.13
N LYS M 76 -3.15 -50.32 -22.44
CA LYS M 76 -3.98 -51.51 -22.39
C LYS M 76 -4.99 -51.46 -21.25
N ASN M 77 -4.98 -50.39 -20.45
CA ASN M 77 -5.99 -50.14 -19.42
C ASN M 77 -6.03 -51.29 -18.42
N GLN M 78 -4.93 -51.46 -17.70
CA GLN M 78 -4.85 -52.53 -16.70
C GLN M 78 -3.79 -52.18 -15.67
N PHE M 79 -3.74 -52.96 -14.60
CA PHE M 79 -2.73 -52.77 -13.57
C PHE M 79 -2.36 -54.12 -12.99
N SER M 80 -1.09 -54.26 -12.61
CA SER M 80 -0.53 -55.56 -12.28
C SER M 80 0.20 -55.50 -10.94
N LEU M 81 0.33 -56.68 -10.34
CA LEU M 81 1.02 -56.89 -9.07
C LEU M 81 2.16 -57.87 -9.27
N LYS M 82 3.31 -57.58 -8.67
CA LYS M 82 4.46 -58.46 -8.72
C LYS M 82 5.02 -58.62 -7.31
N LEU M 83 5.12 -59.87 -6.86
CA LEU M 83 5.57 -60.22 -5.53
C LEU M 83 6.93 -60.91 -5.61
N ASN M 84 7.89 -60.42 -4.84
CA ASN M 84 9.24 -60.96 -4.81
C ASN M 84 9.42 -61.83 -3.57
N SER M 85 10.19 -62.91 -3.72
CA SER M 85 10.50 -63.83 -2.62
C SER M 85 9.21 -64.36 -1.99
N VAL M 86 8.44 -65.09 -2.79
CA VAL M 86 7.17 -65.62 -2.32
C VAL M 86 7.43 -66.71 -1.29
N THR M 87 6.78 -66.59 -0.14
CA THR M 87 6.87 -67.55 0.94
C THR M 87 5.55 -68.32 1.02
N ALA M 88 5.58 -69.47 1.69
CA ALA M 88 4.37 -70.26 1.86
C ALA M 88 3.31 -69.52 2.66
N ALA M 89 3.69 -68.48 3.40
CA ALA M 89 2.74 -67.69 4.15
C ALA M 89 1.89 -66.78 3.27
N ASP M 90 2.22 -66.67 1.98
CA ASP M 90 1.52 -65.77 1.08
C ASP M 90 0.35 -66.43 0.36
N THR M 91 0.09 -67.71 0.60
CA THR M 91 -1.09 -68.36 0.04
C THR M 91 -2.35 -67.65 0.51
N ALA M 92 -3.12 -67.12 -0.42
CA ALA M 92 -4.22 -66.23 -0.06
C ALA M 92 -5.12 -66.03 -1.27
N VAL M 93 -6.03 -65.06 -1.14
CA VAL M 93 -6.90 -64.62 -2.23
C VAL M 93 -6.60 -63.16 -2.50
N TYR M 94 -6.39 -62.81 -3.77
CA TYR M 94 -6.03 -61.47 -4.18
C TYR M 94 -7.18 -60.83 -4.94
N TYR M 95 -7.56 -59.63 -4.52
CA TYR M 95 -8.56 -58.83 -5.20
C TYR M 95 -7.94 -57.55 -5.71
N CYS M 96 -8.40 -57.08 -6.87
CA CYS M 96 -8.08 -55.76 -7.37
C CYS M 96 -9.27 -54.85 -7.09
N ALA M 97 -9.01 -53.67 -6.56
CA ALA M 97 -10.08 -52.78 -6.14
C ALA M 97 -9.75 -51.35 -6.52
N ARG M 98 -10.79 -50.54 -6.64
CA ARG M 98 -10.68 -49.13 -6.99
C ARG M 98 -11.14 -48.30 -5.81
N SER M 99 -10.36 -47.28 -5.47
CA SER M 99 -10.65 -46.45 -4.31
C SER M 99 -10.66 -44.98 -4.71
N GLY M 100 -11.54 -44.22 -4.09
CA GLY M 100 -11.66 -42.81 -4.40
C GLY M 100 -10.97 -41.92 -3.38
N ILE M 101 -9.82 -42.36 -2.89
CA ILE M 101 -9.08 -41.62 -1.88
C ILE M 101 -8.50 -40.36 -2.49
N LYS M 102 -8.03 -39.44 -1.66
CA LYS M 102 -7.34 -38.25 -2.12
C LYS M 102 -6.00 -38.16 -1.40
N VAL M 103 -4.94 -37.94 -2.17
CA VAL M 103 -3.60 -37.76 -1.63
C VAL M 103 -3.15 -36.33 -1.95
N ALA M 104 -2.62 -35.65 -0.95
CA ALA M 104 -2.26 -34.25 -1.13
C ALA M 104 -1.16 -34.09 -2.17
N ASP M 105 -0.21 -35.01 -2.21
CA ASP M 105 0.90 -34.88 -3.16
C ASP M 105 0.41 -34.97 -4.60
N ASP M 106 -0.35 -36.01 -4.92
CA ASP M 106 -0.85 -36.17 -6.28
C ASP M 106 -1.82 -35.06 -6.64
N TYR M 107 -2.60 -34.57 -5.67
CA TYR M 107 -3.50 -33.46 -5.94
C TYR M 107 -2.72 -32.20 -6.28
N TYR M 108 -1.74 -31.85 -5.44
CA TYR M 108 -0.95 -30.65 -5.69
C TYR M 108 -0.09 -30.76 -6.93
N TYR M 109 0.17 -31.99 -7.40
CA TYR M 109 0.90 -32.14 -8.65
C TYR M 109 -0.03 -31.97 -9.86
N GLU M 110 -1.12 -32.74 -9.89
CA GLU M 110 -2.05 -32.72 -11.02
C GLU M 110 -3.01 -31.54 -10.90
N MET M 111 -2.48 -30.34 -11.09
CA MET M 111 -3.32 -29.15 -11.08
C MET M 111 -3.32 -28.42 -12.41
N ASP M 112 -2.14 -28.09 -12.94
CA ASP M 112 -2.08 -27.36 -14.20
C ASP M 112 -2.66 -28.18 -15.35
N VAL M 113 -2.34 -29.46 -15.40
CA VAL M 113 -2.74 -30.29 -16.54
C VAL M 113 -4.19 -30.75 -16.40
N TRP M 114 -4.54 -31.27 -15.23
CA TRP M 114 -5.84 -31.91 -15.03
C TRP M 114 -6.85 -31.00 -14.32
N GLY M 115 -6.52 -29.73 -14.14
CA GLY M 115 -7.48 -28.81 -13.55
C GLY M 115 -7.80 -29.19 -12.11
N GLN M 116 -9.08 -29.25 -11.80
CA GLN M 116 -9.55 -29.56 -10.45
C GLN M 116 -10.51 -30.72 -10.50
N GLY M 117 -10.43 -31.58 -9.49
CA GLY M 117 -11.26 -32.77 -9.44
C GLY M 117 -12.70 -32.46 -9.07
N THR M 118 -13.50 -33.52 -9.02
CA THR M 118 -14.92 -33.38 -8.71
C THR M 118 -15.19 -33.00 -7.26
N ASP M 119 -14.17 -33.06 -6.40
CA ASP M 119 -14.32 -32.80 -4.98
C ASP M 119 -15.41 -33.69 -4.39
N ASP M 120 -15.41 -34.95 -4.81
CA ASP M 120 -16.32 -35.98 -4.29
C ASP M 120 -15.47 -37.20 -3.97
N TYR M 121 -14.89 -37.20 -2.77
CA TYR M 121 -13.97 -38.26 -2.36
C TYR M 121 -14.61 -39.08 -1.25
N SER M 122 -14.68 -40.39 -1.45
CA SER M 122 -15.27 -41.28 -0.46
C SER M 122 -14.22 -41.96 0.41
N TYR M 123 -12.96 -41.95 0.01
CA TYR M 123 -11.88 -42.60 0.77
C TYR M 123 -12.22 -44.07 1.04
N ALA M 124 -12.75 -44.75 0.03
CA ALA M 124 -13.18 -46.13 0.24
C ALA M 124 -13.03 -46.91 -1.06
N MET M 125 -12.91 -48.23 -0.91
CA MET M 125 -12.83 -49.13 -2.04
C MET M 125 -14.20 -49.26 -2.71
N ASP M 126 -14.44 -48.44 -3.73
CA ASP M 126 -15.76 -48.38 -4.35
C ASP M 126 -16.13 -49.72 -4.97
N VAL M 127 -15.26 -50.26 -5.82
CA VAL M 127 -15.55 -51.47 -6.58
C VAL M 127 -14.40 -52.44 -6.42
N TRP M 128 -14.73 -53.73 -6.47
CA TRP M 128 -13.77 -54.81 -6.25
C TRP M 128 -13.80 -55.76 -7.43
N GLY M 129 -12.70 -56.49 -7.59
CA GLY M 129 -12.66 -57.58 -8.55
C GLY M 129 -13.18 -58.87 -7.95
N GLN M 130 -13.32 -59.88 -8.80
CA GLN M 130 -13.80 -61.18 -8.33
C GLN M 130 -12.81 -61.82 -7.36
N GLY M 131 -11.51 -61.67 -7.63
CA GLY M 131 -10.50 -62.25 -6.77
C GLY M 131 -10.02 -63.61 -7.23
N THR M 132 -8.72 -63.84 -7.15
CA THR M 132 -8.12 -65.09 -7.60
C THR M 132 -7.29 -65.69 -6.49
N THR M 133 -7.25 -67.02 -6.46
CA THR M 133 -6.57 -67.76 -5.39
C THR M 133 -5.12 -68.02 -5.78
N VAL M 134 -4.21 -67.68 -4.88
CA VAL M 134 -2.77 -67.94 -5.07
C VAL M 134 -2.34 -68.94 -4.01
N THR M 135 -1.93 -70.12 -4.45
CA THR M 135 -1.51 -71.19 -3.56
C THR M 135 -0.05 -71.49 -3.78
N VAL M 136 0.73 -71.51 -2.70
CA VAL M 136 2.17 -71.70 -2.79
C VAL M 136 2.55 -73.13 -2.43
N ALA N 2 0.02 -50.46 13.05
CA ALA N 2 -1.30 -50.09 13.56
C ALA N 2 -2.27 -51.26 13.44
N VAL N 3 -3.32 -51.24 14.28
CA VAL N 3 -4.33 -52.29 14.26
C VAL N 3 -5.63 -51.71 14.79
N LEU N 4 -6.74 -52.19 14.24
CA LEU N 4 -8.07 -51.81 14.69
C LEU N 4 -8.76 -53.05 15.27
N THR N 5 -9.28 -52.93 16.47
CA THR N 5 -9.85 -54.05 17.20
C THR N 5 -11.36 -54.04 17.06
N GLN N 6 -11.92 -55.20 16.76
CA GLN N 6 -13.35 -55.43 16.70
C GLN N 6 -13.69 -56.67 17.52
N PRO N 7 -14.92 -56.81 17.98
CA PRO N 7 -15.32 -58.04 18.65
C PRO N 7 -15.19 -59.24 17.72
N ALA N 8 -14.89 -60.39 18.31
CA ALA N 8 -14.72 -61.60 17.51
C ALA N 8 -16.01 -61.98 16.80
N SER N 9 -17.14 -61.90 17.51
CA SER N 9 -18.42 -62.27 16.92
C SER N 9 -19.53 -61.49 17.61
N VAL N 10 -20.59 -61.21 16.86
CA VAL N 10 -21.75 -60.49 17.36
C VAL N 10 -23.00 -61.25 16.95
N SER N 11 -23.94 -61.40 17.89
CA SER N 11 -25.17 -62.15 17.65
C SER N 11 -26.38 -61.30 17.99
N GLY N 12 -27.48 -61.58 17.31
CA GLY N 12 -28.72 -60.88 17.57
C GLY N 12 -29.90 -61.64 16.99
N SER N 13 -31.07 -61.43 17.59
CA SER N 13 -32.29 -62.05 17.10
C SER N 13 -32.79 -61.31 15.86
N PRO N 14 -33.55 -61.99 14.99
CA PRO N 14 -34.07 -61.31 13.81
C PRO N 14 -34.97 -60.14 14.18
N GLY N 15 -34.85 -59.06 13.41
CA GLY N 15 -35.73 -57.93 13.54
C GLY N 15 -35.25 -56.81 14.46
N GLN N 16 -34.30 -57.08 15.34
CA GLN N 16 -33.84 -56.07 16.28
C GLN N 16 -32.70 -55.27 15.65
N SER N 17 -32.03 -54.46 16.46
CA SER N 17 -30.90 -53.65 16.01
C SER N 17 -29.64 -54.10 16.74
N ILE N 18 -28.54 -54.16 15.99
CA ILE N 18 -27.25 -54.57 16.54
C ILE N 18 -26.20 -53.55 16.16
N THR N 19 -25.11 -53.55 16.91
CA THR N 19 -24.03 -52.59 16.73
C THR N 19 -22.69 -53.31 16.73
N ILE N 20 -21.75 -52.77 15.94
CA ILE N 20 -20.41 -53.31 15.82
C ILE N 20 -19.43 -52.17 16.03
N SER N 21 -18.46 -52.38 16.92
CA SER N 21 -17.52 -51.35 17.33
C SER N 21 -16.14 -51.63 16.74
N CYS N 22 -15.52 -50.60 16.20
CA CYS N 22 -14.14 -50.65 15.70
C CYS N 22 -13.34 -49.63 16.49
N THR N 23 -12.36 -50.10 17.27
CA THR N 23 -11.66 -49.27 18.22
C THR N 23 -10.17 -49.23 17.88
N ALA N 24 -9.57 -48.06 18.04
CA ALA N 24 -8.15 -47.87 17.81
C ALA N 24 -7.47 -47.41 19.09
N ALA N 25 -6.18 -47.72 19.20
CA ALA N 25 -5.40 -47.26 20.34
C ALA N 25 -5.28 -45.74 20.33
N ASN N 26 -5.21 -45.15 21.52
CA ASN N 26 -5.15 -43.69 21.61
C ASN N 26 -3.86 -43.14 21.00
N SER N 27 -2.78 -43.92 21.03
CA SER N 27 -1.55 -43.51 20.35
C SER N 27 -1.68 -43.60 18.82
N ASP N 28 -2.71 -44.27 18.31
CA ASP N 28 -2.92 -44.42 16.88
C ASP N 28 -3.86 -43.37 16.31
N ILE N 29 -4.29 -42.40 17.11
CA ILE N 29 -5.11 -41.32 16.60
C ILE N 29 -4.30 -40.53 15.58
N GLY N 30 -4.97 -40.14 14.49
CA GLY N 30 -4.33 -39.58 13.33
C GLY N 30 -4.16 -40.57 12.21
N ASP N 31 -4.10 -41.86 12.53
CA ASP N 31 -4.22 -42.94 11.57
C ASP N 31 -5.59 -43.57 11.59
N PHE N 32 -6.54 -42.96 12.31
CA PHE N 32 -7.91 -43.43 12.42
C PHE N 32 -8.81 -42.33 11.85
N ALA N 33 -9.02 -42.37 10.54
CA ALA N 33 -9.77 -41.31 9.87
C ALA N 33 -10.54 -41.89 8.71
N PHE N 34 -11.70 -41.29 8.42
CA PHE N 34 -12.55 -41.66 7.29
C PHE N 34 -12.87 -43.16 7.32
N VAL N 35 -13.37 -43.63 8.46
CA VAL N 35 -13.62 -45.06 8.62
C VAL N 35 -14.77 -45.50 7.73
N SER N 36 -14.62 -46.66 7.10
CA SER N 36 -15.66 -47.20 6.25
C SER N 36 -15.82 -48.69 6.50
N TRP N 37 -17.03 -49.19 6.24
CA TRP N 37 -17.44 -50.53 6.62
C TRP N 37 -17.81 -51.33 5.39
N TYR N 38 -17.20 -52.52 5.28
CA TYR N 38 -17.36 -53.43 4.15
C TYR N 38 -17.98 -54.73 4.63
N GLN N 39 -18.77 -55.37 3.77
CA GLN N 39 -19.39 -56.64 4.06
C GLN N 39 -18.90 -57.69 3.06
N GLN N 40 -18.51 -58.85 3.57
CA GLN N 40 -18.08 -59.97 2.75
C GLN N 40 -18.88 -61.20 3.15
N ARG N 41 -19.71 -61.67 2.24
CA ARG N 41 -20.39 -62.94 2.44
C ARG N 41 -19.41 -64.08 2.23
N PRO N 42 -19.70 -65.26 2.74
CA PRO N 42 -18.78 -66.39 2.58
C PRO N 42 -18.51 -66.66 1.09
N ASP N 43 -17.22 -66.86 0.78
CA ASP N 43 -16.78 -67.19 -0.58
C ASP N 43 -17.26 -66.15 -1.59
N LYS N 44 -17.10 -64.87 -1.24
CA LYS N 44 -17.54 -63.80 -2.11
C LYS N 44 -16.74 -62.55 -1.76
N ALA N 45 -16.51 -61.71 -2.76
CA ALA N 45 -15.63 -60.56 -2.57
C ALA N 45 -16.30 -59.52 -1.67
N PRO N 46 -15.51 -58.74 -0.95
CA PRO N 46 -16.09 -57.70 -0.09
C PRO N 46 -16.89 -56.67 -0.89
N LYS N 47 -17.93 -56.14 -0.25
CA LYS N 47 -18.76 -55.10 -0.82
C LYS N 47 -18.81 -53.94 0.15
N LEU N 48 -18.57 -52.73 -0.35
CA LEU N 48 -18.64 -51.55 0.49
C LEU N 48 -20.09 -51.25 0.86
N MET N 49 -20.36 -51.11 2.14
CA MET N 49 -21.70 -50.81 2.62
C MET N 49 -21.85 -49.43 3.24
N VAL N 50 -20.89 -48.96 4.03
CA VAL N 50 -20.96 -47.62 4.59
C VAL N 50 -19.62 -46.94 4.39
N TYR N 51 -19.65 -45.66 4.03
CA TYR N 51 -18.42 -44.89 3.96
C TYR N 51 -18.64 -43.53 4.63
N GLU N 52 -17.52 -42.93 5.03
CA GLU N 52 -17.54 -41.76 5.90
C GLU N 52 -18.42 -42.09 7.11
N VAL N 53 -19.56 -41.43 7.24
CA VAL N 53 -20.50 -41.72 8.32
C VAL N 53 -21.92 -41.76 7.74
N SER N 54 -22.61 -42.87 7.96
CA SER N 54 -24.01 -43.04 7.58
C SER N 54 -24.26 -42.78 6.10
N SER N 55 -23.23 -42.88 5.27
CA SER N 55 -23.37 -42.72 3.83
C SER N 55 -23.34 -44.09 3.16
N ARG N 56 -24.25 -44.29 2.21
CA ARG N 56 -24.40 -45.57 1.55
C ARG N 56 -24.19 -45.42 0.05
N PRO N 57 -23.49 -46.36 -0.60
CA PRO N 57 -23.12 -46.16 -2.01
C PRO N 57 -24.32 -46.02 -2.95
N SER N 58 -25.14 -47.07 -3.03
CA SER N 58 -26.33 -47.07 -3.87
C SER N 58 -27.09 -48.36 -3.63
N GLY N 59 -28.41 -48.26 -3.51
CA GLY N 59 -29.24 -49.44 -3.46
C GLY N 59 -29.31 -50.12 -2.11
N VAL N 60 -28.20 -50.11 -1.37
CA VAL N 60 -28.19 -50.75 -0.06
C VAL N 60 -29.16 -50.02 0.87
N SER N 61 -29.91 -50.81 1.64
CA SER N 61 -30.99 -50.26 2.45
C SER N 61 -30.44 -49.35 3.55
N ASN N 62 -31.29 -48.45 4.02
CA ASN N 62 -30.91 -47.46 5.02
C ASN N 62 -30.78 -48.10 6.43
N ARG N 63 -30.84 -49.43 6.49
CA ARG N 63 -30.62 -50.12 7.76
C ARG N 63 -29.22 -49.90 8.28
N PHE N 64 -28.23 -49.88 7.38
CA PHE N 64 -26.83 -49.72 7.79
C PHE N 64 -26.53 -48.25 8.06
N SER N 65 -26.07 -47.96 9.26
CA SER N 65 -25.73 -46.61 9.65
C SER N 65 -24.35 -46.62 10.30
N GLY N 66 -23.66 -45.49 10.20
CA GLY N 66 -22.32 -45.38 10.73
C GLY N 66 -22.15 -44.13 11.57
N SER N 67 -21.33 -44.25 12.61
CA SER N 67 -21.04 -43.12 13.47
C SER N 67 -19.59 -43.21 13.95
N LYS N 68 -19.01 -42.05 14.27
CA LYS N 68 -17.61 -42.00 14.69
C LYS N 68 -17.51 -41.06 15.88
N SER N 69 -16.79 -41.49 16.91
CA SER N 69 -16.62 -40.69 18.12
C SER N 69 -15.22 -40.95 18.68
N GLY N 70 -14.38 -39.93 18.65
CA GLY N 70 -13.05 -40.04 19.22
C GLY N 70 -12.19 -41.11 18.59
N ASN N 71 -11.94 -42.19 19.33
CA ASN N 71 -11.15 -43.31 18.85
C ASN N 71 -12.00 -44.54 18.55
N THR N 72 -13.30 -44.36 18.38
CA THR N 72 -14.22 -45.47 18.15
C THR N 72 -15.11 -45.18 16.95
N ALA N 73 -15.51 -46.25 16.27
CA ALA N 73 -16.49 -46.20 15.21
C ALA N 73 -17.55 -47.25 15.45
N SER N 74 -18.78 -46.96 15.04
CA SER N 74 -19.89 -47.87 15.26
C SER N 74 -20.65 -48.04 13.96
N LEU N 75 -20.89 -49.30 13.59
CA LEU N 75 -21.76 -49.64 12.47
C LEU N 75 -23.00 -50.32 13.05
N THR N 76 -24.16 -49.73 12.81
CA THR N 76 -25.42 -50.22 13.36
C THR N 76 -26.28 -50.78 12.24
N ILE N 77 -26.77 -51.99 12.44
CA ILE N 77 -27.69 -52.65 11.52
C ILE N 77 -29.02 -52.76 12.23
N SER N 78 -30.02 -52.04 11.72
CA SER N 78 -31.36 -52.02 12.30
C SER N 78 -32.30 -52.85 11.43
N GLY N 79 -33.08 -53.71 12.05
CA GLY N 79 -33.92 -54.62 11.30
C GLY N 79 -33.11 -55.75 10.70
N LEU N 80 -32.57 -56.60 11.56
CA LEU N 80 -31.72 -57.70 11.12
C LEU N 80 -32.55 -58.77 10.42
N GLN N 81 -31.99 -59.34 9.35
CA GLN N 81 -32.57 -60.48 8.66
C GLN N 81 -31.57 -61.64 8.65
N ALA N 82 -32.01 -62.75 8.07
CA ALA N 82 -31.16 -63.94 8.00
C ALA N 82 -30.09 -63.84 6.93
N GLU N 83 -30.17 -62.87 6.02
CA GLU N 83 -29.18 -62.70 4.98
C GLU N 83 -28.01 -61.81 5.39
N ASP N 84 -28.08 -61.20 6.57
CA ASP N 84 -27.01 -60.32 7.05
C ASP N 84 -25.85 -61.07 7.69
N GLU N 85 -25.91 -62.41 7.73
CA GLU N 85 -24.83 -63.19 8.30
C GLU N 85 -23.64 -63.12 7.34
N ALA N 86 -22.68 -62.26 7.66
CA ALA N 86 -21.49 -62.08 6.83
C ALA N 86 -20.43 -61.41 7.68
N ASP N 87 -19.20 -61.41 7.15
CA ASP N 87 -18.07 -60.82 7.86
C ASP N 87 -18.03 -59.32 7.57
N TYR N 88 -18.03 -58.52 8.62
CA TYR N 88 -18.01 -57.07 8.49
C TYR N 88 -16.63 -56.55 8.90
N TYR N 89 -16.06 -55.70 8.05
CA TYR N 89 -14.73 -55.15 8.28
C TYR N 89 -14.80 -53.63 8.35
N CYS N 90 -14.01 -53.06 9.26
CA CYS N 90 -13.81 -51.63 9.33
C CYS N 90 -12.42 -51.31 8.80
N THR N 91 -12.33 -50.28 7.97
CA THR N 91 -11.04 -49.82 7.50
C THR N 91 -10.92 -48.33 7.76
N SER N 92 -9.68 -47.89 7.91
CA SER N 92 -9.38 -46.50 8.16
C SER N 92 -8.29 -46.04 7.20
N TYR N 93 -8.36 -44.76 6.83
CA TYR N 93 -7.38 -44.13 5.96
C TYR N 93 -6.42 -43.33 6.82
N THR N 94 -5.22 -43.84 7.00
CA THR N 94 -4.24 -43.20 7.86
C THR N 94 -3.69 -41.94 7.22
N SER N 95 -3.08 -41.10 8.05
CA SER N 95 -2.45 -39.88 7.56
C SER N 95 -1.23 -40.16 6.70
N SER N 96 -0.72 -41.38 6.71
CA SER N 96 0.37 -41.78 5.83
C SER N 96 -0.13 -42.36 4.51
N SER N 97 -1.36 -42.06 4.12
CA SER N 97 -1.93 -42.47 2.84
C SER N 97 -1.94 -43.98 2.68
N THR N 98 -2.38 -44.67 3.73
CA THR N 98 -2.46 -46.12 3.72
C THR N 98 -3.79 -46.56 4.32
N PHE N 99 -4.21 -47.76 3.95
CA PHE N 99 -5.44 -48.36 4.44
C PHE N 99 -5.10 -49.35 5.55
N VAL N 100 -5.86 -49.29 6.65
CA VAL N 100 -5.72 -50.24 7.74
C VAL N 100 -7.03 -50.98 7.89
N PHE N 101 -6.97 -52.30 7.88
CA PHE N 101 -8.15 -53.14 7.96
C PHE N 101 -8.34 -53.65 9.38
N GLY N 102 -9.60 -53.71 9.83
CA GLY N 102 -9.91 -54.18 11.15
C GLY N 102 -9.89 -55.69 11.25
N THR N 103 -10.11 -56.18 12.46
CA THR N 103 -10.09 -57.62 12.71
C THR N 103 -11.25 -58.32 12.03
N GLY N 104 -12.46 -57.76 12.15
CA GLY N 104 -13.63 -58.34 11.51
C GLY N 104 -14.55 -59.08 12.46
N THR N 105 -15.86 -58.87 12.30
CA THR N 105 -16.86 -59.47 13.16
C THR N 105 -17.72 -60.41 12.35
N LYS N 106 -17.91 -61.63 12.84
CA LYS N 106 -18.79 -62.61 12.19
C LYS N 106 -20.18 -62.48 12.80
N VAL N 107 -21.07 -61.80 12.09
CA VAL N 107 -22.42 -61.56 12.59
C VAL N 107 -23.24 -62.84 12.44
N THR N 108 -23.91 -63.24 13.50
CA THR N 108 -24.75 -64.43 13.53
C THR N 108 -26.18 -64.03 13.90
N VAL N 109 -27.15 -64.72 13.30
CA VAL N 109 -28.55 -64.44 13.59
C VAL N 109 -29.21 -65.64 14.25
#